data_1RF6
#
_entry.id   1RF6
#
_cell.length_a   82.785
_cell.length_b   150.564
_cell.length_c   88.258
_cell.angle_alpha   90.00
_cell.angle_beta   91.20
_cell.angle_gamma   90.00
#
_symmetry.space_group_name_H-M   'P 1 21 1'
#
loop_
_entity.id
_entity.type
_entity.pdbx_description
1 polymer '5-enolpyruvylshikimate-3-phosphate synthase'
2 non-polymer GLYPHOSATE
3 non-polymer SHIKIMATE-3-PHOSPHATE
4 water water
#
_entity_poly.entity_id   1
_entity_poly.type   'polypeptide(L)'
_entity_poly.pdbx_seq_one_letter_code
;MKLKTNIRHLHGIIRVPGDKSISHRSIIFGSLAEGETKVYDILRGEDVLSTMQVFRDLGVEIEDKDGVITVQGVGMAGLK
APQNALNMGNSGTSIRLISGVLAGADFEVEMFGDDSLSKRPMDRVTLPLKKMGVSISGQTERDLPPLRLKGTKNLRPIHY
ELPIASAQVKSALMFAALQAKGESVIIEKEYTRNHTEDMLQQFGGHLSVDGKKITVQGPQKLTGQKVVVPGDISSAAFWL
VAGLIAPNSRLVLQNVGINETRTGIIDVIRAMGGKLEITEIDPVAKSATLIVESSDLKGTEICGALIPRLIDELPIIALL
ATQAQGVTVIKDAEELKVKETDRIQVVADALNSMGADITPTADGMIIKGKSALHGARVNTFGDHRIGMMTAIAALLVADG
EVELDRAEAINTSYPSFFDDLESLIHG
;
_entity_poly.pdbx_strand_id   A,B,C,D
#
loop_
_chem_comp.id
_chem_comp.type
_chem_comp.name
_chem_comp.formula
GPJ non-polymer GLYPHOSATE 'C3 H9 N O5 P 1'
S3P non-polymer SHIKIMATE-3-PHOSPHATE 'C7 H11 O8 P'
#
# COMPACT_ATOMS: atom_id res chain seq x y z
N MET A 1 -42.78 -22.17 1.27
CA MET A 1 -42.66 -23.53 0.69
C MET A 1 -41.67 -24.35 1.51
N LYS A 2 -41.88 -25.66 1.50
CA LYS A 2 -41.01 -26.58 2.22
C LYS A 2 -39.78 -26.85 1.36
N LEU A 3 -38.61 -26.69 1.94
CA LEU A 3 -37.37 -26.94 1.20
C LEU A 3 -36.80 -28.32 1.51
N LYS A 4 -36.18 -28.92 0.51
CA LYS A 4 -35.57 -30.25 0.63
C LYS A 4 -34.38 -30.16 1.58
N THR A 5 -34.23 -31.17 2.42
CA THR A 5 -33.17 -31.19 3.40
C THR A 5 -32.38 -32.51 3.42
N ASN A 6 -31.28 -32.52 4.17
CA ASN A 6 -30.44 -33.70 4.34
C ASN A 6 -30.11 -34.46 3.04
N ILE A 7 -29.70 -33.74 2.01
CA ILE A 7 -29.37 -34.38 0.74
C ILE A 7 -28.11 -35.23 0.96
N ARG A 8 -28.06 -36.40 0.33
CA ARG A 8 -26.90 -37.27 0.50
C ARG A 8 -25.96 -37.25 -0.70
N HIS A 9 -26.41 -36.62 -1.79
CA HIS A 9 -25.58 -36.54 -3.00
C HIS A 9 -26.19 -35.65 -4.07
N LEU A 10 -25.33 -35.03 -4.86
CA LEU A 10 -25.75 -34.16 -5.95
C LEU A 10 -24.87 -34.46 -7.15
N HIS A 11 -25.48 -34.97 -8.21
CA HIS A 11 -24.75 -35.31 -9.43
C HIS A 11 -25.56 -34.89 -10.65
N GLY A 12 -24.88 -34.35 -11.66
CA GLY A 12 -25.60 -33.96 -12.85
C GLY A 12 -25.04 -32.79 -13.62
N ILE A 13 -25.59 -32.61 -14.82
CA ILE A 13 -25.20 -31.54 -15.70
C ILE A 13 -26.28 -30.46 -15.64
N ILE A 14 -25.87 -29.21 -15.53
CA ILE A 14 -26.84 -28.13 -15.49
C ILE A 14 -26.45 -26.99 -16.42
N ARG A 15 -27.43 -26.53 -17.19
CA ARG A 15 -27.24 -25.40 -18.09
C ARG A 15 -28.03 -24.25 -17.49
N VAL A 16 -27.38 -23.44 -16.68
CA VAL A 16 -28.07 -22.32 -16.04
C VAL A 16 -28.64 -21.37 -17.09
N PRO A 17 -29.72 -20.64 -16.74
CA PRO A 17 -30.33 -19.71 -17.69
C PRO A 17 -29.40 -18.54 -18.02
N GLY A 18 -29.83 -17.72 -18.98
CA GLY A 18 -29.03 -16.60 -19.44
C GLY A 18 -28.62 -15.55 -18.43
N ASP A 19 -27.53 -14.87 -18.76
CA ASP A 19 -26.99 -13.80 -17.93
C ASP A 19 -27.99 -12.65 -17.87
N LYS A 20 -28.37 -12.29 -16.66
CA LYS A 20 -29.34 -11.23 -16.42
C LYS A 20 -28.86 -9.86 -16.95
N SER A 21 -27.64 -9.48 -16.60
CA SER A 21 -27.07 -8.20 -17.04
C SER A 21 -27.03 -8.07 -18.56
N ILE A 22 -26.54 -9.11 -19.22
CA ILE A 22 -26.44 -9.11 -20.68
C ILE A 22 -27.82 -9.13 -21.34
N SER A 23 -28.75 -9.88 -20.77
CA SER A 23 -30.11 -9.97 -21.33
C SER A 23 -30.79 -8.61 -21.27
N HIS A 24 -30.65 -7.93 -20.14
CA HIS A 24 -31.23 -6.61 -19.97
C HIS A 24 -30.69 -5.71 -21.08
N ARG A 25 -29.37 -5.70 -21.22
CA ARG A 25 -28.72 -4.87 -22.22
C ARG A 25 -29.09 -5.24 -23.65
N SER A 26 -29.37 -6.51 -23.91
CA SER A 26 -29.71 -6.92 -25.27
C SER A 26 -31.00 -6.22 -25.71
N ILE A 27 -31.92 -6.02 -24.78
CA ILE A 27 -33.18 -5.35 -25.09
C ILE A 27 -32.96 -3.85 -25.26
N ILE A 28 -32.15 -3.27 -24.39
CA ILE A 28 -31.85 -1.85 -24.46
C ILE A 28 -31.14 -1.53 -25.77
N PHE A 29 -30.04 -2.23 -26.05
CA PHE A 29 -29.31 -2.01 -27.29
C PHE A 29 -30.17 -2.35 -28.49
N GLY A 30 -31.00 -3.37 -28.35
CA GLY A 30 -31.87 -3.77 -29.43
C GLY A 30 -32.87 -2.69 -29.78
N SER A 31 -33.39 -2.01 -28.76
CA SER A 31 -34.37 -0.93 -28.96
C SER A 31 -33.74 0.35 -29.50
N LEU A 32 -32.53 0.66 -29.03
CA LEU A 32 -31.86 1.89 -29.46
C LEU A 32 -31.22 1.81 -30.85
N ALA A 33 -30.89 0.61 -31.31
CA ALA A 33 -30.26 0.47 -32.62
C ALA A 33 -31.26 0.63 -33.76
N GLU A 34 -30.74 0.75 -34.97
CA GLU A 34 -31.58 0.85 -36.15
C GLU A 34 -31.53 -0.55 -36.74
N GLY A 35 -32.67 -1.07 -37.18
CA GLY A 35 -32.69 -2.41 -37.73
C GLY A 35 -33.20 -3.42 -36.71
N GLU A 36 -33.14 -4.69 -37.08
CA GLU A 36 -33.61 -5.75 -36.23
C GLU A 36 -32.53 -6.38 -35.35
N THR A 37 -32.91 -6.79 -34.15
CA THR A 37 -32.00 -7.45 -33.22
C THR A 37 -32.70 -8.72 -32.75
N LYS A 38 -31.97 -9.84 -32.76
CA LYS A 38 -32.53 -11.12 -32.32
C LYS A 38 -31.70 -11.60 -31.15
N VAL A 39 -32.36 -11.94 -30.04
CA VAL A 39 -31.68 -12.43 -28.83
C VAL A 39 -32.00 -13.90 -28.58
N TYR A 40 -30.96 -14.71 -28.48
CA TYR A 40 -31.12 -16.15 -28.23
C TYR A 40 -30.71 -16.53 -26.81
N ASP A 41 -31.40 -17.52 -26.24
CA ASP A 41 -31.13 -18.00 -24.89
C ASP A 41 -31.18 -16.87 -23.86
N ILE A 42 -32.07 -15.92 -24.10
CA ILE A 42 -32.23 -14.80 -23.18
C ILE A 42 -32.80 -15.31 -21.87
N LEU A 43 -32.51 -14.60 -20.79
CA LEU A 43 -33.01 -14.97 -19.48
C LEU A 43 -34.46 -14.48 -19.42
N ARG A 44 -35.39 -15.36 -19.10
CA ARG A 44 -36.79 -14.97 -19.01
C ARG A 44 -37.26 -14.76 -17.58
N GLY A 45 -36.32 -14.42 -16.71
CA GLY A 45 -36.69 -14.13 -15.33
C GLY A 45 -37.51 -12.85 -15.34
N GLU A 46 -38.28 -12.62 -14.28
CA GLU A 46 -39.15 -11.45 -14.20
C GLU A 46 -38.47 -10.10 -14.44
N ASP A 47 -37.23 -9.94 -13.98
CA ASP A 47 -36.53 -8.66 -14.17
C ASP A 47 -36.36 -8.35 -15.65
N VAL A 48 -35.96 -9.34 -16.44
CA VAL A 48 -35.78 -9.12 -17.87
C VAL A 48 -37.13 -8.87 -18.54
N LEU A 49 -38.18 -9.54 -18.06
CA LEU A 49 -39.51 -9.33 -18.63
C LEU A 49 -39.97 -7.90 -18.35
N SER A 50 -39.62 -7.36 -17.18
CA SER A 50 -39.99 -5.99 -16.83
C SER A 50 -39.33 -5.02 -17.83
N THR A 51 -38.07 -5.28 -18.16
CA THR A 51 -37.34 -4.44 -19.11
C THR A 51 -38.03 -4.47 -20.48
N MET A 52 -38.33 -5.68 -20.96
CA MET A 52 -38.98 -5.84 -22.25
C MET A 52 -40.32 -5.10 -22.33
N GLN A 53 -41.16 -5.25 -21.30
CA GLN A 53 -42.47 -4.58 -21.33
C GLN A 53 -42.32 -3.06 -21.24
N VAL A 54 -41.28 -2.58 -20.54
CA VAL A 54 -41.06 -1.15 -20.44
C VAL A 54 -40.85 -0.59 -21.85
N PHE A 55 -39.99 -1.25 -22.64
CA PHE A 55 -39.75 -0.76 -23.99
C PHE A 55 -40.94 -0.94 -24.92
N ARG A 56 -41.73 -1.99 -24.73
CA ARG A 56 -42.92 -2.15 -25.55
C ARG A 56 -43.85 -0.99 -25.23
N ASP A 57 -43.84 -0.56 -23.97
CA ASP A 57 -44.66 0.56 -23.51
C ASP A 57 -44.16 1.84 -24.16
N LEU A 58 -42.88 1.85 -24.53
CA LEU A 58 -42.26 2.99 -25.17
C LEU A 58 -42.39 2.91 -26.69
N GLY A 59 -43.25 2.01 -27.16
CA GLY A 59 -43.47 1.86 -28.58
C GLY A 59 -42.57 0.90 -29.34
N VAL A 60 -41.69 0.19 -28.64
CA VAL A 60 -40.80 -0.75 -29.31
C VAL A 60 -41.48 -2.09 -29.50
N GLU A 61 -41.39 -2.63 -30.72
CA GLU A 61 -41.97 -3.93 -31.00
C GLU A 61 -40.96 -4.99 -30.57
N ILE A 62 -41.38 -5.83 -29.63
CA ILE A 62 -40.52 -6.89 -29.11
C ILE A 62 -41.31 -8.19 -29.11
N GLU A 63 -40.99 -9.08 -30.04
CA GLU A 63 -41.68 -10.35 -30.16
C GLU A 63 -40.91 -11.52 -29.56
N ASP A 64 -41.62 -12.37 -28.82
CA ASP A 64 -41.03 -13.56 -28.21
C ASP A 64 -41.70 -14.75 -28.90
N LYS A 65 -41.05 -15.27 -29.92
CA LYS A 65 -41.61 -16.38 -30.68
C LYS A 65 -40.65 -17.55 -30.82
N ASP A 66 -41.17 -18.74 -30.52
CA ASP A 66 -40.39 -19.98 -30.61
C ASP A 66 -39.03 -19.89 -29.90
N GLY A 67 -39.01 -19.26 -28.73
CA GLY A 67 -37.78 -19.14 -27.96
C GLY A 67 -36.79 -18.08 -28.42
N VAL A 68 -37.19 -17.26 -29.38
CA VAL A 68 -36.31 -16.21 -29.90
C VAL A 68 -36.93 -14.84 -29.68
N ILE A 69 -36.13 -13.90 -29.20
CA ILE A 69 -36.62 -12.55 -28.99
C ILE A 69 -36.23 -11.71 -30.19
N THR A 70 -37.21 -11.03 -30.79
CA THR A 70 -36.94 -10.19 -31.94
C THR A 70 -37.38 -8.77 -31.63
N VAL A 71 -36.44 -7.84 -31.74
CA VAL A 71 -36.71 -6.44 -31.46
C VAL A 71 -36.54 -5.58 -32.71
N GLN A 72 -37.51 -4.72 -32.97
CA GLN A 72 -37.46 -3.82 -34.12
C GLN A 72 -36.99 -2.48 -33.59
N GLY A 73 -35.70 -2.19 -33.79
CA GLY A 73 -35.11 -0.95 -33.31
C GLY A 73 -35.81 0.32 -33.74
N VAL A 74 -35.73 1.36 -32.90
CA VAL A 74 -36.34 2.65 -33.20
C VAL A 74 -35.37 3.81 -33.43
N GLY A 75 -34.07 3.54 -33.51
CA GLY A 75 -33.13 4.62 -33.77
C GLY A 75 -32.08 5.00 -32.75
N MET A 76 -32.44 5.85 -31.79
CA MET A 76 -31.58 6.33 -30.71
C MET A 76 -32.33 7.52 -30.14
N ALA A 77 -33.26 8.02 -30.94
CA ALA A 77 -34.13 9.12 -30.57
C ALA A 77 -35.53 8.67 -30.99
N GLY A 78 -35.77 7.36 -30.89
CA GLY A 78 -37.06 6.81 -31.29
C GLY A 78 -38.06 6.36 -30.23
N LEU A 79 -37.70 6.40 -28.95
CA LEU A 79 -38.64 5.99 -27.90
C LEU A 79 -39.76 7.02 -27.79
N LYS A 80 -40.97 6.54 -27.55
CA LYS A 80 -42.12 7.44 -27.43
C LYS A 80 -42.75 7.38 -26.04
N ALA A 81 -43.48 8.43 -25.69
CA ALA A 81 -44.12 8.52 -24.38
C ALA A 81 -45.06 7.34 -24.14
N PRO A 82 -44.96 6.72 -22.95
CA PRO A 82 -45.81 5.58 -22.61
C PRO A 82 -47.21 6.03 -22.20
N GLN A 83 -48.18 5.15 -22.41
CA GLN A 83 -49.57 5.42 -22.06
C GLN A 83 -49.73 5.56 -20.55
N ASN A 84 -49.05 4.69 -19.82
CA ASN A 84 -49.10 4.69 -18.37
C ASN A 84 -47.68 4.74 -17.82
N ALA A 85 -47.57 4.75 -16.49
CA ALA A 85 -46.27 4.78 -15.82
C ALA A 85 -45.53 3.49 -16.13
N LEU A 86 -44.19 3.58 -16.20
CA LEU A 86 -43.36 2.42 -16.50
C LEU A 86 -43.12 1.57 -15.25
N ASN A 87 -43.52 0.31 -15.33
CA ASN A 87 -43.39 -0.63 -14.22
C ASN A 87 -42.05 -1.37 -14.22
N MET A 88 -41.16 -0.97 -13.32
CA MET A 88 -39.83 -1.56 -13.22
C MET A 88 -39.79 -2.81 -12.34
N GLY A 89 -40.91 -3.13 -11.71
CA GLY A 89 -40.98 -4.31 -10.85
C GLY A 89 -39.94 -4.39 -9.74
N ASN A 90 -39.11 -5.44 -9.78
CA ASN A 90 -38.07 -5.68 -8.77
C ASN A 90 -36.68 -5.36 -9.33
N SER A 91 -36.65 -4.91 -10.58
CA SER A 91 -35.40 -4.65 -11.28
C SER A 91 -34.72 -3.30 -11.11
N GLY A 92 -33.64 -3.29 -10.33
CA GLY A 92 -32.88 -2.07 -10.13
C GLY A 92 -32.11 -1.79 -11.41
N THR A 93 -31.66 -2.86 -12.07
CA THR A 93 -30.92 -2.72 -13.32
C THR A 93 -31.80 -1.99 -14.35
N SER A 94 -33.07 -2.36 -14.40
CA SER A 94 -34.01 -1.74 -15.33
C SER A 94 -34.18 -0.24 -15.10
N ILE A 95 -34.55 0.15 -13.89
CA ILE A 95 -34.79 1.56 -13.62
C ILE A 95 -33.54 2.42 -13.73
N ARG A 96 -32.40 1.92 -13.23
CA ARG A 96 -31.18 2.70 -13.29
C ARG A 96 -30.65 2.85 -14.74
N LEU A 97 -30.56 1.76 -15.49
CA LEU A 97 -30.07 1.86 -16.87
C LEU A 97 -31.04 2.61 -17.78
N ILE A 98 -32.33 2.36 -17.61
CA ILE A 98 -33.33 3.02 -18.44
C ILE A 98 -33.44 4.52 -18.15
N SER A 99 -33.04 4.94 -16.94
CA SER A 99 -33.07 6.36 -16.61
C SER A 99 -32.10 7.06 -17.55
N GLY A 100 -30.99 6.39 -17.84
CA GLY A 100 -30.01 6.96 -18.76
C GLY A 100 -30.47 6.86 -20.19
N VAL A 101 -31.23 5.81 -20.49
CA VAL A 101 -31.76 5.59 -21.82
C VAL A 101 -32.73 6.72 -22.19
N LEU A 102 -33.57 7.11 -21.24
CA LEU A 102 -34.56 8.16 -21.47
C LEU A 102 -34.02 9.57 -21.27
N ALA A 103 -32.71 9.68 -21.09
CA ALA A 103 -32.09 10.98 -20.87
C ALA A 103 -32.46 11.96 -21.98
N GLY A 104 -32.67 11.44 -23.18
CA GLY A 104 -33.03 12.29 -24.31
C GLY A 104 -34.50 12.31 -24.69
N ALA A 105 -35.35 11.77 -23.83
CA ALA A 105 -36.79 11.73 -24.11
C ALA A 105 -37.41 13.12 -23.89
N ASP A 106 -38.05 13.64 -24.93
CA ASP A 106 -38.67 14.96 -24.85
C ASP A 106 -40.08 14.88 -24.27
N PHE A 107 -40.19 14.22 -23.12
CA PHE A 107 -41.47 14.08 -22.42
C PHE A 107 -41.18 13.64 -20.99
N GLU A 108 -42.17 13.70 -20.11
CA GLU A 108 -41.96 13.30 -18.73
C GLU A 108 -42.65 11.98 -18.44
N VAL A 109 -41.93 11.07 -17.81
CA VAL A 109 -42.48 9.76 -17.50
C VAL A 109 -42.28 9.42 -16.03
N GLU A 110 -43.10 8.50 -15.53
CA GLU A 110 -42.99 8.07 -14.15
C GLU A 110 -42.52 6.62 -14.16
N MET A 111 -41.68 6.26 -13.19
CA MET A 111 -41.15 4.91 -13.09
C MET A 111 -41.32 4.41 -11.66
N PHE A 112 -42.05 3.32 -11.48
CA PHE A 112 -42.27 2.76 -10.14
C PHE A 112 -41.77 1.31 -10.04
N GLY A 113 -41.75 0.79 -8.81
CA GLY A 113 -41.30 -0.57 -8.58
C GLY A 113 -42.04 -1.20 -7.41
N ASP A 114 -41.71 -2.44 -7.09
CA ASP A 114 -42.37 -3.13 -5.99
C ASP A 114 -41.88 -2.66 -4.61
N ASP A 115 -42.32 -3.33 -3.55
CA ASP A 115 -41.91 -2.93 -2.20
C ASP A 115 -40.39 -2.95 -2.03
N SER A 116 -39.72 -3.93 -2.64
CA SER A 116 -38.27 -4.02 -2.53
C SER A 116 -37.56 -2.89 -3.26
N LEU A 117 -37.89 -2.71 -4.54
CA LEU A 117 -37.25 -1.67 -5.34
C LEU A 117 -37.47 -0.26 -4.78
N SER A 118 -38.67 -0.02 -4.26
CA SER A 118 -39.04 1.28 -3.71
C SER A 118 -38.21 1.76 -2.53
N LYS A 119 -37.43 0.88 -1.93
CA LYS A 119 -36.58 1.25 -0.78
C LYS A 119 -35.13 1.49 -1.18
N ARG A 120 -34.86 1.45 -2.49
CA ARG A 120 -33.50 1.63 -2.98
C ARG A 120 -33.24 3.01 -3.60
N PRO A 121 -32.09 3.62 -3.26
CA PRO A 121 -31.66 4.94 -3.73
C PRO A 121 -31.31 5.08 -5.21
N MET A 122 -31.82 6.14 -5.81
CA MET A 122 -31.59 6.43 -7.21
C MET A 122 -30.76 7.70 -7.33
N ASP A 123 -30.43 8.32 -6.20
CA ASP A 123 -29.63 9.55 -6.22
C ASP A 123 -28.31 9.33 -6.95
N ARG A 124 -27.76 8.13 -6.81
CA ARG A 124 -26.49 7.78 -7.46
C ARG A 124 -26.59 7.93 -8.97
N VAL A 125 -27.81 7.91 -9.50
CA VAL A 125 -28.00 8.05 -10.93
C VAL A 125 -28.63 9.41 -11.27
N THR A 126 -29.49 9.92 -10.38
CA THR A 126 -30.12 11.21 -10.64
C THR A 126 -29.12 12.37 -10.60
N LEU A 127 -28.17 12.30 -9.66
CA LEU A 127 -27.17 13.37 -9.53
C LEU A 127 -26.41 13.63 -10.83
N PRO A 128 -25.74 12.60 -11.40
CA PRO A 128 -25.02 12.86 -12.65
C PRO A 128 -25.93 13.19 -13.82
N LEU A 129 -27.09 12.54 -13.87
CA LEU A 129 -28.05 12.77 -14.95
C LEU A 129 -28.53 14.22 -15.00
N LYS A 130 -28.71 14.83 -13.83
CA LYS A 130 -29.16 16.21 -13.78
C LYS A 130 -28.10 17.17 -14.33
N LYS A 131 -26.83 16.74 -14.25
CA LYS A 131 -25.73 17.56 -14.78
C LYS A 131 -25.81 17.66 -16.30
N MET A 132 -26.46 16.67 -16.90
CA MET A 132 -26.60 16.63 -18.36
C MET A 132 -27.81 17.41 -18.84
N GLY A 133 -28.68 17.81 -17.91
CA GLY A 133 -29.86 18.55 -18.28
C GLY A 133 -31.14 17.77 -18.09
N VAL A 134 -31.02 16.58 -17.52
CA VAL A 134 -32.18 15.74 -17.29
C VAL A 134 -32.83 16.14 -15.96
N SER A 135 -34.16 16.17 -15.95
CA SER A 135 -34.88 16.50 -14.74
C SER A 135 -35.38 15.18 -14.15
N ILE A 136 -34.88 14.82 -12.98
CA ILE A 136 -35.28 13.58 -12.33
C ILE A 136 -35.32 13.74 -10.83
N SER A 137 -36.39 13.22 -10.21
CA SER A 137 -36.53 13.30 -8.76
C SER A 137 -37.36 12.13 -8.24
N GLY A 138 -37.09 11.76 -6.99
CA GLY A 138 -37.81 10.68 -6.35
C GLY A 138 -38.24 11.12 -4.96
N GLN A 139 -38.42 10.15 -4.07
CA GLN A 139 -38.86 10.43 -2.70
C GLN A 139 -37.64 10.61 -1.80
N THR A 140 -37.63 11.72 -1.07
CA THR A 140 -36.54 12.09 -0.16
C THR A 140 -35.28 12.41 -0.96
N GLU A 141 -34.26 12.89 -0.27
CA GLU A 141 -33.00 13.25 -0.92
C GLU A 141 -32.27 12.07 -1.55
N ARG A 142 -32.67 10.84 -1.22
CA ARG A 142 -32.03 9.66 -1.80
C ARG A 142 -32.76 9.23 -3.08
N ASP A 143 -33.76 10.02 -3.47
CA ASP A 143 -34.56 9.75 -4.66
C ASP A 143 -35.00 8.29 -4.78
N LEU A 144 -35.76 7.82 -3.80
CA LEU A 144 -36.29 6.46 -3.81
C LEU A 144 -37.44 6.45 -4.81
N PRO A 145 -37.68 5.31 -5.49
CA PRO A 145 -38.79 5.25 -6.45
C PRO A 145 -40.07 5.49 -5.67
N PRO A 146 -41.16 5.90 -6.33
CA PRO A 146 -41.30 6.17 -7.76
C PRO A 146 -40.56 7.43 -8.23
N LEU A 147 -40.05 7.37 -9.45
CA LEU A 147 -39.32 8.49 -10.03
C LEU A 147 -40.11 9.15 -11.16
N ARG A 148 -39.79 10.41 -11.42
CA ARG A 148 -40.38 11.16 -12.52
C ARG A 148 -39.20 11.72 -13.28
N LEU A 149 -39.12 11.37 -14.56
CA LEU A 149 -38.00 11.80 -15.39
C LEU A 149 -38.45 12.51 -16.65
N LYS A 150 -37.82 13.65 -16.91
CA LYS A 150 -38.10 14.42 -18.10
C LYS A 150 -36.76 14.65 -18.78
N GLY A 151 -36.61 14.09 -19.96
CA GLY A 151 -35.37 14.24 -20.70
C GLY A 151 -35.31 15.57 -21.44
N THR A 152 -34.28 15.75 -22.26
CA THR A 152 -34.10 16.98 -23.02
C THR A 152 -33.44 16.72 -24.38
N LYS A 153 -33.85 17.49 -25.38
CA LYS A 153 -33.27 17.37 -26.71
C LYS A 153 -31.89 18.02 -26.71
N ASN A 154 -31.59 18.73 -25.62
CA ASN A 154 -30.31 19.42 -25.48
C ASN A 154 -29.42 18.82 -24.40
N LEU A 155 -29.20 17.50 -24.49
CA LEU A 155 -28.35 16.81 -23.53
C LEU A 155 -26.91 17.24 -23.61
N ARG A 156 -26.33 17.61 -22.47
CA ARG A 156 -24.95 18.01 -22.43
C ARG A 156 -24.11 16.78 -22.08
N PRO A 157 -22.91 16.67 -22.67
CA PRO A 157 -22.04 15.52 -22.39
C PRO A 157 -21.71 15.46 -20.90
N ILE A 158 -21.42 14.27 -20.41
CA ILE A 158 -21.13 14.08 -19.00
C ILE A 158 -19.66 13.82 -18.67
N HIS A 159 -19.19 14.46 -17.60
CA HIS A 159 -17.83 14.29 -17.09
C HIS A 159 -18.06 13.93 -15.63
N TYR A 160 -17.97 12.66 -15.31
CA TYR A 160 -18.25 12.23 -13.96
C TYR A 160 -17.31 11.14 -13.45
N GLU A 161 -16.92 11.26 -12.19
CA GLU A 161 -16.05 10.31 -11.53
C GLU A 161 -16.97 9.61 -10.52
N LEU A 162 -17.29 8.35 -10.78
CA LEU A 162 -18.17 7.62 -9.87
C LEU A 162 -17.62 7.51 -8.46
N PRO A 163 -18.48 7.78 -7.45
CA PRO A 163 -18.09 7.72 -6.04
C PRO A 163 -18.31 6.32 -5.46
N ILE A 164 -18.89 5.43 -6.25
CA ILE A 164 -19.14 4.04 -5.84
C ILE A 164 -18.82 3.12 -7.01
N ALA A 165 -18.54 1.85 -6.69
CA ALA A 165 -18.22 0.86 -7.71
C ALA A 165 -19.49 0.24 -8.31
N SER A 166 -20.24 1.05 -9.04
CA SER A 166 -21.48 0.61 -9.67
C SER A 166 -21.40 0.54 -11.19
N ALA A 167 -21.78 -0.60 -11.74
CA ALA A 167 -21.78 -0.79 -13.18
C ALA A 167 -23.04 -0.15 -13.75
N GLN A 168 -24.11 -0.13 -12.95
CA GLN A 168 -25.37 0.45 -13.39
C GLN A 168 -25.25 1.94 -13.63
N VAL A 169 -24.59 2.65 -12.70
CA VAL A 169 -24.42 4.09 -12.87
C VAL A 169 -23.57 4.36 -14.10
N LYS A 170 -22.50 3.59 -14.27
CA LYS A 170 -21.62 3.75 -15.43
C LYS A 170 -22.40 3.56 -16.72
N SER A 171 -23.19 2.49 -16.77
CA SER A 171 -24.00 2.15 -17.94
C SER A 171 -25.09 3.17 -18.22
N ALA A 172 -25.75 3.67 -17.17
CA ALA A 172 -26.78 4.67 -17.35
C ALA A 172 -26.16 5.89 -18.04
N LEU A 173 -25.01 6.31 -17.52
CA LEU A 173 -24.31 7.46 -18.08
C LEU A 173 -23.82 7.21 -19.50
N MET A 174 -23.48 5.96 -19.82
CA MET A 174 -23.01 5.64 -21.18
C MET A 174 -24.17 5.75 -22.17
N PHE A 175 -25.35 5.26 -21.79
CA PHE A 175 -26.51 5.32 -22.68
C PHE A 175 -26.90 6.78 -22.91
N ALA A 176 -26.78 7.59 -21.87
CA ALA A 176 -27.10 9.01 -21.98
C ALA A 176 -26.09 9.70 -22.88
N ALA A 177 -24.81 9.35 -22.70
CA ALA A 177 -23.74 9.93 -23.50
C ALA A 177 -23.94 9.63 -25.00
N LEU A 178 -24.49 8.45 -25.28
CA LEU A 178 -24.74 8.04 -26.66
C LEU A 178 -25.72 8.99 -27.36
N GLN A 179 -26.48 9.72 -26.55
CA GLN A 179 -27.49 10.65 -27.06
C GLN A 179 -27.05 12.11 -27.05
N ALA A 180 -26.10 12.45 -26.17
CA ALA A 180 -25.64 13.83 -26.06
C ALA A 180 -24.65 14.20 -27.15
N LYS A 181 -24.60 15.49 -27.47
CA LYS A 181 -23.66 15.99 -28.47
C LYS A 181 -22.37 16.39 -27.77
N GLY A 182 -21.28 15.74 -28.15
CA GLY A 182 -20.01 16.07 -27.52
C GLY A 182 -19.35 14.88 -26.87
N GLU A 183 -18.22 15.13 -26.22
CA GLU A 183 -17.44 14.09 -25.57
C GLU A 183 -17.72 13.91 -24.09
N SER A 184 -18.13 12.71 -23.71
CA SER A 184 -18.37 12.40 -22.31
C SER A 184 -17.22 11.56 -21.81
N VAL A 185 -16.87 11.71 -20.54
CA VAL A 185 -15.80 10.93 -19.95
C VAL A 185 -16.34 10.40 -18.63
N ILE A 186 -16.34 9.07 -18.49
CA ILE A 186 -16.85 8.42 -17.29
C ILE A 186 -15.72 7.66 -16.63
N ILE A 187 -15.41 8.01 -15.38
CA ILE A 187 -14.32 7.38 -14.66
C ILE A 187 -14.82 6.48 -13.53
N GLU A 188 -14.52 5.19 -13.63
CA GLU A 188 -14.94 4.25 -12.60
C GLU A 188 -14.09 4.40 -11.35
N LYS A 189 -14.65 4.06 -10.20
CA LYS A 189 -13.93 4.13 -8.93
C LYS A 189 -13.14 2.82 -8.83
N GLU A 190 -13.76 1.74 -9.29
CA GLU A 190 -13.15 0.41 -9.32
C GLU A 190 -13.72 -0.26 -10.58
N TYR A 191 -12.99 -1.21 -11.15
CA TYR A 191 -13.50 -1.88 -12.33
C TYR A 191 -14.75 -2.66 -11.97
N THR A 192 -15.83 -2.44 -12.72
CA THR A 192 -17.12 -3.11 -12.51
C THR A 192 -17.48 -3.87 -13.80
N ARG A 193 -18.51 -4.72 -13.77
CA ARG A 193 -18.88 -5.47 -14.98
C ARG A 193 -18.89 -4.57 -16.20
N ASN A 194 -18.16 -4.99 -17.22
CA ASN A 194 -18.02 -4.20 -18.44
C ASN A 194 -18.90 -4.66 -19.61
N HIS A 195 -20.10 -5.15 -19.31
CA HIS A 195 -21.01 -5.62 -20.34
C HIS A 195 -21.49 -4.53 -21.30
N THR A 196 -21.73 -3.33 -20.78
CA THR A 196 -22.19 -2.25 -21.63
C THR A 196 -21.09 -1.87 -22.62
N GLU A 197 -19.84 -1.87 -22.16
CA GLU A 197 -18.68 -1.55 -23.00
C GLU A 197 -18.55 -2.54 -24.16
N ASP A 198 -18.65 -3.84 -23.84
CA ASP A 198 -18.54 -4.90 -24.85
C ASP A 198 -19.65 -4.78 -25.88
N MET A 199 -20.88 -4.72 -25.41
CA MET A 199 -22.03 -4.64 -26.30
C MET A 199 -22.17 -3.37 -27.12
N LEU A 200 -21.66 -2.25 -26.60
CA LEU A 200 -21.72 -1.02 -27.38
C LEU A 200 -20.94 -1.30 -28.65
N GLN A 201 -19.76 -1.91 -28.51
CA GLN A 201 -18.93 -2.23 -29.67
C GLN A 201 -19.60 -3.25 -30.59
N GLN A 202 -20.25 -4.25 -29.99
CA GLN A 202 -20.93 -5.28 -30.80
C GLN A 202 -22.07 -4.69 -31.64
N PHE A 203 -22.68 -3.61 -31.17
CA PHE A 203 -23.77 -2.99 -31.92
C PHE A 203 -23.29 -1.85 -32.81
N GLY A 204 -22.00 -1.86 -33.12
CA GLY A 204 -21.42 -0.84 -33.99
C GLY A 204 -21.04 0.51 -33.38
N GLY A 205 -21.10 0.62 -32.06
CA GLY A 205 -20.75 1.87 -31.42
C GLY A 205 -19.26 1.97 -31.11
N HIS A 206 -18.82 3.12 -30.61
CA HIS A 206 -17.41 3.30 -30.28
C HIS A 206 -17.15 4.00 -28.95
N LEU A 207 -16.06 3.60 -28.31
CA LEU A 207 -15.66 4.17 -27.03
C LEU A 207 -14.16 3.94 -26.88
N SER A 208 -13.56 4.62 -25.92
CA SER A 208 -12.14 4.46 -25.62
C SER A 208 -12.07 4.12 -24.14
N VAL A 209 -11.28 3.09 -23.82
CA VAL A 209 -11.12 2.69 -22.45
C VAL A 209 -9.63 2.76 -22.09
N ASP A 210 -9.31 3.69 -21.20
CA ASP A 210 -7.95 3.89 -20.76
C ASP A 210 -8.00 3.66 -19.26
N GLY A 211 -7.73 2.43 -18.84
CA GLY A 211 -7.79 2.11 -17.43
C GLY A 211 -9.24 2.27 -16.97
N LYS A 212 -9.45 3.07 -15.92
CA LYS A 212 -10.78 3.28 -15.39
C LYS A 212 -11.53 4.41 -16.09
N LYS A 213 -10.83 5.11 -16.99
CA LYS A 213 -11.45 6.22 -17.72
C LYS A 213 -12.11 5.75 -19.01
N ILE A 214 -13.41 6.02 -19.14
CA ILE A 214 -14.16 5.64 -20.32
C ILE A 214 -14.64 6.86 -21.10
N THR A 215 -14.21 6.96 -22.35
CA THR A 215 -14.60 8.10 -23.18
C THR A 215 -15.62 7.71 -24.24
N VAL A 216 -16.75 8.38 -24.23
CA VAL A 216 -17.81 8.12 -25.20
C VAL A 216 -18.18 9.39 -25.96
N GLN A 217 -18.06 9.33 -27.28
CA GLN A 217 -18.39 10.46 -28.14
C GLN A 217 -19.85 10.31 -28.54
N GLY A 218 -20.57 11.43 -28.61
CA GLY A 218 -21.97 11.38 -28.99
C GLY A 218 -22.35 12.44 -30.02
N PRO A 219 -23.47 12.27 -30.75
CA PRO A 219 -24.39 11.12 -30.66
C PRO A 219 -23.90 9.99 -31.55
N GLN A 220 -24.41 8.77 -31.31
CA GLN A 220 -24.03 7.62 -32.11
C GLN A 220 -25.26 6.90 -32.62
N LYS A 221 -25.07 6.15 -33.70
CA LYS A 221 -26.13 5.35 -34.28
C LYS A 221 -25.66 3.92 -34.18
N LEU A 222 -26.52 3.02 -33.74
CA LEU A 222 -26.15 1.62 -33.61
C LEU A 222 -26.91 0.77 -34.63
N THR A 223 -26.47 -0.46 -34.81
CA THR A 223 -27.09 -1.37 -35.76
C THR A 223 -27.51 -2.68 -35.09
N GLY A 224 -28.72 -3.13 -35.40
CA GLY A 224 -29.24 -4.38 -34.83
C GLY A 224 -28.29 -5.55 -34.97
N GLN A 225 -28.29 -6.45 -34.00
CA GLN A 225 -27.39 -7.61 -34.03
C GLN A 225 -28.06 -8.91 -33.63
N LYS A 226 -27.30 -10.00 -33.79
CA LYS A 226 -27.77 -11.30 -33.35
C LYS A 226 -27.03 -11.42 -32.02
N VAL A 227 -27.77 -11.57 -30.93
CA VAL A 227 -27.17 -11.68 -29.61
C VAL A 227 -27.41 -13.05 -29.00
N VAL A 228 -26.32 -13.75 -28.66
CA VAL A 228 -26.43 -15.05 -28.03
C VAL A 228 -26.01 -14.87 -26.57
N VAL A 229 -26.96 -15.05 -25.66
CA VAL A 229 -26.70 -14.86 -24.25
C VAL A 229 -26.09 -16.07 -23.56
N PRO A 230 -24.94 -15.89 -22.90
CA PRO A 230 -24.25 -16.97 -22.19
C PRO A 230 -24.90 -17.26 -20.84
N GLY A 231 -24.61 -18.43 -20.27
CA GLY A 231 -25.16 -18.76 -18.97
C GLY A 231 -24.67 -17.76 -17.94
N ASP A 232 -25.53 -17.40 -16.99
CA ASP A 232 -25.17 -16.45 -15.95
C ASP A 232 -24.34 -17.12 -14.85
N ILE A 233 -23.16 -16.57 -14.59
CA ILE A 233 -22.28 -17.11 -13.55
C ILE A 233 -22.93 -16.94 -12.18
N SER A 234 -23.67 -15.86 -12.02
CA SER A 234 -24.34 -15.58 -10.75
C SER A 234 -25.36 -16.66 -10.45
N SER A 235 -25.88 -17.28 -11.50
CA SER A 235 -26.86 -18.35 -11.32
C SER A 235 -26.12 -19.66 -11.09
N ALA A 236 -25.00 -19.81 -11.79
CA ALA A 236 -24.18 -21.01 -11.68
C ALA A 236 -23.57 -21.07 -10.27
N ALA A 237 -23.35 -19.90 -9.70
CA ALA A 237 -22.75 -19.79 -8.38
C ALA A 237 -23.46 -20.62 -7.31
N PHE A 238 -24.78 -20.75 -7.40
CA PHE A 238 -25.51 -21.53 -6.40
C PHE A 238 -25.10 -22.99 -6.44
N TRP A 239 -24.82 -23.50 -7.64
CA TRP A 239 -24.42 -24.89 -7.84
C TRP A 239 -22.92 -25.09 -7.59
N LEU A 240 -22.13 -24.06 -7.86
CA LEU A 240 -20.70 -24.16 -7.61
C LEU A 240 -20.55 -24.39 -6.10
N VAL A 241 -21.27 -23.60 -5.31
CA VAL A 241 -21.21 -23.73 -3.86
C VAL A 241 -21.80 -25.07 -3.41
N ALA A 242 -23.03 -25.36 -3.83
CA ALA A 242 -23.69 -26.61 -3.46
C ALA A 242 -22.82 -27.82 -3.73
N GLY A 243 -22.13 -27.82 -4.86
CA GLY A 243 -21.28 -28.94 -5.21
C GLY A 243 -20.06 -29.06 -4.31
N LEU A 244 -19.61 -27.92 -3.77
CA LEU A 244 -18.47 -27.89 -2.88
C LEU A 244 -18.81 -28.30 -1.45
N ILE A 245 -19.98 -27.91 -0.98
CA ILE A 245 -20.37 -28.19 0.40
C ILE A 245 -21.23 -29.43 0.68
N ALA A 246 -21.97 -29.90 -0.32
CA ALA A 246 -22.80 -31.10 -0.12
C ALA A 246 -21.91 -32.33 -0.20
N PRO A 247 -22.28 -33.39 0.52
CA PRO A 247 -21.46 -34.61 0.48
C PRO A 247 -21.62 -35.41 -0.81
N ASN A 248 -20.59 -36.18 -1.16
CA ASN A 248 -20.61 -37.03 -2.35
C ASN A 248 -21.23 -36.32 -3.55
N SER A 249 -20.68 -35.17 -3.91
CA SER A 249 -21.24 -34.42 -5.03
C SER A 249 -20.22 -34.02 -6.10
N ARG A 250 -20.72 -33.89 -7.32
CA ARG A 250 -19.91 -33.48 -8.47
C ARG A 250 -20.90 -32.93 -9.48
N LEU A 251 -20.84 -31.62 -9.69
CA LEU A 251 -21.74 -30.95 -10.62
C LEU A 251 -20.97 -30.35 -11.77
N VAL A 252 -21.58 -30.39 -12.94
CA VAL A 252 -20.97 -29.83 -14.14
C VAL A 252 -21.90 -28.76 -14.71
N LEU A 253 -21.42 -27.53 -14.69
CA LEU A 253 -22.19 -26.39 -15.17
C LEU A 253 -21.65 -25.94 -16.52
N GLN A 254 -22.44 -26.17 -17.56
CA GLN A 254 -22.04 -25.83 -18.92
C GLN A 254 -22.46 -24.44 -19.36
N ASN A 255 -21.77 -23.92 -20.37
CA ASN A 255 -22.09 -22.63 -20.98
C ASN A 255 -22.25 -21.48 -20.00
N VAL A 256 -21.32 -21.38 -19.05
CA VAL A 256 -21.35 -20.31 -18.06
C VAL A 256 -20.42 -19.15 -18.46
N GLY A 257 -20.99 -17.95 -18.53
CA GLY A 257 -20.21 -16.77 -18.88
C GLY A 257 -18.97 -16.69 -18.01
N ILE A 258 -17.83 -16.37 -18.60
CA ILE A 258 -16.60 -16.33 -17.83
C ILE A 258 -15.84 -14.99 -17.89
N ASN A 259 -16.59 -13.92 -18.13
CA ASN A 259 -16.02 -12.58 -18.20
C ASN A 259 -15.26 -12.28 -16.91
N GLU A 260 -14.00 -11.85 -17.06
CA GLU A 260 -13.12 -11.54 -15.93
C GLU A 260 -13.70 -10.59 -14.88
N THR A 261 -14.60 -9.71 -15.28
CA THR A 261 -15.19 -8.77 -14.33
C THR A 261 -16.37 -9.39 -13.57
N ARG A 262 -16.59 -10.69 -13.78
CA ARG A 262 -17.69 -11.41 -13.14
C ARG A 262 -17.25 -12.68 -12.44
N THR A 263 -15.98 -13.02 -12.56
CA THR A 263 -15.46 -14.26 -12.00
C THR A 263 -14.89 -14.20 -10.58
N GLY A 264 -15.36 -13.25 -9.77
CA GLY A 264 -14.86 -13.14 -8.41
C GLY A 264 -15.01 -14.42 -7.61
N ILE A 265 -16.14 -15.11 -7.78
CA ILE A 265 -16.36 -16.32 -7.01
C ILE A 265 -15.35 -17.41 -7.33
N ILE A 266 -14.82 -17.40 -8.55
CA ILE A 266 -13.83 -18.41 -8.91
C ILE A 266 -12.55 -18.20 -8.08
N ASP A 267 -12.12 -16.95 -7.94
CA ASP A 267 -10.93 -16.67 -7.15
C ASP A 267 -11.15 -17.06 -5.69
N VAL A 268 -12.34 -16.82 -5.18
CA VAL A 268 -12.68 -17.14 -3.80
C VAL A 268 -12.64 -18.65 -3.60
N ILE A 269 -13.27 -19.39 -4.50
CA ILE A 269 -13.29 -20.84 -4.40
C ILE A 269 -11.87 -21.40 -4.38
N ARG A 270 -10.99 -20.82 -5.20
CA ARG A 270 -9.59 -21.27 -5.24
C ARG A 270 -8.91 -20.95 -3.92
N ALA A 271 -9.00 -19.69 -3.49
CA ALA A 271 -8.39 -19.29 -2.24
C ALA A 271 -8.81 -20.22 -1.11
N MET A 272 -10.09 -20.59 -1.07
CA MET A 272 -10.62 -21.48 -0.03
C MET A 272 -10.23 -22.95 -0.19
N GLY A 273 -9.61 -23.29 -1.31
CA GLY A 273 -9.20 -24.65 -1.54
C GLY A 273 -10.25 -25.59 -2.12
N GLY A 274 -11.28 -25.04 -2.75
CA GLY A 274 -12.31 -25.89 -3.32
C GLY A 274 -11.88 -26.59 -4.60
N LYS A 275 -12.43 -27.77 -4.86
CA LYS A 275 -12.09 -28.51 -6.07
C LYS A 275 -12.90 -27.96 -7.24
N LEU A 276 -12.23 -27.17 -8.08
CA LEU A 276 -12.88 -26.56 -9.24
C LEU A 276 -12.09 -26.83 -10.51
N GLU A 277 -12.77 -27.33 -11.54
CA GLU A 277 -12.13 -27.58 -12.82
C GLU A 277 -12.85 -26.78 -13.91
N ILE A 278 -12.07 -26.07 -14.72
CA ILE A 278 -12.59 -25.25 -15.79
C ILE A 278 -12.18 -25.85 -17.14
N THR A 279 -13.16 -26.24 -17.94
CA THR A 279 -12.90 -26.85 -19.25
C THR A 279 -13.81 -26.27 -20.34
N GLU A 280 -13.67 -26.80 -21.55
CA GLU A 280 -14.46 -26.37 -22.70
C GLU A 280 -14.55 -24.85 -22.81
N ILE A 281 -13.43 -24.18 -22.69
CA ILE A 281 -13.40 -22.72 -22.77
C ILE A 281 -13.56 -22.17 -24.18
N ASP A 282 -14.51 -21.25 -24.35
CA ASP A 282 -14.74 -20.59 -25.63
C ASP A 282 -14.20 -19.18 -25.46
N PRO A 283 -12.95 -18.94 -25.87
CA PRO A 283 -12.28 -17.65 -25.77
C PRO A 283 -12.97 -16.46 -26.45
N VAL A 284 -13.88 -16.73 -27.38
CA VAL A 284 -14.57 -15.65 -28.07
C VAL A 284 -15.89 -15.26 -27.39
N ALA A 285 -16.64 -16.26 -26.92
CA ALA A 285 -17.91 -15.99 -26.25
C ALA A 285 -17.67 -15.78 -24.76
N LYS A 286 -16.47 -16.13 -24.30
CA LYS A 286 -16.13 -16.02 -22.89
C LYS A 286 -17.08 -16.87 -22.08
N SER A 287 -17.09 -18.17 -22.39
CA SER A 287 -17.94 -19.12 -21.70
C SER A 287 -17.10 -20.35 -21.40
N ALA A 288 -17.57 -21.19 -20.50
CA ALA A 288 -16.83 -22.39 -20.15
C ALA A 288 -17.69 -23.33 -19.33
N THR A 289 -17.22 -24.54 -19.13
CA THR A 289 -17.96 -25.49 -18.31
C THR A 289 -17.21 -25.51 -16.99
N LEU A 290 -17.94 -25.40 -15.90
CA LEU A 290 -17.35 -25.39 -14.56
C LEU A 290 -17.74 -26.67 -13.83
N ILE A 291 -16.75 -27.37 -13.28
CA ILE A 291 -17.00 -28.61 -12.57
C ILE A 291 -16.51 -28.54 -11.13
N VAL A 292 -17.40 -28.83 -10.20
CA VAL A 292 -17.05 -28.80 -8.78
C VAL A 292 -17.32 -30.14 -8.09
N GLU A 293 -16.56 -30.43 -7.05
CA GLU A 293 -16.69 -31.67 -6.26
C GLU A 293 -16.61 -31.35 -4.76
N SER A 294 -17.22 -32.21 -3.93
CA SER A 294 -17.24 -32.02 -2.48
C SER A 294 -15.82 -31.71 -2.00
N SER A 295 -15.66 -30.65 -1.21
CA SER A 295 -14.34 -30.27 -0.75
C SER A 295 -14.33 -29.78 0.69
N ASP A 296 -13.15 -29.78 1.30
CA ASP A 296 -12.96 -29.28 2.66
C ASP A 296 -12.36 -27.90 2.42
N LEU A 297 -13.02 -26.85 2.91
CA LEU A 297 -12.55 -25.49 2.69
C LEU A 297 -11.96 -24.77 3.89
N LYS A 298 -11.15 -23.75 3.60
CA LYS A 298 -10.51 -22.91 4.61
C LYS A 298 -11.04 -21.49 4.38
N GLY A 299 -11.13 -20.71 5.45
CA GLY A 299 -11.61 -19.34 5.32
C GLY A 299 -10.65 -18.47 4.53
N THR A 300 -11.14 -17.31 4.08
CA THR A 300 -10.30 -16.39 3.30
C THR A 300 -10.80 -14.96 3.49
N GLU A 301 -10.04 -14.01 2.95
CA GLU A 301 -10.39 -12.59 3.03
C GLU A 301 -10.91 -12.11 1.68
N ILE A 302 -12.06 -11.43 1.69
CA ILE A 302 -12.69 -10.93 0.47
C ILE A 302 -12.86 -9.40 0.56
N CYS A 303 -12.06 -8.66 -0.20
CA CYS A 303 -12.14 -7.20 -0.14
C CYS A 303 -11.63 -6.49 -1.40
N GLY A 304 -11.57 -5.16 -1.32
CA GLY A 304 -11.12 -4.31 -2.41
C GLY A 304 -10.82 -4.89 -3.79
N ALA A 305 -11.36 -4.23 -4.81
CA ALA A 305 -11.19 -4.65 -6.19
C ALA A 305 -11.98 -5.91 -6.50
N LEU A 306 -11.98 -6.85 -5.58
CA LEU A 306 -12.69 -8.11 -5.76
C LEU A 306 -14.21 -7.98 -5.57
N ILE A 307 -14.64 -7.07 -4.70
CA ILE A 307 -16.06 -6.90 -4.43
C ILE A 307 -16.96 -6.73 -5.66
N PRO A 308 -16.63 -5.79 -6.57
CA PRO A 308 -17.50 -5.65 -7.74
C PRO A 308 -17.48 -6.83 -8.70
N ARG A 309 -16.52 -7.73 -8.50
CA ARG A 309 -16.37 -8.92 -9.33
C ARG A 309 -17.20 -10.10 -8.78
N LEU A 310 -17.79 -9.92 -7.60
CA LEU A 310 -18.62 -10.97 -6.99
C LEU A 310 -19.72 -10.40 -6.08
N ILE A 311 -20.02 -9.11 -6.24
CA ILE A 311 -21.03 -8.43 -5.44
C ILE A 311 -22.33 -9.21 -5.23
N ASP A 312 -22.87 -9.80 -6.30
CA ASP A 312 -24.10 -10.56 -6.20
C ASP A 312 -23.90 -11.98 -5.67
N GLU A 313 -22.65 -12.43 -5.59
CA GLU A 313 -22.36 -13.78 -5.10
C GLU A 313 -22.07 -13.82 -3.61
N LEU A 314 -22.01 -12.67 -2.96
CA LEU A 314 -21.71 -12.63 -1.54
C LEU A 314 -22.71 -13.41 -0.68
N PRO A 315 -24.00 -13.41 -1.06
CA PRO A 315 -24.93 -14.19 -0.23
C PRO A 315 -24.60 -15.69 -0.23
N ILE A 316 -24.34 -16.26 -1.41
CA ILE A 316 -24.02 -17.69 -1.49
C ILE A 316 -22.62 -17.97 -0.95
N ILE A 317 -21.71 -17.02 -1.14
CA ILE A 317 -20.34 -17.18 -0.64
C ILE A 317 -20.38 -17.20 0.89
N ALA A 318 -21.28 -16.43 1.50
CA ALA A 318 -21.38 -16.43 2.95
C ALA A 318 -21.71 -17.85 3.42
N LEU A 319 -22.62 -18.52 2.70
CA LEU A 319 -23.01 -19.89 3.05
C LEU A 319 -21.75 -20.75 2.89
N LEU A 320 -21.07 -20.57 1.76
CA LEU A 320 -19.85 -21.30 1.45
C LEU A 320 -18.86 -21.15 2.62
N ALA A 321 -18.73 -19.92 3.10
CA ALA A 321 -17.83 -19.61 4.21
C ALA A 321 -18.25 -20.27 5.52
N THR A 322 -19.56 -20.48 5.70
CA THR A 322 -20.06 -21.12 6.91
C THR A 322 -19.56 -22.56 6.99
N GLN A 323 -19.20 -23.13 5.84
CA GLN A 323 -18.71 -24.50 5.79
C GLN A 323 -17.20 -24.65 5.78
N ALA A 324 -16.49 -23.53 5.79
CA ALA A 324 -15.03 -23.58 5.78
C ALA A 324 -14.48 -23.53 7.20
N GLN A 325 -13.28 -24.07 7.37
CA GLN A 325 -12.65 -24.05 8.68
C GLN A 325 -12.11 -22.64 8.87
N GLY A 326 -12.27 -22.09 10.08
CA GLY A 326 -11.75 -20.76 10.32
C GLY A 326 -12.65 -19.60 9.94
N VAL A 327 -12.07 -18.41 9.99
CA VAL A 327 -12.77 -17.16 9.70
C VAL A 327 -12.66 -16.68 8.26
N THR A 328 -13.73 -16.08 7.78
CA THR A 328 -13.74 -15.51 6.45
C THR A 328 -14.27 -14.09 6.65
N VAL A 329 -13.48 -13.12 6.19
CA VAL A 329 -13.88 -11.74 6.35
C VAL A 329 -14.31 -11.17 5.00
N ILE A 330 -15.40 -10.42 5.02
CA ILE A 330 -15.91 -9.77 3.83
C ILE A 330 -16.02 -8.31 4.22
N LYS A 331 -15.26 -7.45 3.53
CA LYS A 331 -15.30 -6.03 3.83
C LYS A 331 -15.29 -5.22 2.54
N ASP A 332 -15.48 -3.91 2.67
CA ASP A 332 -15.54 -3.01 1.52
C ASP A 332 -16.77 -3.37 0.71
N ALA A 333 -17.73 -4.02 1.37
CA ALA A 333 -18.96 -4.46 0.72
C ALA A 333 -20.20 -3.74 1.23
N GLU A 334 -20.07 -2.46 1.53
CA GLU A 334 -21.19 -1.66 2.02
C GLU A 334 -22.33 -1.62 1.00
N GLU A 335 -22.02 -1.83 -0.27
CA GLU A 335 -23.04 -1.82 -1.33
C GLU A 335 -24.12 -2.89 -1.15
N LEU A 336 -23.84 -3.91 -0.35
CA LEU A 336 -24.81 -4.98 -0.10
C LEU A 336 -26.08 -4.52 0.60
N LYS A 337 -25.96 -3.48 1.41
CA LYS A 337 -27.07 -2.94 2.17
C LYS A 337 -28.14 -2.30 1.30
N VAL A 338 -27.78 -1.91 0.09
CA VAL A 338 -28.70 -1.24 -0.80
C VAL A 338 -29.32 -2.09 -1.92
N LYS A 339 -29.14 -3.41 -1.84
CA LYS A 339 -29.68 -4.32 -2.84
C LYS A 339 -31.16 -4.65 -2.59
N GLU A 340 -31.68 -5.67 -3.27
CA GLU A 340 -33.08 -6.08 -3.11
C GLU A 340 -33.48 -6.09 -1.63
N THR A 341 -32.49 -6.39 -0.79
CA THR A 341 -32.64 -6.36 0.67
C THR A 341 -31.27 -5.96 1.17
N ASP A 342 -31.18 -5.62 2.46
CA ASP A 342 -29.89 -5.30 3.04
C ASP A 342 -29.30 -6.71 3.14
N ARG A 343 -28.45 -7.07 2.19
CA ARG A 343 -27.87 -8.41 2.18
C ARG A 343 -26.84 -8.67 3.25
N ILE A 344 -26.54 -7.67 4.07
CA ILE A 344 -25.61 -7.90 5.17
C ILE A 344 -26.48 -8.39 6.33
N GLN A 345 -27.53 -7.65 6.62
CA GLN A 345 -28.42 -8.01 7.72
C GLN A 345 -29.27 -9.25 7.45
N VAL A 346 -29.89 -9.32 6.27
CA VAL A 346 -30.74 -10.45 5.95
C VAL A 346 -29.96 -11.75 5.82
N VAL A 347 -28.78 -11.69 5.19
CA VAL A 347 -27.95 -12.88 5.05
C VAL A 347 -27.49 -13.35 6.41
N ALA A 348 -27.04 -12.41 7.24
CA ALA A 348 -26.58 -12.74 8.58
C ALA A 348 -27.72 -13.37 9.38
N ASP A 349 -28.89 -12.73 9.38
CA ASP A 349 -30.04 -13.25 10.12
C ASP A 349 -30.49 -14.62 9.60
N ALA A 350 -30.57 -14.77 8.28
CA ALA A 350 -31.00 -16.03 7.69
C ALA A 350 -30.09 -17.20 8.05
N LEU A 351 -28.80 -17.04 7.82
CA LEU A 351 -27.89 -18.13 8.13
C LEU A 351 -27.72 -18.33 9.64
N ASN A 352 -27.73 -17.26 10.42
CA ASN A 352 -27.59 -17.45 11.87
C ASN A 352 -28.78 -18.24 12.43
N SER A 353 -29.97 -18.02 11.87
CA SER A 353 -31.14 -18.75 12.35
C SER A 353 -31.00 -20.23 12.01
N MET A 354 -30.04 -20.55 11.14
CA MET A 354 -29.82 -21.94 10.70
C MET A 354 -28.56 -22.64 11.22
N GLY A 355 -27.80 -22.03 12.11
CA GLY A 355 -26.59 -22.71 12.57
C GLY A 355 -25.56 -21.67 12.93
N ALA A 356 -25.84 -20.47 12.45
CA ALA A 356 -25.09 -19.25 12.74
C ALA A 356 -23.58 -19.11 12.63
N ASP A 357 -23.14 -18.11 13.37
CA ASP A 357 -21.77 -17.65 13.52
C ASP A 357 -21.32 -16.66 12.48
N ILE A 358 -22.21 -15.72 12.19
CA ILE A 358 -21.93 -14.65 11.25
C ILE A 358 -22.13 -13.33 12.00
N THR A 359 -21.10 -12.49 11.99
CA THR A 359 -21.17 -11.21 12.65
C THR A 359 -21.26 -10.11 11.60
N PRO A 360 -22.41 -9.43 11.51
CA PRO A 360 -22.53 -8.36 10.51
C PRO A 360 -21.74 -7.12 10.93
N THR A 361 -21.18 -6.43 9.94
CA THR A 361 -20.40 -5.22 10.21
C THR A 361 -20.93 -4.11 9.32
N ALA A 362 -20.38 -2.92 9.47
CA ALA A 362 -20.81 -1.77 8.69
C ALA A 362 -20.50 -1.93 7.19
N ASP A 363 -19.47 -2.69 6.84
CA ASP A 363 -19.14 -2.85 5.44
C ASP A 363 -19.08 -4.31 4.98
N GLY A 364 -19.73 -5.20 5.72
CA GLY A 364 -19.71 -6.60 5.35
C GLY A 364 -20.07 -7.53 6.49
N MET A 365 -19.27 -8.58 6.67
CA MET A 365 -19.55 -9.55 7.73
C MET A 365 -18.33 -10.42 7.98
N ILE A 366 -18.31 -11.03 9.16
CA ILE A 366 -17.23 -11.92 9.54
C ILE A 366 -17.88 -13.25 9.88
N ILE A 367 -17.47 -14.28 9.18
CA ILE A 367 -18.03 -15.62 9.34
C ILE A 367 -16.99 -16.57 9.91
N LYS A 368 -17.34 -17.27 10.98
CA LYS A 368 -16.43 -18.23 11.58
C LYS A 368 -16.98 -19.56 11.11
N GLY A 369 -16.18 -20.26 10.32
CA GLY A 369 -16.63 -21.50 9.73
C GLY A 369 -16.66 -22.87 10.38
N LYS A 370 -17.41 -23.71 9.66
CA LYS A 370 -17.69 -25.11 9.97
C LYS A 370 -18.85 -25.23 10.92
N SER A 371 -20.01 -24.77 10.46
CA SER A 371 -21.23 -24.83 11.23
C SER A 371 -22.12 -25.93 10.68
N ALA A 372 -22.66 -26.76 11.58
CA ALA A 372 -23.58 -27.78 11.15
C ALA A 372 -24.87 -26.95 11.16
N LEU A 373 -25.62 -26.97 10.07
CA LEU A 373 -26.85 -26.17 10.04
C LEU A 373 -28.07 -26.97 10.49
N HIS A 374 -29.10 -26.25 10.90
CA HIS A 374 -30.33 -26.88 11.36
C HIS A 374 -31.51 -26.12 10.76
N GLY A 375 -32.72 -26.60 11.06
CA GLY A 375 -33.94 -26.01 10.53
C GLY A 375 -34.23 -24.57 10.93
N ALA A 376 -35.06 -23.92 10.14
CA ALA A 376 -35.46 -22.53 10.37
C ALA A 376 -36.45 -22.06 9.31
N ARG A 377 -37.09 -20.92 9.57
CA ARG A 377 -38.04 -20.33 8.64
C ARG A 377 -37.39 -19.04 8.13
N VAL A 378 -37.30 -18.91 6.81
CA VAL A 378 -36.69 -17.72 6.22
C VAL A 378 -37.64 -17.06 5.25
N ASN A 379 -37.70 -15.74 5.30
CA ASN A 379 -38.55 -15.01 4.37
C ASN A 379 -37.60 -14.36 3.38
N THR A 380 -37.97 -14.42 2.11
CA THR A 380 -37.16 -13.86 1.04
C THR A 380 -37.15 -12.33 1.03
N PHE A 381 -38.22 -11.74 1.55
CA PHE A 381 -38.34 -10.27 1.56
C PHE A 381 -38.19 -9.76 0.13
N GLY A 382 -38.59 -10.60 -0.83
CA GLY A 382 -38.53 -10.21 -2.23
C GLY A 382 -37.16 -10.20 -2.87
N ASP A 383 -36.22 -10.93 -2.28
CA ASP A 383 -34.85 -11.00 -2.79
C ASP A 383 -34.57 -12.43 -3.25
N HIS A 384 -34.53 -12.62 -4.56
CA HIS A 384 -34.29 -13.95 -5.15
C HIS A 384 -33.07 -14.70 -4.64
N ARG A 385 -31.98 -13.98 -4.35
CA ARG A 385 -30.76 -14.65 -3.90
C ARG A 385 -30.83 -15.15 -2.45
N ILE A 386 -31.67 -14.51 -1.64
CA ILE A 386 -31.84 -14.95 -0.27
C ILE A 386 -32.55 -16.31 -0.36
N GLY A 387 -33.54 -16.38 -1.23
CA GLY A 387 -34.28 -17.62 -1.41
C GLY A 387 -33.39 -18.77 -1.87
N MET A 388 -32.66 -18.55 -2.96
CA MET A 388 -31.80 -19.61 -3.46
C MET A 388 -30.69 -19.96 -2.47
N MET A 389 -30.18 -18.97 -1.76
CA MET A 389 -29.13 -19.22 -0.77
C MET A 389 -29.69 -20.14 0.30
N THR A 390 -30.91 -19.87 0.75
CA THR A 390 -31.53 -20.69 1.77
C THR A 390 -31.81 -22.12 1.29
N ALA A 391 -32.15 -22.26 0.01
CA ALA A 391 -32.43 -23.59 -0.54
C ALA A 391 -31.16 -24.45 -0.53
N ILE A 392 -30.03 -23.87 -0.92
CA ILE A 392 -28.79 -24.63 -0.92
C ILE A 392 -28.39 -24.94 0.53
N ALA A 393 -28.58 -23.97 1.43
CA ALA A 393 -28.27 -24.18 2.84
C ALA A 393 -29.08 -25.33 3.40
N ALA A 394 -30.37 -25.37 3.06
CA ALA A 394 -31.29 -26.40 3.52
C ALA A 394 -30.81 -27.81 3.22
N LEU A 395 -30.11 -27.97 2.10
CA LEU A 395 -29.59 -29.28 1.71
C LEU A 395 -28.65 -29.85 2.76
N LEU A 396 -27.99 -28.97 3.51
CA LEU A 396 -27.04 -29.40 4.54
C LEU A 396 -27.68 -29.63 5.92
N VAL A 397 -28.97 -29.35 6.05
CA VAL A 397 -29.65 -29.55 7.33
C VAL A 397 -29.86 -31.05 7.54
N ALA A 398 -29.08 -31.64 8.44
CA ALA A 398 -29.16 -33.08 8.71
C ALA A 398 -30.50 -33.55 9.27
N ASP A 399 -31.07 -32.77 10.19
CA ASP A 399 -32.34 -33.15 10.80
C ASP A 399 -33.15 -31.94 11.26
N GLY A 400 -34.22 -31.67 10.52
CA GLY A 400 -35.09 -30.55 10.84
C GLY A 400 -35.67 -30.06 9.53
N GLU A 401 -36.50 -29.02 9.58
CA GLU A 401 -37.06 -28.51 8.34
C GLU A 401 -36.83 -27.03 8.11
N VAL A 402 -36.95 -26.64 6.86
CA VAL A 402 -36.73 -25.26 6.46
C VAL A 402 -37.90 -24.78 5.60
N GLU A 403 -38.54 -23.73 6.08
CA GLU A 403 -39.66 -23.13 5.38
C GLU A 403 -39.17 -21.82 4.77
N LEU A 404 -39.38 -21.68 3.46
CA LEU A 404 -38.97 -20.48 2.74
C LEU A 404 -40.23 -19.76 2.30
N ASP A 405 -40.51 -18.62 2.91
CA ASP A 405 -41.69 -17.84 2.57
C ASP A 405 -41.36 -16.86 1.46
N ARG A 406 -42.35 -16.56 0.63
CA ARG A 406 -42.17 -15.65 -0.50
C ARG A 406 -41.09 -16.20 -1.42
N ALA A 407 -41.14 -17.49 -1.69
CA ALA A 407 -40.15 -18.13 -2.56
C ALA A 407 -40.23 -17.70 -4.02
N GLU A 408 -41.37 -17.15 -4.44
CA GLU A 408 -41.53 -16.74 -5.84
C GLU A 408 -40.54 -15.64 -6.22
N ALA A 409 -39.97 -14.98 -5.22
CA ALA A 409 -38.99 -13.93 -5.48
C ALA A 409 -37.88 -14.47 -6.39
N ILE A 410 -37.60 -15.76 -6.26
CA ILE A 410 -36.56 -16.41 -7.06
C ILE A 410 -36.78 -16.29 -8.56
N ASN A 411 -38.03 -16.15 -8.98
CA ASN A 411 -38.35 -16.04 -10.41
C ASN A 411 -37.82 -14.78 -11.08
N THR A 412 -37.31 -13.86 -10.28
CA THR A 412 -36.81 -12.63 -10.89
C THR A 412 -35.55 -12.87 -11.72
N SER A 413 -34.84 -13.94 -11.41
CA SER A 413 -33.60 -14.23 -12.15
C SER A 413 -33.36 -15.69 -12.45
N TYR A 414 -34.16 -16.59 -11.84
CA TYR A 414 -33.94 -18.02 -12.04
C TYR A 414 -35.25 -18.82 -11.81
N PRO A 415 -36.24 -18.67 -12.72
CA PRO A 415 -37.54 -19.35 -12.66
C PRO A 415 -37.45 -20.87 -12.57
N SER A 416 -36.49 -21.44 -13.28
CA SER A 416 -36.31 -22.89 -13.30
C SER A 416 -35.34 -23.41 -12.24
N PHE A 417 -35.11 -22.63 -11.18
CA PHE A 417 -34.19 -23.05 -10.13
C PHE A 417 -34.51 -24.41 -9.50
N PHE A 418 -35.75 -24.57 -9.02
CA PHE A 418 -36.13 -25.83 -8.39
C PHE A 418 -36.16 -27.02 -9.34
N ASP A 419 -36.42 -26.79 -10.62
CA ASP A 419 -36.41 -27.88 -11.59
C ASP A 419 -34.96 -28.38 -11.70
N ASP A 420 -34.01 -27.44 -11.72
CA ASP A 420 -32.60 -27.81 -11.80
C ASP A 420 -32.17 -28.55 -10.53
N LEU A 421 -32.60 -28.05 -9.37
CA LEU A 421 -32.28 -28.69 -8.09
C LEU A 421 -32.80 -30.13 -8.09
N GLU A 422 -34.04 -30.32 -8.54
CA GLU A 422 -34.64 -31.64 -8.60
C GLU A 422 -33.85 -32.61 -9.48
N SER A 423 -33.34 -32.11 -10.61
CA SER A 423 -32.59 -32.94 -11.54
C SER A 423 -31.25 -33.43 -10.98
N LEU A 424 -30.78 -32.79 -9.92
CA LEU A 424 -29.49 -33.16 -9.31
C LEU A 424 -29.63 -34.16 -8.17
N ILE A 425 -30.80 -34.21 -7.54
CA ILE A 425 -31.04 -35.10 -6.42
C ILE A 425 -31.10 -36.57 -6.81
N HIS A 426 -31.24 -36.83 -8.10
CA HIS A 426 -31.28 -38.20 -8.62
C HIS A 426 -30.22 -38.35 -9.70
N GLY A 427 -29.06 -38.88 -9.32
CA GLY A 427 -27.98 -39.05 -10.28
C GLY A 427 -26.68 -39.53 -9.67
N MET B 1 24.13 1.55 -44.03
CA MET B 1 23.27 2.10 -45.12
C MET B 1 22.81 3.51 -44.77
N LYS B 2 22.49 4.29 -45.79
CA LYS B 2 22.00 5.65 -45.58
C LYS B 2 20.50 5.58 -45.36
N LEU B 3 20.04 6.20 -44.28
CA LEU B 3 18.62 6.22 -43.95
C LEU B 3 17.95 7.51 -44.45
N LYS B 4 16.67 7.41 -44.80
CA LYS B 4 15.90 8.56 -45.27
C LYS B 4 15.79 9.57 -44.14
N THR B 5 15.97 10.85 -44.48
CA THR B 5 15.91 11.90 -43.48
C THR B 5 14.93 13.01 -43.87
N ASN B 6 14.66 13.91 -42.92
CA ASN B 6 13.78 15.06 -43.13
C ASN B 6 12.44 14.73 -43.81
N ILE B 7 11.72 13.75 -43.26
CA ILE B 7 10.43 13.35 -43.82
C ILE B 7 9.39 14.45 -43.62
N ARG B 8 8.68 14.81 -44.69
CA ARG B 8 7.68 15.88 -44.62
C ARG B 8 6.25 15.41 -44.41
N HIS B 9 6.04 14.10 -44.41
CA HIS B 9 4.71 13.54 -44.20
C HIS B 9 4.71 12.02 -44.35
N LEU B 10 3.83 11.36 -43.59
CA LEU B 10 3.70 9.91 -43.63
C LEU B 10 2.23 9.55 -43.64
N HIS B 11 1.80 8.78 -44.63
CA HIS B 11 0.41 8.36 -44.70
C HIS B 11 0.26 7.05 -45.46
N GLY B 12 -0.70 6.23 -45.04
CA GLY B 12 -0.90 4.96 -45.70
C GLY B 12 -1.30 3.83 -44.77
N ILE B 13 -1.64 2.70 -45.37
CA ILE B 13 -2.04 1.52 -44.62
C ILE B 13 -0.90 0.53 -44.61
N ILE B 14 -0.61 -0.03 -43.44
CA ILE B 14 0.45 -1.04 -43.32
C ILE B 14 -0.07 -2.26 -42.59
N ARG B 15 0.30 -3.43 -43.06
CA ARG B 15 -0.10 -4.68 -42.41
C ARG B 15 1.22 -5.27 -41.95
N VAL B 16 1.59 -4.99 -40.69
CA VAL B 16 2.85 -5.48 -40.15
C VAL B 16 2.93 -7.00 -40.23
N PRO B 17 4.16 -7.54 -40.29
CA PRO B 17 4.33 -9.00 -40.36
C PRO B 17 3.89 -9.65 -39.05
N GLY B 18 3.78 -10.97 -39.07
CA GLY B 18 3.34 -11.71 -37.90
C GLY B 18 4.06 -11.54 -36.58
N ASP B 19 3.32 -11.83 -35.52
CA ASP B 19 3.82 -11.75 -34.15
C ASP B 19 4.93 -12.79 -33.96
N LYS B 20 6.12 -12.31 -33.62
CA LYS B 20 7.28 -13.17 -33.42
C LYS B 20 7.11 -14.22 -32.33
N SER B 21 6.62 -13.81 -31.18
CA SER B 21 6.43 -14.72 -30.06
C SER B 21 5.46 -15.84 -30.39
N ILE B 22 4.33 -15.50 -31.00
CA ILE B 22 3.34 -16.49 -31.38
C ILE B 22 3.82 -17.40 -32.52
N SER B 23 4.59 -16.84 -33.45
CA SER B 23 5.10 -17.64 -34.56
C SER B 23 6.11 -18.67 -34.04
N HIS B 24 6.95 -18.26 -33.09
CA HIS B 24 7.93 -19.17 -32.51
C HIS B 24 7.19 -20.35 -31.88
N ARG B 25 6.14 -20.02 -31.12
CA ARG B 25 5.35 -21.03 -30.43
C ARG B 25 4.53 -21.92 -31.38
N SER B 26 4.11 -21.38 -32.51
CA SER B 26 3.34 -22.17 -33.45
C SER B 26 4.20 -23.35 -33.94
N ILE B 27 5.51 -23.13 -34.05
CA ILE B 27 6.40 -24.18 -34.49
C ILE B 27 6.67 -25.20 -33.39
N ILE B 28 6.82 -24.73 -32.15
CA ILE B 28 7.07 -25.62 -31.02
C ILE B 28 5.85 -26.51 -30.74
N PHE B 29 4.68 -25.89 -30.63
CA PHE B 29 3.46 -26.64 -30.38
C PHE B 29 3.18 -27.58 -31.55
N GLY B 30 3.37 -27.09 -32.77
CA GLY B 30 3.14 -27.92 -33.95
C GLY B 30 4.02 -29.17 -33.93
N SER B 31 5.25 -29.02 -33.44
CA SER B 31 6.18 -30.14 -33.36
C SER B 31 5.86 -31.15 -32.26
N LEU B 32 5.49 -30.65 -31.08
CA LEU B 32 5.17 -31.50 -29.93
C LEU B 32 3.80 -32.16 -30.01
N ALA B 33 2.92 -31.64 -30.85
CA ALA B 33 1.58 -32.20 -30.97
C ALA B 33 1.57 -33.44 -31.83
N GLU B 34 0.41 -34.09 -31.88
CA GLU B 34 0.22 -35.27 -32.70
C GLU B 34 -0.67 -34.79 -33.83
N GLY B 35 -0.37 -35.21 -35.05
CA GLY B 35 -1.15 -34.78 -36.18
C GLY B 35 -0.47 -33.59 -36.84
N GLU B 36 -1.12 -33.07 -37.88
CA GLU B 36 -0.60 -31.96 -38.66
C GLU B 36 -1.00 -30.57 -38.14
N THR B 37 -0.06 -29.62 -38.24
CA THR B 37 -0.33 -28.24 -37.85
C THR B 37 0.00 -27.34 -39.03
N LYS B 38 -0.86 -26.37 -39.32
CA LYS B 38 -0.63 -25.43 -40.41
C LYS B 38 -0.61 -24.01 -39.86
N VAL B 39 0.43 -23.25 -40.21
CA VAL B 39 0.55 -21.88 -39.74
C VAL B 39 0.41 -20.90 -40.89
N TYR B 40 -0.51 -19.95 -40.73
CA TYR B 40 -0.79 -18.93 -41.73
C TYR B 40 -0.27 -17.56 -41.27
N ASP B 41 0.24 -16.78 -42.21
CA ASP B 41 0.78 -15.44 -41.95
C ASP B 41 1.89 -15.45 -40.89
N ILE B 42 2.69 -16.50 -40.89
CA ILE B 42 3.78 -16.61 -39.94
C ILE B 42 4.85 -15.58 -40.24
N LEU B 43 5.59 -15.19 -39.20
CA LEU B 43 6.67 -14.22 -39.34
C LEU B 43 7.85 -14.99 -39.92
N ARG B 44 8.41 -14.48 -41.02
CA ARG B 44 9.52 -15.13 -41.69
C ARG B 44 10.85 -14.49 -41.33
N GLY B 45 10.87 -13.71 -40.25
CA GLY B 45 12.10 -13.09 -39.80
C GLY B 45 13.07 -14.18 -39.39
N GLU B 46 14.36 -13.88 -39.48
CA GLU B 46 15.41 -14.83 -39.15
C GLU B 46 15.26 -15.57 -37.83
N ASP B 47 14.77 -14.91 -36.78
CA ASP B 47 14.60 -15.61 -35.50
C ASP B 47 13.64 -16.79 -35.62
N VAL B 48 12.53 -16.59 -36.32
CA VAL B 48 11.54 -17.66 -36.49
C VAL B 48 12.11 -18.75 -37.39
N LEU B 49 12.85 -18.33 -38.42
CA LEU B 49 13.47 -19.26 -39.34
C LEU B 49 14.44 -20.13 -38.55
N SER B 50 15.11 -19.55 -37.57
CA SER B 50 16.05 -20.30 -36.73
C SER B 50 15.29 -21.39 -35.98
N THR B 51 14.18 -21.03 -35.35
CA THR B 51 13.38 -21.99 -34.61
C THR B 51 12.93 -23.14 -35.52
N MET B 52 12.52 -22.81 -36.74
CA MET B 52 12.08 -23.83 -37.68
C MET B 52 13.20 -24.79 -38.04
N GLN B 53 14.37 -24.26 -38.39
CA GLN B 53 15.48 -25.13 -38.76
C GLN B 53 15.92 -26.02 -37.59
N VAL B 54 15.77 -25.53 -36.37
CA VAL B 54 16.14 -26.31 -35.18
C VAL B 54 15.29 -27.58 -35.10
N PHE B 55 13.97 -27.43 -35.23
CA PHE B 55 13.12 -28.61 -35.14
C PHE B 55 13.30 -29.56 -36.33
N ARG B 56 13.69 -29.03 -37.49
CA ARG B 56 13.93 -29.91 -38.63
C ARG B 56 15.17 -30.73 -38.30
N ASP B 57 16.15 -30.09 -37.67
CA ASP B 57 17.39 -30.79 -37.30
C ASP B 57 17.06 -31.85 -36.25
N LEU B 58 15.96 -31.67 -35.55
CA LEU B 58 15.53 -32.63 -34.53
C LEU B 58 14.60 -33.68 -35.15
N GLY B 59 14.51 -33.69 -36.47
CA GLY B 59 13.69 -34.68 -37.16
C GLY B 59 12.25 -34.33 -37.49
N VAL B 60 11.84 -33.08 -37.25
CA VAL B 60 10.47 -32.68 -37.54
C VAL B 60 10.31 -32.18 -38.97
N GLU B 61 9.33 -32.72 -39.68
CA GLU B 61 9.03 -32.30 -41.04
C GLU B 61 8.29 -30.97 -41.00
N ILE B 62 8.92 -29.93 -41.54
CA ILE B 62 8.32 -28.60 -41.56
C ILE B 62 8.44 -28.06 -42.97
N GLU B 63 7.32 -28.00 -43.67
CA GLU B 63 7.27 -27.53 -45.05
C GLU B 63 6.69 -26.13 -45.22
N ASP B 64 7.39 -25.30 -45.97
CA ASP B 64 6.96 -23.93 -46.26
C ASP B 64 6.59 -23.96 -47.74
N LYS B 65 5.29 -23.95 -48.02
CA LYS B 65 4.82 -24.02 -49.41
C LYS B 65 3.69 -23.06 -49.68
N ASP B 66 3.86 -22.23 -50.72
CA ASP B 66 2.86 -21.25 -51.10
C ASP B 66 2.40 -20.38 -49.91
N GLY B 67 3.36 -19.96 -49.09
CA GLY B 67 3.05 -19.11 -47.96
C GLY B 67 2.44 -19.78 -46.76
N VAL B 68 2.40 -21.10 -46.76
CA VAL B 68 1.83 -21.83 -45.63
C VAL B 68 2.84 -22.77 -45.02
N ILE B 69 2.92 -22.78 -43.69
CA ILE B 69 3.83 -23.66 -42.98
C ILE B 69 3.02 -24.87 -42.51
N THR B 70 3.50 -26.06 -42.83
CA THR B 70 2.81 -27.28 -42.41
C THR B 70 3.78 -28.13 -41.59
N VAL B 71 3.43 -28.38 -40.33
CA VAL B 71 4.28 -29.18 -39.46
C VAL B 71 3.69 -30.55 -39.18
N GLN B 72 4.50 -31.59 -39.36
CA GLN B 72 4.07 -32.95 -39.07
C GLN B 72 4.50 -33.22 -37.64
N GLY B 73 3.59 -33.07 -36.70
CA GLY B 73 3.92 -33.29 -35.30
C GLY B 73 4.55 -34.64 -35.00
N VAL B 74 5.45 -34.68 -34.02
CA VAL B 74 6.12 -35.91 -33.64
C VAL B 74 5.71 -36.39 -32.24
N GLY B 75 4.77 -35.69 -31.62
CA GLY B 75 4.35 -36.08 -30.29
C GLY B 75 5.22 -35.48 -29.20
N MET B 76 4.78 -35.59 -27.95
CA MET B 76 5.49 -35.02 -26.81
C MET B 76 6.88 -35.58 -26.51
N ALA B 77 7.21 -36.74 -27.07
CA ALA B 77 8.52 -37.34 -26.86
C ALA B 77 9.03 -37.90 -28.18
N GLY B 78 8.89 -37.13 -29.26
CA GLY B 78 9.32 -37.60 -30.56
C GLY B 78 10.53 -36.91 -31.17
N LEU B 79 11.19 -36.03 -30.42
CA LEU B 79 12.35 -35.34 -30.94
C LEU B 79 13.58 -36.24 -30.94
N LYS B 80 14.36 -36.18 -32.01
CA LYS B 80 15.56 -37.01 -32.15
C LYS B 80 16.85 -36.19 -32.17
N ALA B 81 17.93 -36.82 -31.73
CA ALA B 81 19.24 -36.13 -31.70
C ALA B 81 19.57 -35.55 -33.07
N PRO B 82 20.07 -34.31 -33.11
CA PRO B 82 20.42 -33.66 -34.37
C PRO B 82 21.82 -34.08 -34.82
N GLN B 83 22.09 -33.98 -36.11
CA GLN B 83 23.39 -34.34 -36.65
C GLN B 83 24.50 -33.45 -36.08
N ASN B 84 24.21 -32.15 -36.01
CA ASN B 84 25.16 -31.18 -35.50
C ASN B 84 24.52 -30.34 -34.41
N ALA B 85 25.30 -29.42 -33.85
CA ALA B 85 24.81 -28.53 -32.80
C ALA B 85 23.66 -27.70 -33.35
N LEU B 86 22.75 -27.29 -32.48
CA LEU B 86 21.58 -26.49 -32.88
C LEU B 86 21.95 -25.01 -32.96
N ASN B 87 21.70 -24.41 -34.13
CA ASN B 87 22.01 -23.01 -34.37
C ASN B 87 20.84 -22.10 -33.98
N MET B 88 20.97 -21.46 -32.83
CA MET B 88 19.94 -20.59 -32.28
C MET B 88 20.02 -19.16 -32.85
N GLY B 89 21.08 -18.87 -33.59
CA GLY B 89 21.24 -17.56 -34.20
C GLY B 89 21.24 -16.37 -33.25
N ASN B 90 20.29 -15.46 -33.46
CA ASN B 90 20.14 -14.24 -32.66
C ASN B 90 18.95 -14.36 -31.70
N SER B 91 18.24 -15.47 -31.80
CA SER B 91 17.03 -15.71 -31.02
C SER B 91 17.11 -16.24 -29.59
N GLY B 92 16.88 -15.36 -28.63
CA GLY B 92 16.87 -15.78 -27.24
C GLY B 92 15.61 -16.58 -26.97
N THR B 93 14.51 -16.19 -27.61
CA THR B 93 13.25 -16.93 -27.44
C THR B 93 13.48 -18.39 -27.81
N SER B 94 14.18 -18.61 -28.92
CA SER B 94 14.46 -19.96 -29.40
C SER B 94 15.22 -20.80 -28.38
N ILE B 95 16.40 -20.34 -27.99
CA ILE B 95 17.23 -21.10 -27.06
C ILE B 95 16.61 -21.30 -25.68
N ARG B 96 15.92 -20.30 -25.16
CA ARG B 96 15.34 -20.44 -23.84
C ARG B 96 14.11 -21.36 -23.86
N LEU B 97 13.20 -21.15 -24.81
CA LEU B 97 12.01 -22.00 -24.87
C LEU B 97 12.38 -23.43 -25.27
N ILE B 98 13.23 -23.57 -26.28
CA ILE B 98 13.60 -24.92 -26.71
C ILE B 98 14.37 -25.68 -25.62
N SER B 99 14.99 -24.97 -24.68
CA SER B 99 15.70 -25.64 -23.61
C SER B 99 14.69 -26.43 -22.78
N GLY B 100 13.50 -25.85 -22.59
CA GLY B 100 12.46 -26.55 -21.83
C GLY B 100 11.82 -27.65 -22.67
N VAL B 101 11.73 -27.41 -23.98
CA VAL B 101 11.17 -28.39 -24.92
C VAL B 101 12.00 -29.67 -24.89
N LEU B 102 13.32 -29.51 -24.79
CA LEU B 102 14.26 -30.63 -24.77
C LEU B 102 14.50 -31.24 -23.38
N ALA B 103 13.73 -30.82 -22.39
CA ALA B 103 13.89 -31.34 -21.04
C ALA B 103 13.81 -32.87 -21.00
N GLY B 104 12.97 -33.45 -21.87
CA GLY B 104 12.82 -34.89 -21.88
C GLY B 104 13.64 -35.65 -22.90
N ALA B 105 14.53 -34.98 -23.60
CA ALA B 105 15.37 -35.64 -24.61
C ALA B 105 16.39 -36.57 -23.95
N ASP B 106 16.43 -37.83 -24.40
CA ASP B 106 17.37 -38.79 -23.82
C ASP B 106 18.70 -38.81 -24.58
N PHE B 107 19.29 -37.64 -24.70
CA PHE B 107 20.58 -37.47 -25.38
C PHE B 107 21.08 -36.07 -25.01
N GLU B 108 22.33 -35.80 -25.34
CA GLU B 108 22.90 -34.49 -25.04
C GLU B 108 23.18 -33.73 -26.32
N VAL B 109 22.76 -32.47 -26.37
CA VAL B 109 22.98 -31.63 -27.54
C VAL B 109 23.55 -30.27 -27.19
N GLU B 110 24.21 -29.65 -28.16
CA GLU B 110 24.80 -28.35 -27.98
C GLU B 110 23.93 -27.32 -28.72
N MET B 111 23.84 -26.12 -28.15
CA MET B 111 23.05 -25.03 -28.71
C MET B 111 23.92 -23.77 -28.65
N PHE B 112 24.19 -23.17 -29.82
CA PHE B 112 25.00 -21.96 -29.88
C PHE B 112 24.25 -20.81 -30.54
N GLY B 113 24.84 -19.62 -30.48
CA GLY B 113 24.23 -18.44 -31.08
C GLY B 113 25.29 -17.49 -31.61
N ASP B 114 24.86 -16.37 -32.20
CA ASP B 114 25.78 -15.39 -32.76
C ASP B 114 26.46 -14.57 -31.66
N ASP B 115 27.19 -13.53 -32.04
CA ASP B 115 27.90 -12.72 -31.05
C ASP B 115 26.98 -12.06 -30.01
N SER B 116 25.79 -11.64 -30.45
CA SER B 116 24.84 -11.01 -29.54
C SER B 116 24.25 -12.02 -28.52
N LEU B 117 23.69 -13.12 -29.03
CA LEU B 117 23.08 -14.12 -28.15
C LEU B 117 24.08 -14.70 -27.15
N SER B 118 25.32 -14.92 -27.59
CA SER B 118 26.35 -15.49 -26.74
C SER B 118 26.73 -14.64 -25.51
N LYS B 119 26.25 -13.40 -25.45
CA LYS B 119 26.57 -12.54 -24.30
C LYS B 119 25.38 -12.48 -23.33
N ARG B 120 24.34 -13.25 -23.62
CA ARG B 120 23.14 -13.23 -22.79
C ARG B 120 23.01 -14.43 -21.86
N PRO B 121 22.71 -14.17 -20.59
CA PRO B 121 22.55 -15.17 -19.53
C PRO B 121 21.42 -16.18 -19.69
N MET B 122 21.75 -17.44 -19.45
CA MET B 122 20.77 -18.51 -19.55
C MET B 122 20.56 -19.14 -18.17
N ASP B 123 21.27 -18.65 -17.16
CA ASP B 123 21.15 -19.19 -15.81
C ASP B 123 19.70 -19.13 -15.34
N ARG B 124 18.97 -18.12 -15.82
CA ARG B 124 17.57 -17.95 -15.46
C ARG B 124 16.71 -19.14 -15.90
N VAL B 125 17.17 -19.90 -16.88
CA VAL B 125 16.42 -21.06 -17.32
C VAL B 125 17.10 -22.36 -16.87
N THR B 126 18.42 -22.38 -16.80
CA THR B 126 19.12 -23.58 -16.37
C THR B 126 18.89 -23.91 -14.89
N LEU B 127 18.80 -22.90 -14.05
CA LEU B 127 18.58 -23.12 -12.61
C LEU B 127 17.31 -23.94 -12.37
N PRO B 128 16.15 -23.47 -12.88
CA PRO B 128 14.92 -24.24 -12.66
C PRO B 128 14.88 -25.57 -13.40
N LEU B 129 15.41 -25.60 -14.61
CA LEU B 129 15.41 -26.83 -15.40
C LEU B 129 16.21 -27.94 -14.69
N LYS B 130 17.30 -27.56 -14.02
CA LYS B 130 18.12 -28.52 -13.31
C LYS B 130 17.37 -29.15 -12.13
N LYS B 131 16.43 -28.42 -11.56
CA LYS B 131 15.63 -28.93 -10.45
C LYS B 131 14.76 -30.09 -10.93
N MET B 132 14.46 -30.12 -12.21
CA MET B 132 13.63 -31.16 -12.80
C MET B 132 14.43 -32.40 -13.19
N GLY B 133 15.76 -32.30 -13.14
CA GLY B 133 16.60 -33.42 -13.50
C GLY B 133 17.35 -33.22 -14.81
N VAL B 134 17.20 -32.04 -15.40
CA VAL B 134 17.88 -31.73 -16.64
C VAL B 134 19.31 -31.27 -16.34
N SER B 135 20.27 -31.74 -17.16
CA SER B 135 21.66 -31.33 -16.98
C SER B 135 21.93 -30.29 -18.06
N ILE B 136 22.15 -29.05 -17.66
CA ILE B 136 22.40 -27.96 -18.60
C ILE B 136 23.47 -27.02 -18.06
N SER B 137 24.42 -26.65 -18.90
CA SER B 137 25.50 -25.75 -18.52
C SER B 137 25.95 -24.86 -19.68
N GLY B 138 26.47 -23.69 -19.34
CA GLY B 138 26.96 -22.76 -20.33
C GLY B 138 28.28 -22.17 -19.84
N GLN B 139 28.70 -21.07 -20.45
CA GLN B 139 29.96 -20.44 -20.06
C GLN B 139 29.77 -19.52 -18.87
N THR B 140 30.65 -19.68 -17.87
CA THR B 140 30.62 -18.92 -16.62
C THR B 140 29.35 -19.26 -15.85
N GLU B 141 29.24 -18.77 -14.62
CA GLU B 141 28.07 -19.07 -13.80
C GLU B 141 26.78 -18.47 -14.35
N ARG B 142 26.90 -17.53 -15.27
CA ARG B 142 25.71 -16.92 -15.87
C ARG B 142 25.20 -17.82 -16.99
N ASP B 143 25.94 -18.89 -17.25
CA ASP B 143 25.60 -19.86 -18.29
C ASP B 143 25.33 -19.22 -19.65
N LEU B 144 26.31 -18.49 -20.16
CA LEU B 144 26.18 -17.86 -21.46
C LEU B 144 26.33 -18.96 -22.50
N PRO B 145 25.71 -18.80 -23.68
CA PRO B 145 25.86 -19.84 -24.71
C PRO B 145 27.34 -19.83 -25.11
N PRO B 146 27.81 -20.90 -25.77
CA PRO B 146 27.02 -22.08 -26.12
C PRO B 146 26.65 -22.94 -24.92
N LEU B 147 25.49 -23.59 -25.01
CA LEU B 147 25.01 -24.46 -23.95
C LEU B 147 25.03 -25.91 -24.40
N ARG B 148 25.06 -26.81 -23.43
CA ARG B 148 25.00 -28.23 -23.69
C ARG B 148 23.90 -28.75 -22.77
N LEU B 149 22.91 -29.39 -23.37
CA LEU B 149 21.77 -29.88 -22.61
C LEU B 149 21.56 -31.38 -22.78
N LYS B 150 21.28 -32.03 -21.65
CA LYS B 150 21.02 -33.47 -21.63
C LYS B 150 19.74 -33.67 -20.83
N GLY B 151 18.67 -34.06 -21.50
CA GLY B 151 17.42 -34.28 -20.81
C GLY B 151 17.40 -35.62 -20.10
N THR B 152 16.24 -35.99 -19.57
CA THR B 152 16.07 -37.25 -18.86
C THR B 152 14.68 -37.79 -19.11
N LYS B 153 14.54 -39.12 -19.06
CA LYS B 153 13.25 -39.74 -19.26
C LYS B 153 12.50 -39.73 -17.94
N ASN B 154 13.17 -39.23 -16.90
CA ASN B 154 12.58 -39.14 -15.57
C ASN B 154 12.50 -37.69 -15.10
N LEU B 155 11.71 -36.87 -15.80
CA LEU B 155 11.56 -35.47 -15.42
C LEU B 155 10.71 -35.32 -14.16
N ARG B 156 11.19 -34.51 -13.23
CA ARG B 156 10.44 -34.27 -12.01
C ARG B 156 9.65 -32.98 -12.23
N PRO B 157 8.38 -32.95 -11.79
CA PRO B 157 7.59 -31.72 -11.98
C PRO B 157 8.32 -30.55 -11.35
N ILE B 158 8.00 -29.34 -11.80
CA ILE B 158 8.67 -28.16 -11.28
C ILE B 158 7.79 -27.25 -10.44
N HIS B 159 8.34 -26.81 -9.31
CA HIS B 159 7.68 -25.88 -8.40
C HIS B 159 8.68 -24.73 -8.34
N TYR B 160 8.34 -23.62 -9.00
CA TYR B 160 9.27 -22.52 -9.05
C TYR B 160 8.61 -21.14 -9.10
N GLU B 161 9.14 -20.24 -8.28
CA GLU B 161 8.66 -18.87 -8.23
C GLU B 161 9.70 -18.06 -9.00
N LEU B 162 9.33 -17.53 -10.16
CA LEU B 162 10.26 -16.76 -10.95
C LEU B 162 10.77 -15.50 -10.24
N PRO B 163 12.10 -15.29 -10.27
CA PRO B 163 12.71 -14.13 -9.62
C PRO B 163 12.67 -12.91 -10.55
N ILE B 164 12.34 -13.12 -11.81
CA ILE B 164 12.25 -12.01 -12.77
C ILE B 164 10.97 -12.13 -13.59
N ALA B 165 10.56 -11.02 -14.22
CA ALA B 165 9.35 -11.01 -15.03
C ALA B 165 9.60 -11.52 -16.44
N SER B 166 10.00 -12.77 -16.57
CA SER B 166 10.29 -13.36 -17.86
C SER B 166 9.20 -14.30 -18.38
N ALA B 167 8.71 -14.04 -19.59
CA ALA B 167 7.70 -14.91 -20.16
C ALA B 167 8.42 -16.14 -20.71
N GLN B 168 9.69 -15.96 -21.08
CA GLN B 168 10.49 -17.04 -21.63
C GLN B 168 10.79 -18.14 -20.60
N VAL B 169 11.23 -17.75 -19.41
CA VAL B 169 11.52 -18.75 -18.39
C VAL B 169 10.21 -19.50 -18.08
N LYS B 170 9.13 -18.75 -17.94
CA LYS B 170 7.83 -19.35 -17.65
C LYS B 170 7.46 -20.37 -18.73
N SER B 171 7.64 -19.99 -19.98
CA SER B 171 7.30 -20.84 -21.12
C SER B 171 8.17 -22.09 -21.16
N ALA B 172 9.46 -21.92 -20.95
CA ALA B 172 10.38 -23.04 -20.96
C ALA B 172 9.95 -24.04 -19.91
N LEU B 173 9.57 -23.54 -18.74
CA LEU B 173 9.14 -24.40 -17.65
C LEU B 173 7.83 -25.11 -17.98
N MET B 174 6.92 -24.40 -18.66
CA MET B 174 5.64 -24.98 -19.04
C MET B 174 5.86 -26.13 -20.01
N PHE B 175 6.77 -25.97 -20.96
CA PHE B 175 7.03 -27.01 -21.94
C PHE B 175 7.65 -28.24 -21.29
N ALA B 176 8.48 -28.01 -20.28
CA ALA B 176 9.12 -29.11 -19.57
C ALA B 176 8.07 -29.82 -18.71
N ALA B 177 7.19 -29.03 -18.09
CA ALA B 177 6.13 -29.58 -17.24
C ALA B 177 5.21 -30.50 -18.02
N LEU B 178 5.02 -30.20 -19.31
CA LEU B 178 4.16 -31.02 -20.18
C LEU B 178 4.74 -32.43 -20.36
N GLN B 179 6.05 -32.55 -20.15
CA GLN B 179 6.74 -33.84 -20.32
C GLN B 179 7.00 -34.60 -19.01
N ALA B 180 6.88 -33.91 -17.87
CA ALA B 180 7.12 -34.53 -16.58
C ALA B 180 5.88 -35.22 -16.00
N LYS B 181 6.09 -36.19 -15.12
CA LYS B 181 5.00 -36.91 -14.51
C LYS B 181 4.60 -36.25 -13.19
N GLY B 182 3.42 -35.65 -13.15
CA GLY B 182 3.00 -35.00 -11.91
C GLY B 182 2.58 -33.57 -12.11
N GLU B 183 2.35 -32.88 -11.00
CA GLU B 183 1.89 -31.50 -11.03
C GLU B 183 2.97 -30.45 -10.84
N SER B 184 3.10 -29.57 -11.85
CA SER B 184 4.07 -28.50 -11.78
C SER B 184 3.32 -27.22 -11.41
N VAL B 185 3.97 -26.34 -10.66
CA VAL B 185 3.39 -25.08 -10.24
C VAL B 185 4.41 -23.99 -10.55
N ILE B 186 4.04 -23.07 -11.45
CA ILE B 186 4.92 -22.00 -11.89
C ILE B 186 4.26 -20.67 -11.56
N ILE B 187 4.91 -19.88 -10.71
CA ILE B 187 4.38 -18.60 -10.28
C ILE B 187 5.14 -17.42 -10.87
N GLU B 188 4.42 -16.51 -11.52
CA GLU B 188 5.04 -15.34 -12.12
C GLU B 188 5.33 -14.26 -11.08
N LYS B 189 6.40 -13.51 -11.32
CA LYS B 189 6.80 -12.40 -10.45
C LYS B 189 5.82 -11.27 -10.79
N GLU B 190 5.60 -11.07 -12.09
CA GLU B 190 4.67 -10.07 -12.62
C GLU B 190 4.04 -10.72 -13.84
N TYR B 191 2.83 -10.32 -14.20
CA TYR B 191 2.19 -10.91 -15.37
C TYR B 191 3.00 -10.58 -16.63
N THR B 192 3.37 -11.60 -17.39
CA THR B 192 4.13 -11.41 -18.64
C THR B 192 3.28 -11.94 -19.80
N ARG B 193 3.75 -11.78 -21.03
CA ARG B 193 2.96 -12.24 -22.18
C ARG B 193 2.52 -13.68 -21.96
N ASN B 194 1.23 -13.92 -22.12
CA ASN B 194 0.63 -15.23 -21.88
C ASN B 194 0.30 -16.06 -23.14
N HIS B 195 1.12 -15.94 -24.19
CA HIS B 195 0.87 -16.69 -25.42
C HIS B 195 1.00 -18.20 -25.24
N THR B 196 1.92 -18.62 -24.38
CA THR B 196 2.10 -20.05 -24.15
C THR B 196 0.83 -20.64 -23.55
N GLU B 197 0.29 -19.96 -22.54
CA GLU B 197 -0.94 -20.41 -21.88
C GLU B 197 -2.11 -20.50 -22.87
N ASP B 198 -2.29 -19.45 -23.68
CA ASP B 198 -3.38 -19.42 -24.67
C ASP B 198 -3.24 -20.56 -25.66
N MET B 199 -2.06 -20.65 -26.26
CA MET B 199 -1.80 -21.67 -27.28
C MET B 199 -1.83 -23.11 -26.76
N LEU B 200 -1.47 -23.31 -25.50
CA LEU B 200 -1.49 -24.65 -24.94
C LEU B 200 -2.95 -25.12 -25.00
N GLN B 201 -3.86 -24.24 -24.61
CA GLN B 201 -5.28 -24.55 -24.63
C GLN B 201 -5.77 -24.76 -26.06
N GLN B 202 -5.24 -23.96 -26.99
CA GLN B 202 -5.63 -24.08 -28.40
C GLN B 202 -5.23 -25.43 -28.96
N PHE B 203 -4.09 -25.97 -28.50
CA PHE B 203 -3.62 -27.26 -28.97
C PHE B 203 -4.18 -28.44 -28.17
N GLY B 204 -5.27 -28.19 -27.46
CA GLY B 204 -5.90 -29.23 -26.67
C GLY B 204 -5.28 -29.54 -25.32
N GLY B 205 -4.37 -28.69 -24.86
CA GLY B 205 -3.74 -28.93 -23.57
C GLY B 205 -4.55 -28.32 -22.45
N HIS B 206 -4.12 -28.53 -21.21
CA HIS B 206 -4.84 -27.99 -20.06
C HIS B 206 -3.93 -27.40 -19.00
N LEU B 207 -4.43 -26.37 -18.31
CA LEU B 207 -3.70 -25.70 -17.25
C LEU B 207 -4.68 -24.92 -16.38
N SER B 208 -4.24 -24.55 -15.18
CA SER B 208 -5.07 -23.76 -14.29
C SER B 208 -4.31 -22.47 -13.99
N VAL B 209 -4.97 -21.34 -14.19
CA VAL B 209 -4.33 -20.06 -13.91
C VAL B 209 -5.10 -19.39 -12.78
N ASP B 210 -4.40 -19.13 -11.69
CA ASP B 210 -4.97 -18.49 -10.51
C ASP B 210 -4.06 -17.30 -10.18
N GLY B 211 -4.42 -16.12 -10.66
CA GLY B 211 -3.58 -14.98 -10.43
C GLY B 211 -2.28 -15.22 -11.18
N LYS B 212 -1.16 -15.05 -10.50
CA LYS B 212 0.15 -15.27 -11.10
C LYS B 212 0.58 -16.73 -11.02
N LYS B 213 -0.23 -17.56 -10.36
CA LYS B 213 0.07 -18.98 -10.22
C LYS B 213 -0.44 -19.82 -11.38
N ILE B 214 0.48 -20.53 -12.04
CA ILE B 214 0.14 -21.37 -13.17
C ILE B 214 0.39 -22.84 -12.84
N THR B 215 -0.68 -23.64 -12.88
CA THR B 215 -0.56 -25.06 -12.58
C THR B 215 -0.72 -25.89 -13.84
N VAL B 216 0.21 -26.81 -14.06
CA VAL B 216 0.17 -27.65 -15.24
C VAL B 216 0.47 -29.11 -14.89
N GLN B 217 -0.47 -29.99 -15.22
CA GLN B 217 -0.29 -31.41 -14.95
C GLN B 217 0.48 -32.04 -16.11
N GLY B 218 1.29 -33.04 -15.80
CA GLY B 218 2.06 -33.72 -16.82
C GLY B 218 2.01 -35.24 -16.64
N PRO B 219 2.18 -36.02 -17.70
CA PRO B 219 2.44 -35.58 -19.07
C PRO B 219 1.16 -35.28 -19.84
N GLN B 220 1.29 -34.54 -20.93
CA GLN B 220 0.13 -34.20 -21.76
C GLN B 220 0.41 -34.52 -23.22
N LYS B 221 -0.67 -34.67 -23.97
CA LYS B 221 -0.60 -34.94 -25.41
C LYS B 221 -1.39 -33.85 -26.09
N LEU B 222 -0.83 -33.29 -27.15
CA LEU B 222 -1.49 -32.21 -27.87
C LEU B 222 -1.92 -32.66 -29.25
N THR B 223 -2.79 -31.87 -29.88
CA THR B 223 -3.31 -32.16 -31.21
C THR B 223 -3.01 -31.02 -32.17
N GLY B 224 -2.63 -31.38 -33.40
CA GLY B 224 -2.31 -30.38 -34.41
C GLY B 224 -3.43 -29.38 -34.62
N GLN B 225 -3.07 -28.16 -35.02
CA GLN B 225 -4.07 -27.13 -35.22
C GLN B 225 -3.76 -26.25 -36.41
N LYS B 226 -4.74 -25.40 -36.74
CA LYS B 226 -4.59 -24.42 -37.78
C LYS B 226 -4.28 -23.16 -36.97
N VAL B 227 -3.14 -22.54 -37.22
CA VAL B 227 -2.76 -21.34 -36.48
C VAL B 227 -2.69 -20.12 -37.39
N VAL B 228 -3.47 -19.10 -37.03
CA VAL B 228 -3.48 -17.86 -37.80
C VAL B 228 -2.76 -16.79 -36.96
N VAL B 229 -1.56 -16.42 -37.39
CA VAL B 229 -0.75 -15.45 -36.67
C VAL B 229 -1.15 -14.00 -36.90
N PRO B 230 -1.52 -13.28 -35.82
CA PRO B 230 -1.91 -11.88 -35.97
C PRO B 230 -0.65 -11.05 -36.12
N GLY B 231 -0.79 -9.84 -36.63
CA GLY B 231 0.37 -8.97 -36.79
C GLY B 231 0.98 -8.66 -35.43
N ASP B 232 2.30 -8.46 -35.39
CA ASP B 232 3.02 -8.18 -34.16
C ASP B 232 2.92 -6.72 -33.78
N ILE B 233 2.39 -6.44 -32.58
CA ILE B 233 2.26 -5.06 -32.14
C ILE B 233 3.65 -4.45 -31.89
N SER B 234 4.65 -5.28 -31.61
CA SER B 234 6.00 -4.78 -31.39
C SER B 234 6.57 -4.23 -32.69
N SER B 235 6.06 -4.74 -33.81
CA SER B 235 6.49 -4.28 -35.14
C SER B 235 5.68 -3.06 -35.51
N ALA B 236 4.40 -3.07 -35.12
CA ALA B 236 3.51 -1.95 -35.40
C ALA B 236 3.96 -0.72 -34.61
N ALA B 237 4.56 -0.97 -33.45
CA ALA B 237 5.02 0.10 -32.58
C ALA B 237 5.90 1.15 -33.26
N PHE B 238 6.70 0.72 -34.24
CA PHE B 238 7.59 1.68 -34.92
C PHE B 238 6.79 2.70 -35.71
N TRP B 239 5.64 2.27 -36.23
CA TRP B 239 4.75 3.13 -37.02
C TRP B 239 3.84 3.95 -36.10
N LEU B 240 3.43 3.34 -34.98
CA LEU B 240 2.61 4.05 -34.03
C LEU B 240 3.40 5.29 -33.60
N VAL B 241 4.68 5.11 -33.29
CA VAL B 241 5.51 6.23 -32.87
C VAL B 241 5.80 7.19 -34.02
N ALA B 242 6.11 6.65 -35.20
CA ALA B 242 6.41 7.47 -36.35
C ALA B 242 5.25 8.38 -36.70
N GLY B 243 4.04 7.83 -36.66
CA GLY B 243 2.85 8.60 -36.99
C GLY B 243 2.56 9.72 -36.01
N LEU B 244 2.93 9.50 -34.74
CA LEU B 244 2.70 10.52 -33.71
C LEU B 244 3.76 11.60 -33.76
N ILE B 245 4.96 11.16 -34.08
CA ILE B 245 6.14 12.00 -34.12
C ILE B 245 6.44 12.77 -35.40
N ALA B 246 6.18 12.17 -36.55
CA ALA B 246 6.42 12.84 -37.82
C ALA B 246 5.35 13.90 -38.08
N PRO B 247 5.67 14.93 -38.86
CA PRO B 247 4.71 15.99 -39.16
C PRO B 247 3.73 15.57 -40.27
N ASN B 248 2.56 16.21 -40.30
CA ASN B 248 1.55 15.92 -41.30
C ASN B 248 1.44 14.41 -41.56
N SER B 249 1.16 13.64 -40.52
CA SER B 249 1.08 12.20 -40.68
C SER B 249 -0.18 11.57 -40.09
N ARG B 250 -0.57 10.45 -40.70
CA ARG B 250 -1.73 9.65 -40.29
C ARG B 250 -1.48 8.25 -40.85
N LEU B 251 -1.24 7.29 -39.96
CA LEU B 251 -0.95 5.92 -40.36
C LEU B 251 -2.02 4.94 -39.86
N VAL B 252 -2.35 3.98 -40.71
CA VAL B 252 -3.35 2.95 -40.40
C VAL B 252 -2.68 1.58 -40.36
N LEU B 253 -2.67 0.97 -39.17
CA LEU B 253 -2.03 -0.33 -38.97
C LEU B 253 -3.08 -1.40 -38.69
N GLN B 254 -3.35 -2.21 -39.70
CA GLN B 254 -4.36 -3.27 -39.60
C GLN B 254 -3.83 -4.61 -39.11
N ASN B 255 -4.74 -5.41 -38.58
CA ASN B 255 -4.42 -6.76 -38.15
C ASN B 255 -3.31 -6.82 -37.09
N VAL B 256 -3.39 -5.95 -36.10
CA VAL B 256 -2.40 -5.90 -35.03
C VAL B 256 -2.92 -6.62 -33.78
N GLY B 257 -2.08 -7.51 -33.24
CA GLY B 257 -2.47 -8.23 -32.04
C GLY B 257 -2.70 -7.25 -30.91
N ILE B 258 -3.80 -7.42 -30.18
CA ILE B 258 -4.14 -6.52 -29.09
C ILE B 258 -4.23 -7.24 -27.73
N ASN B 259 -3.46 -8.30 -27.57
CA ASN B 259 -3.45 -9.06 -26.33
C ASN B 259 -3.02 -8.12 -25.19
N GLU B 260 -3.83 -8.11 -24.13
CA GLU B 260 -3.62 -7.26 -22.96
C GLU B 260 -2.22 -7.27 -22.35
N THR B 261 -1.56 -8.42 -22.38
CA THR B 261 -0.22 -8.51 -21.82
C THR B 261 0.85 -7.98 -22.79
N ARG B 262 0.41 -7.40 -23.89
CA ARG B 262 1.30 -6.87 -24.92
C ARG B 262 1.02 -5.41 -25.32
N THR B 263 -0.07 -4.86 -24.82
CA THR B 263 -0.47 -3.51 -25.19
C THR B 263 0.04 -2.36 -24.33
N GLY B 264 1.19 -2.54 -23.70
CA GLY B 264 1.74 -1.48 -22.86
C GLY B 264 1.98 -0.17 -23.57
N ILE B 265 2.38 -0.22 -24.84
CA ILE B 265 2.65 1.02 -25.57
C ILE B 265 1.36 1.81 -25.77
N ILE B 266 0.23 1.11 -25.74
CA ILE B 266 -1.07 1.77 -25.89
C ILE B 266 -1.29 2.68 -24.68
N ASP B 267 -1.07 2.14 -23.48
CA ASP B 267 -1.23 2.91 -22.25
C ASP B 267 -0.29 4.12 -22.26
N VAL B 268 0.94 3.92 -22.71
CA VAL B 268 1.91 4.99 -22.76
C VAL B 268 1.47 6.09 -23.71
N ILE B 269 1.03 5.70 -24.90
CA ILE B 269 0.59 6.68 -25.90
C ILE B 269 -0.58 7.49 -25.35
N ARG B 270 -1.51 6.82 -24.66
CA ARG B 270 -2.66 7.49 -24.08
C ARG B 270 -2.19 8.48 -23.00
N ALA B 271 -1.27 8.01 -22.16
CA ALA B 271 -0.76 8.85 -21.08
C ALA B 271 -0.07 10.10 -21.61
N MET B 272 0.69 9.98 -22.70
CA MET B 272 1.41 11.11 -23.27
C MET B 272 0.53 12.03 -24.10
N GLY B 273 -0.73 11.65 -24.28
CA GLY B 273 -1.66 12.47 -25.05
C GLY B 273 -1.60 12.31 -26.56
N GLY B 274 -1.11 11.17 -27.04
CA GLY B 274 -1.04 10.97 -28.47
C GLY B 274 -2.39 10.65 -29.08
N LYS B 275 -2.59 11.01 -30.35
CA LYS B 275 -3.85 10.73 -31.03
C LYS B 275 -3.87 9.29 -31.52
N LEU B 276 -4.56 8.42 -30.78
CA LEU B 276 -4.65 7.01 -31.13
C LEU B 276 -6.09 6.53 -31.21
N GLU B 277 -6.45 5.96 -32.36
CA GLU B 277 -7.78 5.44 -32.58
C GLU B 277 -7.71 3.92 -32.80
N ILE B 278 -8.53 3.17 -32.06
CA ILE B 278 -8.57 1.72 -32.17
C ILE B 278 -9.89 1.30 -32.82
N THR B 279 -9.79 0.65 -33.97
CA THR B 279 -10.98 0.23 -34.71
C THR B 279 -10.94 -1.23 -35.17
N GLU B 280 -12.03 -1.67 -35.77
CA GLU B 280 -12.17 -3.03 -36.29
C GLU B 280 -11.68 -4.07 -35.30
N ILE B 281 -12.18 -4.01 -34.07
CA ILE B 281 -11.76 -4.96 -33.04
C ILE B 281 -12.34 -6.35 -33.28
N ASP B 282 -11.44 -7.31 -33.53
CA ASP B 282 -11.80 -8.70 -33.79
C ASP B 282 -11.70 -9.50 -32.49
N PRO B 283 -12.82 -9.65 -31.77
CA PRO B 283 -12.88 -10.39 -30.51
C PRO B 283 -12.32 -11.82 -30.59
N VAL B 284 -12.23 -12.34 -31.80
CA VAL B 284 -11.71 -13.70 -31.98
C VAL B 284 -10.19 -13.70 -31.81
N ALA B 285 -9.48 -13.46 -32.90
CA ALA B 285 -8.02 -13.44 -32.89
C ALA B 285 -7.42 -12.34 -32.01
N LYS B 286 -8.28 -11.56 -31.36
CA LYS B 286 -7.82 -10.47 -30.51
C LYS B 286 -6.87 -9.56 -31.29
N SER B 287 -7.43 -8.90 -32.30
CA SER B 287 -6.66 -7.98 -33.13
C SER B 287 -7.48 -6.72 -33.40
N ALA B 288 -6.83 -5.73 -34.00
CA ALA B 288 -7.53 -4.49 -34.31
C ALA B 288 -6.72 -3.63 -35.25
N THR B 289 -7.33 -2.54 -35.70
CA THR B 289 -6.65 -1.61 -36.56
C THR B 289 -6.29 -0.44 -35.67
N LEU B 290 -5.03 -0.03 -35.71
CA LEU B 290 -4.53 1.08 -34.91
C LEU B 290 -4.28 2.27 -35.82
N ILE B 291 -4.82 3.44 -35.45
CA ILE B 291 -4.63 4.63 -36.26
C ILE B 291 -4.00 5.77 -35.44
N VAL B 292 -2.88 6.28 -35.93
CA VAL B 292 -2.16 7.36 -35.27
C VAL B 292 -2.03 8.60 -36.16
N GLU B 293 -2.01 9.77 -35.53
CA GLU B 293 -1.87 11.05 -36.24
C GLU B 293 -0.87 11.94 -35.49
N SER B 294 -0.24 12.86 -36.21
CA SER B 294 0.74 13.77 -35.62
C SER B 294 0.15 14.36 -34.33
N SER B 295 0.93 14.32 -33.25
CA SER B 295 0.46 14.82 -31.97
C SER B 295 1.53 15.52 -31.15
N ASP B 296 1.10 16.37 -30.22
CA ASP B 296 2.02 17.05 -29.32
C ASP B 296 1.94 16.23 -28.04
N LEU B 297 3.08 15.74 -27.58
CA LEU B 297 3.11 14.88 -26.41
C LEU B 297 3.70 15.49 -25.15
N LYS B 298 3.46 14.82 -24.03
CA LYS B 298 3.99 15.24 -22.74
C LYS B 298 4.58 14.01 -22.07
N GLY B 299 5.60 14.23 -21.25
CA GLY B 299 6.28 13.14 -20.56
C GLY B 299 5.40 12.33 -19.62
N THR B 300 5.86 11.15 -19.24
CA THR B 300 5.10 10.27 -18.34
C THR B 300 6.03 9.34 -17.59
N GLU B 301 5.48 8.60 -16.63
CA GLU B 301 6.26 7.64 -15.84
C GLU B 301 5.93 6.23 -16.30
N ILE B 302 6.96 5.44 -16.57
CA ILE B 302 6.79 4.06 -17.04
C ILE B 302 7.49 3.15 -16.04
N CYS B 303 6.71 2.42 -15.25
CA CYS B 303 7.28 1.55 -14.23
C CYS B 303 6.37 0.40 -13.84
N GLY B 304 6.83 -0.35 -12.84
CA GLY B 304 6.09 -1.48 -12.30
C GLY B 304 5.63 -2.56 -13.25
N ALA B 305 4.39 -3.00 -13.03
CA ALA B 305 3.76 -4.05 -13.82
C ALA B 305 3.65 -3.72 -15.30
N LEU B 306 3.79 -2.44 -15.65
CA LEU B 306 3.69 -2.03 -17.05
C LEU B 306 4.89 -2.49 -17.87
N ILE B 307 6.03 -2.69 -17.20
CA ILE B 307 7.24 -3.10 -17.89
C ILE B 307 7.13 -4.36 -18.77
N PRO B 308 6.67 -5.49 -18.21
CA PRO B 308 6.55 -6.72 -19.01
C PRO B 308 5.60 -6.58 -20.21
N ARG B 309 4.67 -5.66 -20.11
CA ARG B 309 3.69 -5.44 -21.18
C ARG B 309 4.23 -4.63 -22.35
N LEU B 310 5.41 -4.03 -22.19
CA LEU B 310 6.00 -3.23 -23.26
C LEU B 310 7.53 -3.30 -23.26
N ILE B 311 8.08 -4.33 -22.62
CA ILE B 311 9.53 -4.47 -22.51
C ILE B 311 10.30 -4.27 -23.81
N ASP B 312 9.78 -4.79 -24.93
CA ASP B 312 10.48 -4.64 -26.21
C ASP B 312 10.18 -3.33 -26.92
N GLU B 313 9.19 -2.57 -26.44
CA GLU B 313 8.87 -1.29 -27.07
C GLU B 313 9.62 -0.13 -26.42
N LEU B 314 10.43 -0.42 -25.40
CA LEU B 314 11.14 0.64 -24.72
C LEU B 314 12.13 1.42 -25.60
N PRO B 315 12.77 0.76 -26.58
CA PRO B 315 13.69 1.53 -27.42
C PRO B 315 12.95 2.58 -28.24
N ILE B 316 11.82 2.19 -28.84
CA ILE B 316 11.05 3.15 -29.64
C ILE B 316 10.30 4.15 -28.80
N ILE B 317 9.88 3.73 -27.61
CA ILE B 317 9.17 4.63 -26.71
C ILE B 317 10.18 5.71 -26.28
N ALA B 318 11.45 5.34 -26.21
CA ALA B 318 12.48 6.29 -25.82
C ALA B 318 12.55 7.42 -26.85
N LEU B 319 12.44 7.06 -28.13
CA LEU B 319 12.46 8.05 -29.21
C LEU B 319 11.20 8.89 -29.05
N LEU B 320 10.10 8.21 -28.72
CA LEU B 320 8.80 8.84 -28.49
C LEU B 320 8.92 9.92 -27.40
N ALA B 321 9.41 9.53 -26.23
CA ALA B 321 9.56 10.44 -25.09
C ALA B 321 10.44 11.62 -25.49
N THR B 322 11.47 11.33 -26.27
CA THR B 322 12.39 12.32 -26.80
C THR B 322 11.62 13.48 -27.46
N GLN B 323 10.46 13.17 -28.02
CA GLN B 323 9.65 14.18 -28.70
C GLN B 323 8.58 14.84 -27.83
N ALA B 324 8.45 14.37 -26.59
CA ALA B 324 7.46 14.93 -25.68
C ALA B 324 8.03 16.05 -24.83
N GLN B 325 7.16 16.97 -24.41
CA GLN B 325 7.55 18.10 -23.57
C GLN B 325 7.70 17.61 -22.15
N GLY B 326 8.83 17.90 -21.52
CA GLY B 326 9.00 17.46 -20.16
C GLY B 326 9.78 16.18 -20.00
N VAL B 327 9.81 15.69 -18.76
CA VAL B 327 10.55 14.50 -18.40
C VAL B 327 9.76 13.19 -18.47
N THR B 328 10.43 12.14 -18.93
CA THR B 328 9.83 10.82 -18.98
C THR B 328 10.76 9.92 -18.17
N VAL B 329 10.21 9.19 -17.21
CA VAL B 329 11.02 8.30 -16.39
C VAL B 329 10.69 6.84 -16.66
N ILE B 330 11.73 6.05 -16.90
CA ILE B 330 11.59 4.62 -17.14
C ILE B 330 12.43 3.94 -16.07
N LYS B 331 11.78 3.11 -15.27
CA LYS B 331 12.45 2.38 -14.19
C LYS B 331 11.86 0.98 -14.06
N ASP B 332 12.51 0.14 -13.26
CA ASP B 332 12.06 -1.25 -13.07
C ASP B 332 12.28 -1.98 -14.40
N ALA B 333 13.18 -1.45 -15.22
CA ALA B 333 13.45 -2.04 -16.52
C ALA B 333 14.88 -2.54 -16.67
N GLU B 334 15.44 -3.09 -15.60
CA GLU B 334 16.81 -3.59 -15.64
C GLU B 334 16.95 -4.72 -16.65
N GLU B 335 15.83 -5.36 -17.01
CA GLU B 335 15.85 -6.44 -17.98
C GLU B 335 16.38 -6.00 -19.35
N LEU B 336 16.28 -4.70 -19.64
CA LEU B 336 16.77 -4.17 -20.91
C LEU B 336 18.25 -4.40 -21.11
N LYS B 337 19.01 -4.45 -20.02
CA LYS B 337 20.44 -4.66 -20.09
C LYS B 337 20.82 -6.03 -20.63
N VAL B 338 19.90 -6.98 -20.58
CA VAL B 338 20.21 -8.33 -21.03
C VAL B 338 19.62 -8.76 -22.39
N LYS B 339 19.15 -7.79 -23.18
CA LYS B 339 18.57 -8.11 -24.49
C LYS B 339 19.63 -8.23 -25.59
N GLU B 340 19.20 -8.19 -26.85
CA GLU B 340 20.12 -8.30 -27.97
C GLU B 340 21.33 -7.41 -27.73
N THR B 341 21.10 -6.28 -27.07
CA THR B 341 22.16 -5.36 -26.69
C THR B 341 21.71 -4.86 -25.33
N ASP B 342 22.56 -4.10 -24.66
CA ASP B 342 22.21 -3.51 -23.39
C ASP B 342 21.37 -2.34 -23.87
N ARG B 343 20.06 -2.54 -23.97
CA ARG B 343 19.17 -1.52 -24.49
C ARG B 343 19.06 -0.21 -23.72
N ILE B 344 19.62 -0.15 -22.52
CA ILE B 344 19.61 1.10 -21.78
C ILE B 344 20.79 1.92 -22.33
N GLN B 345 21.97 1.33 -22.27
CA GLN B 345 23.18 2.01 -22.74
C GLN B 345 23.20 2.32 -24.24
N VAL B 346 22.92 1.32 -25.07
CA VAL B 346 22.94 1.53 -26.52
C VAL B 346 21.87 2.51 -27.01
N VAL B 347 20.69 2.49 -26.38
CA VAL B 347 19.62 3.40 -26.79
C VAL B 347 19.95 4.82 -26.35
N ALA B 348 20.48 4.95 -25.14
CA ALA B 348 20.87 6.26 -24.64
C ALA B 348 21.95 6.84 -25.54
N ASP B 349 22.99 6.04 -25.83
CA ASP B 349 24.09 6.49 -26.69
C ASP B 349 23.62 6.82 -28.10
N ALA B 350 22.81 5.95 -28.69
CA ALA B 350 22.31 6.17 -30.03
C ALA B 350 21.51 7.47 -30.14
N LEU B 351 20.45 7.61 -29.32
CA LEU B 351 19.63 8.81 -29.37
C LEU B 351 20.38 10.06 -28.92
N ASN B 352 21.24 9.93 -27.91
CA ASN B 352 22.00 11.09 -27.46
C ASN B 352 22.89 11.62 -28.60
N SER B 353 23.49 10.69 -29.36
CA SER B 353 24.34 11.11 -30.46
C SER B 353 23.52 11.84 -31.53
N MET B 354 22.19 11.76 -31.42
CA MET B 354 21.32 12.42 -32.41
C MET B 354 20.62 13.71 -31.92
N GLY B 355 20.93 14.19 -30.73
CA GLY B 355 20.25 15.39 -30.26
C GLY B 355 19.96 15.25 -28.79
N ALA B 356 20.51 14.17 -28.26
CA ALA B 356 20.50 13.77 -26.85
C ALA B 356 19.43 14.18 -25.86
N ASP B 357 19.86 14.12 -24.61
CA ASP B 357 19.13 14.43 -23.39
C ASP B 357 18.46 13.23 -22.74
N ILE B 358 19.21 12.15 -22.66
CA ILE B 358 18.74 10.93 -22.03
C ILE B 358 19.81 10.51 -21.03
N THR B 359 19.40 10.26 -19.80
CA THR B 359 20.31 9.82 -18.77
C THR B 359 20.01 8.37 -18.42
N PRO B 360 20.94 7.46 -18.76
CA PRO B 360 20.71 6.06 -18.45
C PRO B 360 20.89 5.79 -16.95
N THR B 361 20.14 4.81 -16.44
CA THR B 361 20.23 4.44 -15.03
C THR B 361 20.37 2.92 -14.95
N ALA B 362 20.58 2.40 -13.74
CA ALA B 362 20.72 0.97 -13.55
C ALA B 362 19.45 0.18 -13.86
N ASP B 363 18.30 0.86 -13.89
CA ASP B 363 17.05 0.16 -14.18
C ASP B 363 16.17 0.89 -15.20
N GLY B 364 16.77 1.76 -16.01
CA GLY B 364 15.99 2.47 -17.01
C GLY B 364 16.70 3.68 -17.56
N MET B 365 15.97 4.77 -17.72
CA MET B 365 16.54 6.00 -18.24
C MET B 365 15.65 7.20 -17.96
N ILE B 366 16.25 8.38 -17.95
CA ILE B 366 15.53 9.62 -17.72
C ILE B 366 15.62 10.38 -19.03
N ILE B 367 14.46 10.66 -19.64
CA ILE B 367 14.42 11.37 -20.92
C ILE B 367 13.77 12.75 -20.73
N LYS B 368 14.43 13.79 -21.22
CA LYS B 368 13.94 15.16 -21.05
C LYS B 368 13.53 15.99 -22.27
N GLY B 369 12.51 16.82 -22.05
CA GLY B 369 11.95 17.74 -23.04
C GLY B 369 11.92 17.32 -24.49
N LYS B 370 11.41 18.20 -25.35
CA LYS B 370 11.35 17.89 -26.78
C LYS B 370 12.67 18.25 -27.44
N SER B 371 13.26 17.30 -28.15
CA SER B 371 14.55 17.50 -28.82
C SER B 371 14.46 17.51 -30.32
N ALA B 372 15.18 18.43 -30.95
CA ALA B 372 15.26 18.53 -32.40
C ALA B 372 16.45 17.60 -32.70
N LEU B 373 16.23 16.57 -33.51
CA LEU B 373 17.30 15.62 -33.82
C LEU B 373 18.19 15.97 -35.00
N HIS B 374 19.44 15.53 -34.94
CA HIS B 374 20.39 15.79 -36.02
C HIS B 374 21.13 14.52 -36.43
N GLY B 375 21.89 14.62 -37.52
CA GLY B 375 22.62 13.48 -38.05
C GLY B 375 23.55 12.76 -37.08
N ALA B 376 23.88 11.52 -37.42
CA ALA B 376 24.75 10.68 -36.60
C ALA B 376 24.93 9.32 -37.27
N ARG B 377 25.89 8.55 -36.76
CA ARG B 377 26.16 7.22 -37.27
C ARG B 377 25.80 6.28 -36.13
N VAL B 378 25.02 5.25 -36.44
CA VAL B 378 24.59 4.29 -35.42
C VAL B 378 24.84 2.87 -35.86
N ASN B 379 25.33 2.04 -34.93
CA ASN B 379 25.59 0.64 -35.21
C ASN B 379 24.52 -0.12 -34.44
N THR B 380 23.87 -1.05 -35.11
CA THR B 380 22.83 -1.86 -34.49
C THR B 380 23.39 -2.85 -33.46
N PHE B 381 24.66 -3.21 -33.60
CA PHE B 381 25.29 -4.19 -32.72
C PHE B 381 24.51 -5.52 -32.71
N GLY B 382 23.83 -5.81 -33.82
CA GLY B 382 23.06 -7.05 -33.94
C GLY B 382 21.68 -7.03 -33.29
N ASP B 383 21.15 -5.83 -33.04
CA ASP B 383 19.85 -5.68 -32.40
C ASP B 383 18.86 -5.00 -33.36
N HIS B 384 17.93 -5.77 -33.90
CA HIS B 384 16.93 -5.26 -34.83
C HIS B 384 16.24 -3.96 -34.43
N ARG B 385 15.79 -3.85 -33.17
CA ARG B 385 15.08 -2.65 -32.75
C ARG B 385 15.94 -1.39 -32.65
N ILE B 386 17.24 -1.54 -32.50
CA ILE B 386 18.13 -0.38 -32.47
C ILE B 386 18.11 0.16 -33.89
N GLY B 387 18.09 -0.75 -34.85
CA GLY B 387 18.05 -0.36 -36.25
C GLY B 387 16.77 0.35 -36.64
N MET B 388 15.63 -0.25 -36.32
CA MET B 388 14.36 0.36 -36.67
C MET B 388 14.08 1.63 -35.86
N MET B 389 14.55 1.67 -34.62
CA MET B 389 14.37 2.86 -33.78
C MET B 389 15.12 4.01 -34.41
N THR B 390 16.33 3.72 -34.91
CA THR B 390 17.14 4.75 -35.55
C THR B 390 16.54 5.20 -36.87
N ALA B 391 15.94 4.27 -37.60
CA ALA B 391 15.33 4.61 -38.89
C ALA B 391 14.18 5.60 -38.72
N ILE B 392 13.35 5.39 -37.71
CA ILE B 392 12.25 6.31 -37.49
C ILE B 392 12.79 7.65 -36.98
N ALA B 393 13.82 7.60 -36.16
CA ALA B 393 14.43 8.81 -35.60
C ALA B 393 14.98 9.67 -36.75
N ALA B 394 15.58 9.00 -37.74
CA ALA B 394 16.17 9.68 -38.89
C ALA B 394 15.15 10.52 -39.66
N LEU B 395 13.91 10.07 -39.70
CA LEU B 395 12.85 10.78 -40.40
C LEU B 395 12.69 12.21 -39.88
N LEU B 396 13.01 12.42 -38.60
CA LEU B 396 12.89 13.73 -37.96
C LEU B 396 14.13 14.62 -38.08
N VAL B 397 15.20 14.10 -38.64
CA VAL B 397 16.41 14.91 -38.79
C VAL B 397 16.18 15.86 -39.96
N ALA B 398 16.05 17.16 -39.65
CA ALA B 398 15.80 18.16 -40.68
C ALA B 398 17.01 18.50 -41.54
N ASP B 399 18.20 18.50 -40.94
CA ASP B 399 19.41 18.82 -41.69
C ASP B 399 20.58 17.95 -41.24
N GLY B 400 20.94 16.97 -42.07
CA GLY B 400 22.05 16.09 -41.72
C GLY B 400 21.83 14.69 -42.24
N GLU B 401 22.83 13.83 -42.03
CA GLU B 401 22.74 12.45 -42.48
C GLU B 401 22.85 11.46 -41.32
N VAL B 402 22.25 10.30 -41.53
CA VAL B 402 22.29 9.24 -40.52
C VAL B 402 22.77 7.95 -41.19
N GLU B 403 23.91 7.44 -40.72
CA GLU B 403 24.51 6.21 -41.22
C GLU B 403 24.09 5.10 -40.26
N LEU B 404 23.52 4.01 -40.79
CA LEU B 404 23.12 2.89 -39.93
C LEU B 404 23.92 1.67 -40.35
N ASP B 405 24.88 1.29 -39.50
CA ASP B 405 25.72 0.13 -39.80
C ASP B 405 25.12 -1.16 -39.26
N ARG B 406 25.41 -2.26 -39.96
CA ARG B 406 24.89 -3.58 -39.59
C ARG B 406 23.37 -3.52 -39.52
N ALA B 407 22.76 -2.94 -40.55
CA ALA B 407 21.33 -2.78 -40.65
C ALA B 407 20.56 -4.08 -40.90
N GLU B 408 21.24 -5.08 -41.44
CA GLU B 408 20.58 -6.36 -41.73
C GLU B 408 20.05 -7.02 -40.44
N ALA B 409 20.41 -6.46 -39.28
CA ALA B 409 19.97 -6.99 -38.00
C ALA B 409 18.44 -6.93 -37.91
N ILE B 410 17.87 -5.96 -38.61
CA ILE B 410 16.42 -5.76 -38.65
C ILE B 410 15.69 -6.98 -39.21
N ASN B 411 16.35 -7.77 -40.04
CA ASN B 411 15.72 -8.95 -40.63
C ASN B 411 15.36 -10.03 -39.64
N THR B 412 15.81 -9.90 -38.40
CA THR B 412 15.51 -10.91 -37.40
C THR B 412 14.03 -10.90 -37.03
N SER B 413 13.37 -9.75 -37.17
CA SER B 413 11.96 -9.66 -36.83
C SER B 413 11.11 -8.90 -37.83
N TYR B 414 11.74 -8.13 -38.70
CA TYR B 414 10.97 -7.32 -39.65
C TYR B 414 11.71 -7.17 -40.99
N PRO B 415 11.81 -8.27 -41.76
CA PRO B 415 12.48 -8.27 -43.07
C PRO B 415 11.98 -7.22 -44.05
N SER B 416 10.69 -6.92 -44.02
CA SER B 416 10.12 -5.94 -44.94
C SER B 416 10.02 -4.52 -44.38
N PHE B 417 10.73 -4.24 -43.30
CA PHE B 417 10.67 -2.91 -42.67
C PHE B 417 10.83 -1.75 -43.66
N PHE B 418 11.92 -1.74 -44.40
CA PHE B 418 12.14 -0.64 -45.33
C PHE B 418 11.14 -0.58 -46.48
N ASP B 419 10.63 -1.74 -46.90
CA ASP B 419 9.62 -1.71 -47.96
C ASP B 419 8.38 -1.00 -47.41
N ASP B 420 8.04 -1.28 -46.16
CA ASP B 420 6.87 -0.66 -45.55
C ASP B 420 7.10 0.84 -45.37
N LEU B 421 8.33 1.21 -45.03
CA LEU B 421 8.66 2.63 -44.86
C LEU B 421 8.51 3.35 -46.20
N GLU B 422 9.06 2.75 -47.25
CA GLU B 422 8.98 3.33 -48.59
C GLU B 422 7.55 3.62 -49.00
N SER B 423 6.64 2.70 -48.71
CA SER B 423 5.24 2.84 -49.09
C SER B 423 4.54 3.99 -48.38
N LEU B 424 5.13 4.47 -47.29
CA LEU B 424 4.53 5.57 -46.54
C LEU B 424 5.06 6.93 -46.97
N ILE B 425 6.25 6.94 -47.56
CA ILE B 425 6.90 8.17 -48.01
C ILE B 425 6.03 9.04 -48.92
N HIS B 426 5.04 8.44 -49.57
CA HIS B 426 4.16 9.19 -50.45
C HIS B 426 2.90 8.42 -50.84
N GLY B 427 2.94 7.10 -50.66
CA GLY B 427 1.79 6.27 -50.99
C GLY B 427 1.26 5.54 -49.78
N MET C 1 -12.96 -16.20 45.82
CA MET C 1 -13.46 -15.06 46.64
C MET C 1 -14.66 -14.41 45.97
N LYS C 2 -15.45 -13.69 46.76
CA LYS C 2 -16.63 -13.02 46.25
C LYS C 2 -16.24 -11.59 45.87
N LEU C 3 -16.42 -11.24 44.60
CA LEU C 3 -16.06 -9.90 44.13
C LEU C 3 -17.18 -8.88 44.31
N LYS C 4 -16.79 -7.62 44.46
CA LYS C 4 -17.74 -6.54 44.64
C LYS C 4 -18.53 -6.36 43.34
N THR C 5 -19.86 -6.29 43.45
CA THR C 5 -20.71 -6.13 42.28
C THR C 5 -21.54 -4.87 42.37
N ASN C 6 -22.32 -4.62 41.32
CA ASN C 6 -23.19 -3.45 41.21
C ASN C 6 -22.39 -2.14 41.22
N ILE C 7 -22.00 -1.67 42.40
CA ILE C 7 -21.22 -0.43 42.55
C ILE C 7 -21.75 0.71 41.66
N ARG C 8 -22.14 1.81 42.28
CA ARG C 8 -22.69 2.93 41.52
C ARG C 8 -21.76 4.10 41.28
N HIS C 9 -20.70 4.24 42.08
CA HIS C 9 -19.77 5.35 41.89
C HIS C 9 -18.31 4.96 42.09
N LEU C 10 -17.43 5.59 41.30
CA LEU C 10 -15.99 5.35 41.40
C LEU C 10 -15.29 6.69 41.38
N HIS C 11 -14.72 7.09 42.51
CA HIS C 11 -14.03 8.37 42.61
C HIS C 11 -12.76 8.26 43.45
N GLY C 12 -11.72 8.99 43.06
CA GLY C 12 -10.49 8.95 43.82
C GLY C 12 -9.21 8.99 43.03
N ILE C 13 -8.10 9.23 43.72
CA ILE C 13 -6.79 9.29 43.10
C ILE C 13 -6.09 7.97 43.36
N ILE C 14 -5.41 7.44 42.35
CA ILE C 14 -4.68 6.20 42.48
C ILE C 14 -3.29 6.33 41.87
N ARG C 15 -2.29 5.83 42.58
CA ARG C 15 -0.91 5.83 42.08
C ARG C 15 -0.56 4.36 41.96
N VAL C 16 -0.73 3.83 40.75
CA VAL C 16 -0.45 2.42 40.50
C VAL C 16 1.00 2.07 40.80
N PRO C 17 1.26 0.80 41.18
CA PRO C 17 2.61 0.36 41.49
C PRO C 17 3.53 0.46 40.27
N GLY C 18 4.84 0.28 40.51
CA GLY C 18 5.81 0.39 39.45
C GLY C 18 5.66 -0.47 38.20
N ASP C 19 6.25 0.00 37.11
CA ASP C 19 6.20 -0.71 35.85
C ASP C 19 6.98 -2.01 35.96
N LYS C 20 6.29 -3.11 35.64
CA LYS C 20 6.88 -4.44 35.71
C LYS C 20 8.08 -4.63 34.80
N SER C 21 7.94 -4.24 33.53
CA SER C 21 9.03 -4.41 32.57
C SER C 21 10.30 -3.65 32.96
N ILE C 22 10.12 -2.43 33.45
CA ILE C 22 11.25 -1.61 33.87
C ILE C 22 11.84 -2.12 35.17
N SER C 23 10.99 -2.61 36.08
CA SER C 23 11.45 -3.14 37.36
C SER C 23 12.37 -4.34 37.14
N HIS C 24 11.95 -5.27 36.29
CA HIS C 24 12.75 -6.45 35.97
C HIS C 24 14.13 -6.01 35.48
N ARG C 25 14.12 -5.12 34.50
CA ARG C 25 15.34 -4.61 33.89
C ARG C 25 16.26 -3.83 34.82
N SER C 26 15.70 -3.16 35.83
CA SER C 26 16.54 -2.39 36.75
C SER C 26 17.44 -3.36 37.53
N ILE C 27 16.88 -4.52 37.84
CA ILE C 27 17.62 -5.54 38.56
C ILE C 27 18.69 -6.18 37.68
N ILE C 28 18.35 -6.38 36.41
CA ILE C 28 19.29 -7.00 35.47
C ILE C 28 20.44 -6.04 35.15
N PHE C 29 20.12 -4.81 34.77
CA PHE C 29 21.17 -3.83 34.48
C PHE C 29 21.97 -3.55 35.75
N GLY C 30 21.28 -3.48 36.88
CA GLY C 30 21.95 -3.22 38.14
C GLY C 30 22.95 -4.31 38.49
N SER C 31 22.64 -5.55 38.12
CA SER C 31 23.53 -6.68 38.40
C SER C 31 24.73 -6.75 37.47
N LEU C 32 24.50 -6.54 36.18
CA LEU C 32 25.56 -6.58 35.18
C LEU C 32 26.51 -5.37 35.17
N ALA C 33 26.04 -4.23 35.67
CA ALA C 33 26.85 -3.01 35.71
C ALA C 33 27.91 -3.04 36.81
N GLU C 34 28.83 -2.09 36.75
CA GLU C 34 29.86 -1.99 37.76
C GLU C 34 29.44 -0.87 38.70
N GLY C 35 29.59 -1.10 39.99
CA GLY C 35 29.18 -0.09 40.95
C GLY C 35 27.81 -0.40 41.50
N GLU C 36 27.31 0.52 42.32
CA GLU C 36 26.02 0.37 42.97
C GLU C 36 24.86 0.97 42.17
N THR C 37 23.70 0.30 42.26
CA THR C 37 22.47 0.75 41.60
C THR C 37 21.38 0.79 42.65
N LYS C 38 20.61 1.87 42.67
CA LYS C 38 19.51 2.02 43.63
C LYS C 38 18.21 2.15 42.83
N VAL C 39 17.20 1.39 43.22
CA VAL C 39 15.92 1.45 42.51
C VAL C 39 14.82 1.96 43.43
N TYR C 40 14.14 3.01 43.00
CA TYR C 40 13.08 3.62 43.79
C TYR C 40 11.70 3.30 43.19
N ASP C 41 10.73 3.05 44.07
CA ASP C 41 9.37 2.73 43.67
C ASP C 41 9.27 1.50 42.77
N ILE C 42 10.14 0.52 42.98
CA ILE C 42 10.13 -0.70 42.19
C ILE C 42 8.82 -1.46 42.45
N LEU C 43 8.41 -2.27 41.46
CA LEU C 43 7.21 -3.08 41.59
C LEU C 43 7.57 -4.25 42.50
N ARG C 44 6.77 -4.48 43.54
CA ARG C 44 7.04 -5.57 44.47
C ARG C 44 6.23 -6.82 44.09
N GLY C 45 5.80 -6.89 42.83
CA GLY C 45 5.03 -8.03 42.38
C GLY C 45 5.88 -9.29 42.47
N GLU C 46 5.25 -10.45 42.65
CA GLU C 46 6.01 -11.68 42.77
C GLU C 46 6.94 -11.91 41.59
N ASP C 47 6.51 -11.54 40.38
CA ASP C 47 7.35 -11.71 39.19
C ASP C 47 8.69 -10.99 39.35
N VAL C 48 8.68 -9.77 39.89
CA VAL C 48 9.92 -9.02 40.09
C VAL C 48 10.69 -9.65 41.26
N LEU C 49 9.97 -10.14 42.26
CA LEU C 49 10.59 -10.80 43.41
C LEU C 49 11.37 -12.03 42.92
N SER C 50 10.84 -12.69 41.90
CA SER C 50 11.51 -13.87 41.34
C SER C 50 12.81 -13.44 40.68
N THR C 51 12.75 -12.36 39.91
CA THR C 51 13.95 -11.87 39.22
C THR C 51 15.03 -11.52 40.25
N MET C 52 14.65 -10.84 41.32
CA MET C 52 15.63 -10.47 42.33
C MET C 52 16.27 -11.69 42.98
N GLN C 53 15.45 -12.66 43.38
CA GLN C 53 15.99 -13.85 44.04
C GLN C 53 16.89 -14.64 43.09
N VAL C 54 16.55 -14.64 41.81
CA VAL C 54 17.36 -15.35 40.82
C VAL C 54 18.77 -14.76 40.82
N PHE C 55 18.86 -13.43 40.84
CA PHE C 55 20.18 -12.83 40.84
C PHE C 55 20.92 -13.03 42.16
N ARG C 56 20.19 -13.13 43.26
CA ARG C 56 20.85 -13.40 44.54
C ARG C 56 21.45 -14.80 44.43
N ASP C 57 20.70 -15.72 43.82
CA ASP C 57 21.19 -17.09 43.65
C ASP C 57 22.42 -17.09 42.75
N LEU C 58 22.53 -16.07 41.91
CA LEU C 58 23.67 -15.94 41.00
C LEU C 58 24.81 -15.21 41.69
N GLY C 59 24.68 -15.00 43.01
CA GLY C 59 25.72 -14.34 43.77
C GLY C 59 25.63 -12.83 43.92
N VAL C 60 24.61 -12.21 43.32
CA VAL C 60 24.45 -10.77 43.41
C VAL C 60 23.81 -10.31 44.71
N GLU C 61 24.37 -9.27 45.31
CA GLU C 61 23.85 -8.70 46.55
C GLU C 61 22.72 -7.73 46.21
N ILE C 62 21.52 -8.05 46.67
CA ILE C 62 20.37 -7.20 46.41
C ILE C 62 19.59 -7.00 47.69
N GLU C 63 19.74 -5.81 48.27
CA GLU C 63 19.08 -5.48 49.53
C GLU C 63 17.82 -4.63 49.39
N ASP C 64 16.78 -5.03 50.11
CA ASP C 64 15.53 -4.28 50.11
C ASP C 64 15.42 -3.69 51.50
N LYS C 65 15.65 -2.39 51.60
CA LYS C 65 15.62 -1.71 52.88
C LYS C 65 14.94 -0.34 52.80
N ASP C 66 14.04 -0.10 53.74
CA ASP C 66 13.31 1.16 53.81
C ASP C 66 12.70 1.57 52.46
N GLY C 67 12.21 0.58 51.70
CA GLY C 67 11.59 0.85 50.43
C GLY C 67 12.50 1.06 49.24
N VAL C 68 13.80 0.93 49.46
CA VAL C 68 14.77 1.12 48.39
C VAL C 68 15.52 -0.17 48.08
N ILE C 69 15.69 -0.46 46.79
CA ILE C 69 16.41 -1.66 46.38
C ILE C 69 17.83 -1.23 46.04
N THR C 70 18.82 -1.82 46.71
CA THR C 70 20.21 -1.49 46.43
C THR C 70 20.92 -2.73 45.90
N VAL C 71 21.49 -2.59 44.70
CA VAL C 71 22.20 -3.68 44.05
C VAL C 71 23.68 -3.38 43.91
N GLN C 72 24.52 -4.34 44.27
CA GLN C 72 25.96 -4.21 44.13
C GLN C 72 26.32 -4.94 42.84
N GLY C 73 26.53 -4.19 41.77
CA GLY C 73 26.87 -4.77 40.48
C GLY C 73 28.07 -5.70 40.53
N VAL C 74 28.05 -6.74 39.70
CA VAL C 74 29.15 -7.71 39.65
C VAL C 74 29.90 -7.68 38.34
N GLY C 75 29.53 -6.76 37.45
CA GLY C 75 30.20 -6.67 36.17
C GLY C 75 29.57 -7.54 35.12
N MET C 76 29.89 -7.28 33.85
CA MET C 76 29.33 -8.03 32.73
C MET C 76 29.64 -9.53 32.78
N ALA C 77 30.68 -9.91 33.50
CA ALA C 77 31.04 -11.32 33.61
C ALA C 77 31.22 -11.71 35.07
N GLY C 78 30.38 -11.15 35.94
CA GLY C 78 30.50 -11.43 37.36
C GLY C 78 29.47 -12.38 37.96
N LEU C 79 28.48 -12.79 37.18
CA LEU C 79 27.47 -13.71 37.71
C LEU C 79 28.14 -15.05 37.99
N LYS C 80 27.74 -15.71 39.07
CA LYS C 80 28.34 -16.97 39.45
C LYS C 80 27.37 -18.16 39.45
N ALA C 81 27.91 -19.35 39.26
CA ALA C 81 27.09 -20.56 39.22
C ALA C 81 26.21 -20.67 40.46
N PRO C 82 24.89 -20.86 40.26
CA PRO C 82 23.95 -20.97 41.38
C PRO C 82 24.05 -22.31 42.10
N GLN C 83 23.54 -22.35 43.31
CA GLN C 83 23.57 -23.56 44.11
C GLN C 83 22.49 -24.53 43.63
N ASN C 84 21.30 -24.00 43.40
CA ASN C 84 20.17 -24.79 42.95
C ASN C 84 19.55 -24.27 41.65
N ALA C 85 18.42 -24.84 41.27
CA ALA C 85 17.71 -24.45 40.06
C ALA C 85 17.13 -23.04 40.27
N LEU C 86 17.14 -22.24 39.20
CA LEU C 86 16.63 -20.88 39.29
C LEU C 86 15.12 -20.88 39.11
N ASN C 87 14.42 -20.37 40.12
CA ASN C 87 12.96 -20.34 40.13
C ASN C 87 12.38 -19.08 39.48
N MET C 88 11.92 -19.22 38.24
CA MET C 88 11.33 -18.11 37.50
C MET C 88 9.87 -17.84 37.86
N GLY C 89 9.30 -18.69 38.71
CA GLY C 89 7.92 -18.52 39.12
C GLY C 89 6.92 -18.46 37.97
N ASN C 90 6.18 -17.35 37.88
CA ASN C 90 5.18 -17.14 36.83
C ASN C 90 5.70 -16.15 35.81
N SER C 91 6.97 -15.79 35.93
CA SER C 91 7.57 -14.77 35.07
C SER C 91 8.23 -15.18 33.76
N GLY C 92 7.56 -14.91 32.65
CA GLY C 92 8.13 -15.22 31.35
C GLY C 92 9.26 -14.22 31.09
N THR C 93 9.03 -12.96 31.48
CA THR C 93 10.03 -11.91 31.29
C THR C 93 11.35 -12.29 31.94
N SER C 94 11.27 -12.92 33.11
CA SER C 94 12.46 -13.33 33.85
C SER C 94 13.25 -14.40 33.13
N ILE C 95 12.59 -15.52 32.84
CA ILE C 95 13.28 -16.62 32.18
C ILE C 95 13.76 -16.26 30.77
N ARG C 96 12.96 -15.52 30.01
CA ARG C 96 13.37 -15.15 28.65
C ARG C 96 14.54 -14.17 28.64
N LEU C 97 14.46 -13.09 29.43
CA LEU C 97 15.56 -12.13 29.45
C LEU C 97 16.82 -12.71 30.08
N ILE C 98 16.66 -13.35 31.23
CA ILE C 98 17.80 -13.93 31.93
C ILE C 98 18.52 -15.00 31.12
N SER C 99 17.82 -15.66 30.20
CA SER C 99 18.45 -16.67 29.37
C SER C 99 19.53 -16.00 28.53
N GLY C 100 19.22 -14.80 28.05
CA GLY C 100 20.17 -14.05 27.26
C GLY C 100 21.26 -13.51 28.16
N VAL C 101 20.89 -13.14 29.39
CA VAL C 101 21.83 -12.60 30.35
C VAL C 101 22.94 -13.60 30.66
N LEU C 102 22.57 -14.86 30.79
CA LEU C 102 23.52 -15.95 31.10
C LEU C 102 24.22 -16.52 29.87
N ALA C 103 24.00 -15.91 28.72
CA ALA C 103 24.59 -16.39 27.48
C ALA C 103 26.12 -16.48 27.57
N GLY C 104 26.72 -15.62 28.39
CA GLY C 104 28.17 -15.65 28.54
C GLY C 104 28.65 -16.30 29.82
N ALA C 105 27.74 -16.89 30.59
CA ALA C 105 28.09 -17.55 31.85
C ALA C 105 28.73 -18.90 31.60
N ASP C 106 29.97 -19.07 32.05
CA ASP C 106 30.70 -20.31 31.84
C ASP C 106 30.32 -21.38 32.85
N PHE C 107 29.05 -21.75 32.86
CA PHE C 107 28.55 -22.77 33.75
C PHE C 107 27.12 -23.14 33.36
N GLU C 108 26.62 -24.25 33.88
CA GLU C 108 25.29 -24.72 33.56
C GLU C 108 24.27 -24.36 34.62
N VAL C 109 23.07 -24.01 34.18
CA VAL C 109 22.00 -23.68 35.10
C VAL C 109 20.71 -24.35 34.68
N GLU C 110 19.80 -24.50 35.64
CA GLU C 110 18.51 -25.10 35.42
C GLU C 110 17.47 -24.03 35.76
N MET C 111 16.53 -23.81 34.86
CA MET C 111 15.49 -22.82 35.10
C MET C 111 14.11 -23.46 34.98
N PHE C 112 13.27 -23.22 35.99
CA PHE C 112 11.93 -23.78 36.00
C PHE C 112 10.93 -22.71 36.44
N GLY C 113 9.65 -22.97 36.17
CA GLY C 113 8.60 -22.04 36.55
C GLY C 113 7.38 -22.79 37.04
N ASP C 114 6.30 -22.08 37.34
CA ASP C 114 5.08 -22.72 37.83
C ASP C 114 4.32 -23.43 36.69
N ASP C 115 3.10 -23.87 37.00
CA ASP C 115 2.26 -24.56 36.03
C ASP C 115 1.95 -23.70 34.81
N SER C 116 1.82 -22.39 35.03
CA SER C 116 1.52 -21.47 33.93
C SER C 116 2.70 -21.26 33.01
N LEU C 117 3.88 -21.04 33.59
CA LEU C 117 5.09 -20.79 32.81
C LEU C 117 5.60 -22.02 32.07
N SER C 118 5.44 -23.19 32.67
CA SER C 118 5.89 -24.44 32.07
C SER C 118 5.17 -24.79 30.77
N LYS C 119 4.05 -24.11 30.50
CA LYS C 119 3.27 -24.34 29.29
C LYS C 119 3.60 -23.35 28.18
N ARG C 120 4.58 -22.48 28.42
CA ARG C 120 4.92 -21.46 27.42
C ARG C 120 6.24 -21.75 26.71
N PRO C 121 6.28 -21.49 25.39
CA PRO C 121 7.43 -21.70 24.51
C PRO C 121 8.66 -20.82 24.72
N MET C 122 9.82 -21.45 24.79
CA MET C 122 11.10 -20.76 24.97
C MET C 122 11.95 -20.91 23.71
N ASP C 123 11.39 -21.57 22.70
CA ASP C 123 12.10 -21.79 21.46
C ASP C 123 12.41 -20.45 20.78
N ARG C 124 11.54 -19.47 20.97
CA ARG C 124 11.74 -18.15 20.40
C ARG C 124 13.07 -17.54 20.85
N VAL C 125 13.58 -17.95 22.01
CA VAL C 125 14.86 -17.41 22.48
C VAL C 125 15.97 -18.43 22.36
N THR C 126 15.65 -19.72 22.46
CA THR C 126 16.67 -20.76 22.36
C THR C 126 17.28 -20.81 20.96
N LEU C 127 16.45 -20.66 19.93
CA LEU C 127 16.93 -20.70 18.56
C LEU C 127 18.01 -19.65 18.29
N PRO C 128 17.68 -18.35 18.44
CA PRO C 128 18.71 -17.34 18.20
C PRO C 128 19.90 -17.46 19.14
N LEU C 129 19.61 -17.80 20.39
CA LEU C 129 20.68 -17.95 21.39
C LEU C 129 21.67 -19.05 21.02
N LYS C 130 21.18 -20.18 20.51
CA LYS C 130 22.07 -21.27 20.13
C LYS C 130 22.99 -20.84 18.99
N LYS C 131 22.51 -19.92 18.16
CA LYS C 131 23.30 -19.41 17.04
C LYS C 131 24.57 -18.73 17.54
N MET C 132 24.47 -18.08 18.69
CA MET C 132 25.60 -17.37 19.28
C MET C 132 26.59 -18.33 19.94
N GLY C 133 26.16 -19.58 20.14
CA GLY C 133 27.03 -20.58 20.74
C GLY C 133 26.55 -21.01 22.11
N VAL C 134 25.35 -20.59 22.47
CA VAL C 134 24.78 -20.94 23.77
C VAL C 134 24.08 -22.29 23.70
N SER C 135 24.24 -23.08 24.76
CA SER C 135 23.60 -24.39 24.82
C SER C 135 22.39 -24.30 25.73
N ILE C 136 21.20 -24.30 25.14
CA ILE C 136 19.96 -24.22 25.89
C ILE C 136 18.91 -25.15 25.28
N SER C 137 18.15 -25.82 26.12
CA SER C 137 17.11 -26.72 25.64
C SER C 137 16.02 -26.88 26.68
N GLY C 138 14.80 -27.10 26.19
CA GLY C 138 13.67 -27.29 27.06
C GLY C 138 13.01 -28.63 26.75
N GLN C 139 11.75 -28.75 27.11
CA GLN C 139 11.01 -29.98 26.86
C GLN C 139 10.20 -29.78 25.59
N THR C 140 10.32 -30.72 24.65
CA THR C 140 9.61 -30.66 23.38
C THR C 140 10.34 -29.70 22.44
N GLU C 141 10.01 -29.73 21.16
CA GLU C 141 10.66 -28.86 20.19
C GLU C 141 10.31 -27.40 20.50
N ARG C 142 9.30 -27.20 21.34
CA ARG C 142 8.87 -25.87 21.73
C ARG C 142 9.75 -25.35 22.87
N ASP C 143 10.66 -26.19 23.34
CA ASP C 143 11.55 -25.84 24.44
C ASP C 143 10.80 -25.23 25.62
N LEU C 144 9.83 -25.97 26.14
CA LEU C 144 9.05 -25.50 27.29
C LEU C 144 9.89 -25.69 28.55
N PRO C 145 9.65 -24.88 29.59
CA PRO C 145 10.43 -25.04 30.83
C PRO C 145 10.11 -26.42 31.39
N PRO C 146 11.02 -27.01 32.17
CA PRO C 146 12.33 -26.53 32.61
C PRO C 146 13.39 -26.46 31.51
N LEU C 147 14.24 -25.45 31.59
CA LEU C 147 15.30 -25.25 30.62
C LEU C 147 16.66 -25.58 31.23
N ARG C 148 17.60 -25.97 30.37
CA ARG C 148 18.96 -26.28 30.79
C ARG C 148 19.78 -25.27 30.01
N LEU C 149 20.63 -24.51 30.71
CA LEU C 149 21.44 -23.50 30.03
C LEU C 149 22.92 -23.57 30.37
N LYS C 150 23.75 -23.56 29.34
CA LYS C 150 25.19 -23.59 29.50
C LYS C 150 25.76 -22.51 28.59
N GLY C 151 26.20 -21.41 29.18
CA GLY C 151 26.75 -20.31 28.41
C GLY C 151 28.16 -20.57 27.90
N THR C 152 28.70 -19.62 27.15
CA THR C 152 30.04 -19.75 26.59
C THR C 152 30.87 -18.48 26.74
N LYS C 153 32.17 -18.67 26.93
CA LYS C 153 33.09 -17.55 27.08
C LYS C 153 33.51 -17.03 25.70
N ASN C 154 33.04 -17.70 24.66
CA ASN C 154 33.36 -17.29 23.31
C ASN C 154 32.08 -16.99 22.53
N LEU C 155 31.25 -16.13 23.09
CA LEU C 155 30.01 -15.76 22.44
C LEU C 155 30.27 -15.12 21.08
N ARG C 156 29.41 -15.44 20.13
CA ARG C 156 29.52 -14.89 18.80
C ARG C 156 28.38 -13.90 18.60
N PRO C 157 28.67 -12.71 18.08
CA PRO C 157 27.63 -11.70 17.86
C PRO C 157 26.42 -12.30 17.14
N ILE C 158 25.25 -11.73 17.39
CA ILE C 158 24.03 -12.25 16.78
C ILE C 158 23.47 -11.37 15.66
N HIS C 159 23.03 -12.01 14.59
CA HIS C 159 22.41 -11.34 13.46
C HIS C 159 21.09 -12.09 13.35
N TYR C 160 20.02 -11.43 13.74
CA TYR C 160 18.74 -12.12 13.72
C TYR C 160 17.53 -11.24 13.49
N GLU C 161 16.66 -11.71 12.61
CA GLU C 161 15.44 -11.00 12.28
C GLU C 161 14.35 -11.77 13.04
N LEU C 162 13.78 -11.14 14.06
CA LEU C 162 12.73 -11.78 14.84
C LEU C 162 11.50 -12.11 14.01
N PRO C 163 10.98 -13.35 14.14
CA PRO C 163 9.80 -13.79 13.40
C PRO C 163 8.50 -13.26 14.02
N ILE C 164 8.57 -12.88 15.30
CA ILE C 164 7.39 -12.36 16.00
C ILE C 164 7.70 -11.04 16.69
N ALA C 165 6.65 -10.24 16.93
CA ALA C 165 6.79 -8.94 17.58
C ALA C 165 7.01 -9.06 19.09
N SER C 166 8.15 -9.61 19.47
CA SER C 166 8.48 -9.82 20.88
C SER C 166 9.59 -8.93 21.42
N ALA C 167 9.28 -8.17 22.47
CA ALA C 167 10.28 -7.30 23.09
C ALA C 167 11.22 -8.15 23.94
N GLN C 168 10.72 -9.27 24.44
CA GLN C 168 11.52 -10.17 25.28
C GLN C 168 12.66 -10.79 24.50
N VAL C 169 12.37 -11.31 23.30
CA VAL C 169 13.41 -11.93 22.47
C VAL C 169 14.44 -10.88 22.10
N LYS C 170 13.97 -9.68 21.76
CA LYS C 170 14.88 -8.58 21.43
C LYS C 170 15.78 -8.29 22.63
N SER C 171 15.16 -8.16 23.79
CA SER C 171 15.89 -7.87 25.02
C SER C 171 16.92 -8.93 25.37
N ALA C 172 16.52 -10.19 25.30
CA ALA C 172 17.41 -11.29 25.61
C ALA C 172 18.65 -11.25 24.72
N LEU C 173 18.43 -11.01 23.43
CA LEU C 173 19.53 -10.96 22.47
C LEU C 173 20.42 -9.75 22.73
N MET C 174 19.81 -8.64 23.12
CA MET C 174 20.57 -7.44 23.42
C MET C 174 21.51 -7.70 24.59
N PHE C 175 20.99 -8.35 25.64
CA PHE C 175 21.83 -8.66 26.81
C PHE C 175 22.96 -9.59 26.42
N ALA C 176 22.68 -10.52 25.50
CA ALA C 176 23.70 -11.45 25.05
C ALA C 176 24.75 -10.73 24.22
N ALA C 177 24.32 -9.77 23.39
CA ALA C 177 25.22 -9.01 22.53
C ALA C 177 26.21 -8.18 23.34
N LEU C 178 25.77 -7.72 24.50
CA LEU C 178 26.60 -6.92 25.39
C LEU C 178 27.85 -7.69 25.83
N GLN C 179 27.76 -9.01 25.82
CA GLN C 179 28.87 -9.87 26.25
C GLN C 179 29.60 -10.49 25.07
N ALA C 180 29.01 -10.43 23.89
CA ALA C 180 29.64 -11.00 22.71
C ALA C 180 30.74 -10.07 22.19
N LYS C 181 31.69 -10.64 21.46
CA LYS C 181 32.80 -9.86 20.91
C LYS C 181 32.50 -9.58 19.44
N GLY C 182 32.01 -8.39 19.14
CA GLY C 182 31.70 -8.06 17.77
C GLY C 182 30.39 -7.31 17.64
N GLU C 183 30.01 -6.99 16.41
CA GLU C 183 28.77 -6.25 16.16
C GLU C 183 27.57 -7.15 15.92
N SER C 184 26.52 -6.94 16.72
CA SER C 184 25.29 -7.69 16.59
C SER C 184 24.26 -6.78 15.93
N VAL C 185 23.35 -7.39 15.17
CA VAL C 185 22.30 -6.62 14.52
C VAL C 185 21.00 -7.38 14.76
N ILE C 186 20.10 -6.75 15.50
CA ILE C 186 18.81 -7.34 15.84
C ILE C 186 17.72 -6.54 15.16
N ILE C 187 16.89 -7.22 14.36
CA ILE C 187 15.83 -6.53 13.64
C ILE C 187 14.44 -6.93 14.11
N GLU C 188 13.66 -5.92 14.52
CA GLU C 188 12.30 -6.14 14.99
C GLU C 188 11.33 -6.36 13.82
N LYS C 189 10.39 -7.27 14.03
CA LYS C 189 9.37 -7.57 13.03
C LYS C 189 8.44 -6.37 13.07
N GLU C 190 8.25 -5.86 14.29
CA GLU C 190 7.40 -4.70 14.54
C GLU C 190 7.93 -4.04 15.80
N TYR C 191 7.73 -2.73 15.91
CA TYR C 191 8.21 -2.00 17.08
C TYR C 191 7.52 -2.52 18.35
N THR C 192 8.34 -2.92 19.32
CA THR C 192 7.85 -3.41 20.60
C THR C 192 8.41 -2.51 21.70
N ARG C 193 7.87 -2.59 22.91
CA ARG C 193 8.37 -1.71 23.97
C ARG C 193 9.90 -1.69 23.97
N ASN C 194 10.44 -0.47 24.01
CA ASN C 194 11.89 -0.25 23.95
C ASN C 194 12.61 0.07 25.27
N HIS C 195 12.12 -0.48 26.39
CA HIS C 195 12.74 -0.20 27.68
C HIS C 195 14.20 -0.66 27.77
N THR C 196 14.51 -1.80 27.17
CA THR C 196 15.88 -2.28 27.21
C THR C 196 16.80 -1.26 26.52
N GLU C 197 16.34 -0.72 25.40
CA GLU C 197 17.11 0.27 24.65
C GLU C 197 17.35 1.54 25.48
N ASP C 198 16.27 2.06 26.08
CA ASP C 198 16.35 3.26 26.90
C ASP C 198 17.30 3.10 28.07
N MET C 199 17.09 2.02 28.82
CA MET C 199 17.90 1.75 30.00
C MET C 199 19.35 1.37 29.68
N LEU C 200 19.60 0.81 28.49
CA LEU C 200 20.98 0.48 28.15
C LEU C 200 21.77 1.79 28.15
N GLN C 201 21.20 2.82 27.53
CA GLN C 201 21.83 4.12 27.44
C GLN C 201 21.96 4.76 28.81
N GLN C 202 20.94 4.60 29.65
CA GLN C 202 20.94 5.16 30.99
C GLN C 202 22.08 4.57 31.81
N PHE C 203 22.44 3.32 31.55
CA PHE C 203 23.51 2.67 32.29
C PHE C 203 24.88 2.82 31.63
N GLY C 204 25.02 3.83 30.79
CA GLY C 204 26.29 4.10 30.12
C GLY C 204 26.58 3.25 28.90
N GLY C 205 25.62 2.44 28.50
CA GLY C 205 25.82 1.59 27.34
C GLY C 205 25.59 2.30 26.03
N HIS C 206 25.86 1.61 24.92
CA HIS C 206 25.68 2.19 23.61
C HIS C 206 25.02 1.24 22.62
N LEU C 207 24.23 1.81 21.71
CA LEU C 207 23.54 1.05 20.68
C LEU C 207 23.17 2.01 19.56
N SER C 208 22.77 1.47 18.42
CA SER C 208 22.37 2.28 17.29
C SER C 208 21.01 1.79 16.80
N VAL C 209 20.03 2.68 16.80
CA VAL C 209 18.70 2.31 16.34
C VAL C 209 18.36 3.00 15.02
N ASP C 210 18.06 2.17 14.02
CA ASP C 210 17.71 2.65 12.69
C ASP C 210 16.40 2.00 12.27
N GLY C 211 15.27 2.60 12.65
CA GLY C 211 13.98 2.04 12.30
C GLY C 211 13.89 0.52 12.26
N LYS C 212 13.58 -0.08 13.40
CA LYS C 212 13.44 -1.52 13.53
C LYS C 212 14.76 -2.30 13.62
N LYS C 213 15.82 -1.79 13.00
CA LYS C 213 17.11 -2.48 13.08
C LYS C 213 17.94 -1.88 14.21
N ILE C 214 18.34 -2.73 15.14
CA ILE C 214 19.11 -2.32 16.31
C ILE C 214 20.50 -2.91 16.28
N THR C 215 21.52 -2.05 16.35
CA THR C 215 22.90 -2.53 16.32
C THR C 215 23.57 -2.37 17.68
N VAL C 216 24.19 -3.45 18.15
CA VAL C 216 24.87 -3.45 19.44
C VAL C 216 26.25 -4.05 19.33
N GLN C 217 27.25 -3.26 19.70
CA GLN C 217 28.64 -3.69 19.67
C GLN C 217 28.98 -4.26 21.05
N GLY C 218 29.75 -5.33 21.08
CA GLY C 218 30.13 -5.94 22.33
C GLY C 218 31.59 -6.31 22.36
N PRO C 219 32.19 -6.50 23.54
CA PRO C 219 31.57 -6.38 24.87
C PRO C 219 31.45 -4.93 25.35
N GLN C 220 30.52 -4.68 26.26
CA GLN C 220 30.34 -3.35 26.82
C GLN C 220 30.43 -3.42 28.33
N LYS C 221 30.73 -2.27 28.93
CA LYS C 221 30.84 -2.16 30.38
C LYS C 221 29.78 -1.15 30.80
N LEU C 222 29.04 -1.48 31.85
CA LEU C 222 27.97 -0.61 32.33
C LEU C 222 28.29 -0.06 33.72
N THR C 223 27.66 1.05 34.06
CA THR C 223 27.88 1.71 35.35
C THR C 223 26.57 1.83 36.12
N GLY C 224 26.61 1.48 37.40
CA GLY C 224 25.43 1.53 38.24
C GLY C 224 24.73 2.87 38.23
N GLN C 225 23.40 2.85 38.36
CA GLN C 225 22.60 4.07 38.34
C GLN C 225 21.53 4.10 39.41
N LYS C 226 20.91 5.26 39.53
CA LYS C 226 19.79 5.46 40.44
C LYS C 226 18.64 5.36 39.44
N VAL C 227 17.68 4.50 39.71
CA VAL C 227 16.56 4.35 38.79
C VAL C 227 15.22 4.57 39.47
N VAL C 228 14.44 5.48 38.90
CA VAL C 228 13.11 5.77 39.44
C VAL C 228 12.10 5.12 38.52
N VAL C 229 11.39 4.12 39.05
CA VAL C 229 10.40 3.39 38.27
C VAL C 229 9.04 4.07 38.24
N PRO C 230 8.54 4.36 37.03
CA PRO C 230 7.24 5.03 36.91
C PRO C 230 6.12 4.00 37.07
N GLY C 231 4.90 4.48 37.31
CA GLY C 231 3.78 3.57 37.46
C GLY C 231 3.54 2.82 36.15
N ASP C 232 3.03 1.59 36.26
CA ASP C 232 2.78 0.75 35.09
C ASP C 232 1.46 1.13 34.43
N ILE C 233 1.52 1.48 33.15
CA ILE C 233 0.30 1.84 32.45
C ILE C 233 -0.57 0.60 32.31
N SER C 234 0.05 -0.58 32.31
CA SER C 234 -0.70 -1.83 32.20
C SER C 234 -1.56 -2.02 33.45
N SER C 235 -1.07 -1.53 34.60
CA SER C 235 -1.83 -1.63 35.84
C SER C 235 -2.88 -0.53 35.87
N ALA C 236 -2.49 0.64 35.36
CA ALA C 236 -3.41 1.78 35.32
C ALA C 236 -4.59 1.48 34.38
N ALA C 237 -4.32 0.68 33.35
CA ALA C 237 -5.34 0.32 32.37
C ALA C 237 -6.62 -0.24 33.00
N PHE C 238 -6.50 -0.97 34.10
CA PHE C 238 -7.68 -1.51 34.75
C PHE C 238 -8.57 -0.39 35.28
N TRP C 239 -7.95 0.69 35.72
CA TRP C 239 -8.69 1.84 36.23
C TRP C 239 -9.16 2.72 35.10
N LEU C 240 -8.39 2.78 34.03
CA LEU C 240 -8.79 3.58 32.88
C LEU C 240 -10.14 3.04 32.40
N VAL C 241 -10.23 1.72 32.25
CA VAL C 241 -11.46 1.08 31.79
C VAL C 241 -12.60 1.18 32.81
N ALA C 242 -12.29 0.98 34.08
CA ALA C 242 -13.31 1.07 35.12
C ALA C 242 -13.97 2.44 35.08
N GLY C 243 -13.14 3.48 35.05
CA GLY C 243 -13.68 4.84 35.03
C GLY C 243 -14.60 5.12 33.86
N LEU C 244 -14.27 4.57 32.70
CA LEU C 244 -15.08 4.77 31.49
C LEU C 244 -16.35 3.93 31.53
N ILE C 245 -16.20 2.72 32.05
CA ILE C 245 -17.28 1.74 32.12
C ILE C 245 -18.31 1.85 33.23
N ALA C 246 -17.88 2.16 34.46
CA ALA C 246 -18.80 2.27 35.58
C ALA C 246 -19.54 3.61 35.57
N PRO C 247 -20.77 3.62 36.12
CA PRO C 247 -21.58 4.85 36.16
C PRO C 247 -21.07 5.86 37.18
N ASN C 248 -21.35 7.14 36.92
CA ASN C 248 -20.94 8.22 37.80
C ASN C 248 -19.52 8.07 38.33
N SER C 249 -18.57 7.87 37.42
CA SER C 249 -17.17 7.70 37.79
C SER C 249 -16.24 8.80 37.27
N ARG C 250 -15.20 9.07 38.03
CA ARG C 250 -14.19 10.08 37.71
C ARG C 250 -12.91 9.62 38.44
N LEU C 251 -12.01 8.99 37.69
CA LEU C 251 -10.78 8.48 38.28
C LEU C 251 -9.54 9.20 37.78
N VAL C 252 -8.63 9.52 38.70
CA VAL C 252 -7.38 10.19 38.35
C VAL C 252 -6.20 9.29 38.69
N LEU C 253 -5.41 8.96 37.67
CA LEU C 253 -4.27 8.07 37.84
C LEU C 253 -2.98 8.86 37.69
N GLN C 254 -2.24 9.00 38.79
CA GLN C 254 -1.00 9.76 38.76
C GLN C 254 0.24 8.90 38.50
N ASN C 255 1.31 9.56 38.08
CA ASN C 255 2.60 8.93 37.83
C ASN C 255 2.56 7.68 36.94
N VAL C 256 1.82 7.77 35.83
CA VAL C 256 1.72 6.65 34.91
C VAL C 256 2.69 6.80 33.73
N GLY C 257 3.51 5.78 33.50
CA GLY C 257 4.45 5.85 32.40
C GLY C 257 3.68 6.09 31.11
N ILE C 258 4.26 6.86 30.20
CA ILE C 258 3.57 7.15 28.95
C ILE C 258 4.45 6.96 27.69
N ASN C 259 5.35 5.98 27.76
CA ASN C 259 6.23 5.64 26.64
C ASN C 259 5.35 5.24 25.44
N GLU C 260 5.55 5.92 24.31
CA GLU C 260 4.76 5.64 23.11
C GLU C 260 4.65 4.18 22.69
N THR C 261 5.60 3.34 23.12
CA THR C 261 5.56 1.93 22.76
C THR C 261 4.72 1.11 23.75
N ARG C 262 4.02 1.78 24.65
CA ARG C 262 3.19 1.10 25.63
C ARG C 262 1.83 1.78 25.79
N THR C 263 1.59 2.85 25.03
CA THR C 263 0.33 3.58 25.14
C THR C 263 -0.80 3.18 24.19
N GLY C 264 -0.74 1.95 23.68
CA GLY C 264 -1.78 1.49 22.77
C GLY C 264 -3.19 1.66 23.29
N ILE C 265 -3.41 1.41 24.58
CA ILE C 265 -4.76 1.54 25.11
C ILE C 265 -5.25 2.98 25.05
N ILE C 266 -4.34 3.95 25.06
CA ILE C 266 -4.75 5.35 24.97
C ILE C 266 -5.41 5.59 23.61
N ASP C 267 -4.75 5.12 22.54
CA ASP C 267 -5.29 5.27 21.20
C ASP C 267 -6.66 4.61 21.09
N VAL C 268 -6.81 3.44 21.69
CA VAL C 268 -8.09 2.73 21.64
C VAL C 268 -9.20 3.48 22.34
N ILE C 269 -8.91 4.02 23.52
CA ILE C 269 -9.90 4.77 24.29
C ILE C 269 -10.39 5.97 23.47
N ARG C 270 -9.46 6.64 22.80
CA ARG C 270 -9.80 7.78 21.96
C ARG C 270 -10.70 7.32 20.81
N ALA C 271 -10.28 6.26 20.14
CA ALA C 271 -11.04 5.71 19.02
C ALA C 271 -12.47 5.34 19.40
N MET C 272 -12.65 4.86 20.63
CA MET C 272 -13.97 4.46 21.10
C MET C 272 -14.81 5.60 21.64
N GLY C 273 -14.20 6.77 21.78
CA GLY C 273 -14.93 7.92 22.28
C GLY C 273 -14.94 8.08 23.78
N GLY C 274 -13.99 7.46 24.47
CA GLY C 274 -13.94 7.57 25.92
C GLY C 274 -13.42 8.93 26.35
N LYS C 275 -13.83 9.40 27.52
CA LYS C 275 -13.37 10.69 28.04
C LYS C 275 -12.07 10.52 28.80
N LEU C 276 -10.97 10.90 28.16
CA LEU C 276 -9.65 10.78 28.74
C LEU C 276 -8.93 12.13 28.69
N GLU C 277 -8.23 12.43 29.79
CA GLU C 277 -7.48 13.67 29.88
C GLU C 277 -6.07 13.34 30.33
N ILE C 278 -5.08 13.86 29.62
CA ILE C 278 -3.68 13.63 29.95
C ILE C 278 -3.11 14.95 30.45
N THR C 279 -2.81 15.03 31.74
CA THR C 279 -2.24 16.24 32.34
C THR C 279 -0.94 15.96 33.08
N GLU C 280 -0.33 17.04 33.59
CA GLU C 280 0.93 16.96 34.33
C GLU C 280 1.96 16.05 33.67
N ILE C 281 2.23 16.31 32.39
CA ILE C 281 3.19 15.52 31.65
C ILE C 281 4.64 15.84 32.01
N ASP C 282 5.39 14.79 32.30
CA ASP C 282 6.81 14.92 32.65
C ASP C 282 7.57 14.49 31.40
N PRO C 283 8.05 15.46 30.60
CA PRO C 283 8.80 15.23 29.37
C PRO C 283 10.07 14.37 29.46
N VAL C 284 10.63 14.24 30.67
CA VAL C 284 11.84 13.43 30.85
C VAL C 284 11.54 12.01 31.31
N ALA C 285 10.93 11.87 32.49
CA ALA C 285 10.59 10.55 33.03
C ALA C 285 9.55 9.87 32.14
N LYS C 286 8.93 10.64 31.26
CA LYS C 286 7.90 10.14 30.37
C LYS C 286 6.78 9.51 31.20
N SER C 287 6.11 10.35 31.97
CA SER C 287 5.02 9.93 32.83
C SER C 287 3.98 11.04 32.83
N ALA C 288 2.80 10.74 33.34
CA ALA C 288 1.74 11.72 33.38
C ALA C 288 0.60 11.28 34.29
N THR C 289 -0.40 12.15 34.40
CA THR C 289 -1.60 11.87 35.16
C THR C 289 -2.68 11.62 34.13
N LEU C 290 -3.37 10.49 34.27
CA LEU C 290 -4.43 10.10 33.35
C LEU C 290 -5.77 10.19 34.07
N ILE C 291 -6.69 10.98 33.52
CA ILE C 291 -8.00 11.14 34.12
C ILE C 291 -9.12 10.60 33.22
N VAL C 292 -9.95 9.72 33.78
CA VAL C 292 -11.04 9.11 33.04
C VAL C 292 -12.38 9.35 33.75
N GLU C 293 -13.48 9.30 33.00
CA GLU C 293 -14.82 9.46 33.58
C GLU C 293 -15.88 8.82 32.68
N SER C 294 -16.95 8.33 33.30
CA SER C 294 -18.05 7.65 32.61
C SER C 294 -18.29 8.14 31.18
N SER C 295 -18.26 7.21 30.23
CA SER C 295 -18.45 7.55 28.82
C SER C 295 -19.30 6.55 28.03
N ASP C 296 -19.85 7.02 26.91
CA ASP C 296 -20.62 6.19 26.00
C ASP C 296 -19.62 5.86 24.89
N LEU C 297 -19.38 4.57 24.69
CA LEU C 297 -18.40 4.14 23.71
C LEU C 297 -18.93 3.47 22.43
N LYS C 298 -18.06 3.42 21.43
CA LYS C 298 -18.37 2.79 20.16
C LYS C 298 -17.24 1.83 19.79
N GLY C 299 -17.57 0.78 19.05
CA GLY C 299 -16.58 -0.21 18.65
C GLY C 299 -15.48 0.33 17.78
N THR C 300 -14.42 -0.45 17.61
CA THR C 300 -13.28 -0.06 16.78
C THR C 300 -12.50 -1.30 16.36
N GLU C 301 -11.49 -1.10 15.52
CA GLU C 301 -10.64 -2.20 15.06
C GLU C 301 -9.25 -2.08 15.67
N ILE C 302 -8.71 -3.19 16.14
CA ILE C 302 -7.40 -3.22 16.78
C ILE C 302 -6.53 -4.23 16.06
N CYS C 303 -5.50 -3.75 15.36
CA CYS C 303 -4.63 -4.63 14.58
C CYS C 303 -3.28 -4.01 14.26
N GLY C 304 -2.51 -4.72 13.43
CA GLY C 304 -1.19 -4.30 12.98
C GLY C 304 -0.49 -3.14 13.66
N ALA C 305 0.80 -3.32 13.95
CA ALA C 305 1.60 -2.29 14.61
C ALA C 305 1.10 -1.97 16.01
N LEU C 306 -0.18 -1.67 16.14
CA LEU C 306 -0.78 -1.34 17.43
C LEU C 306 -0.72 -2.48 18.45
N ILE C 307 -0.79 -3.72 17.97
CA ILE C 307 -0.78 -4.89 18.86
C ILE C 307 0.35 -4.89 19.90
N PRO C 308 1.62 -4.82 19.47
CA PRO C 308 2.72 -4.83 20.45
C PRO C 308 2.61 -3.71 21.48
N ARG C 309 1.93 -2.63 21.10
CA ARG C 309 1.77 -1.46 21.97
C ARG C 309 0.71 -1.59 23.07
N LEU C 310 -0.13 -2.62 23.01
CA LEU C 310 -1.17 -2.83 24.00
C LEU C 310 -1.47 -4.32 24.19
N ILE C 311 -0.50 -5.16 23.86
CA ILE C 311 -0.66 -6.60 23.96
C ILE C 311 -1.21 -7.10 25.31
N ASP C 312 -0.68 -6.54 26.40
CA ASP C 312 -1.11 -6.95 27.73
C ASP C 312 -2.43 -6.29 28.15
N GLU C 313 -2.88 -5.31 27.39
CA GLU C 313 -4.14 -4.65 27.73
C GLU C 313 -5.35 -5.29 27.03
N LEU C 314 -5.12 -6.23 26.13
CA LEU C 314 -6.22 -6.85 25.41
C LEU C 314 -7.29 -7.48 26.33
N PRO C 315 -6.86 -8.03 27.47
CA PRO C 315 -7.92 -8.60 28.31
C PRO C 315 -8.89 -7.54 28.85
N ILE C 316 -8.34 -6.45 29.39
CA ILE C 316 -9.19 -5.40 29.92
C ILE C 316 -9.88 -4.66 28.78
N ILE C 317 -9.23 -4.59 27.63
CA ILE C 317 -9.83 -3.92 26.49
C ILE C 317 -11.01 -4.74 25.96
N ALA C 318 -10.93 -6.05 26.13
CA ALA C 318 -12.03 -6.92 25.70
C ALA C 318 -13.25 -6.53 26.53
N LEU C 319 -13.04 -6.32 27.82
CA LEU C 319 -14.15 -5.91 28.70
C LEU C 319 -14.66 -4.55 28.26
N LEU C 320 -13.74 -3.66 27.91
CA LEU C 320 -14.09 -2.30 27.46
C LEU C 320 -15.00 -2.44 26.23
N ALA C 321 -14.60 -3.32 25.32
CA ALA C 321 -15.36 -3.57 24.10
C ALA C 321 -16.79 -4.00 24.38
N THR C 322 -16.97 -4.93 25.32
CA THR C 322 -18.31 -5.43 25.65
C THR C 322 -19.26 -4.30 26.04
N GLN C 323 -18.71 -3.15 26.41
CA GLN C 323 -19.54 -2.03 26.81
C GLN C 323 -19.74 -1.01 25.69
N ALA C 324 -19.03 -1.20 24.58
CA ALA C 324 -19.14 -0.29 23.45
C ALA C 324 -20.30 -0.68 22.53
N GLN C 325 -21.00 0.32 22.01
CA GLN C 325 -22.11 0.05 21.11
C GLN C 325 -21.53 -0.43 19.78
N GLY C 326 -21.96 -1.59 19.32
CA GLY C 326 -21.45 -2.10 18.07
C GLY C 326 -20.36 -3.14 18.18
N VAL C 327 -19.68 -3.38 17.07
CA VAL C 327 -18.63 -4.39 17.00
C VAL C 327 -17.20 -3.87 17.08
N THR C 328 -16.35 -4.63 17.76
CA THR C 328 -14.94 -4.29 17.86
C THR C 328 -14.16 -5.55 17.49
N VAL C 329 -13.25 -5.41 16.54
CA VAL C 329 -12.46 -6.54 16.06
C VAL C 329 -11.00 -6.47 16.49
N ILE C 330 -10.51 -7.57 17.04
CA ILE C 330 -9.12 -7.67 17.46
C ILE C 330 -8.46 -8.76 16.63
N LYS C 331 -7.48 -8.39 15.82
CA LYS C 331 -6.78 -9.36 14.99
C LYS C 331 -5.27 -9.15 15.03
N ASP C 332 -4.52 -10.11 14.48
CA ASP C 332 -3.06 -10.03 14.45
C ASP C 332 -2.54 -10.17 15.89
N ALA C 333 -3.38 -10.69 16.78
CA ALA C 333 -3.01 -10.85 18.17
C ALA C 333 -2.85 -12.31 18.59
N GLU C 334 -2.28 -13.14 17.71
CA GLU C 334 -2.07 -14.55 18.01
C GLU C 334 -1.17 -14.75 19.22
N GLU C 335 -0.33 -13.75 19.51
CA GLU C 335 0.58 -13.83 20.65
C GLU C 335 -0.14 -14.05 21.97
N LEU C 336 -1.43 -13.71 22.02
CA LEU C 336 -2.23 -13.88 23.23
C LEU C 336 -2.38 -15.33 23.69
N LYS C 337 -2.28 -16.26 22.75
CA LYS C 337 -2.43 -17.67 23.05
C LYS C 337 -1.26 -18.23 23.85
N VAL C 338 -0.13 -17.52 23.81
CA VAL C 338 1.09 -17.97 24.49
C VAL C 338 1.42 -17.28 25.82
N LYS C 339 0.50 -16.49 26.36
CA LYS C 339 0.72 -15.78 27.62
C LYS C 339 0.51 -16.64 28.87
N GLU C 340 0.30 -16.01 30.02
CA GLU C 340 0.11 -16.75 31.26
C GLU C 340 -1.00 -17.79 31.07
N THR C 341 -1.93 -17.48 30.17
CA THR C 341 -3.03 -18.37 29.80
C THR C 341 -3.25 -18.05 28.33
N ASP C 342 -4.07 -18.86 27.66
CA ASP C 342 -4.40 -18.59 26.26
C ASP C 342 -5.38 -17.46 26.48
N ARG C 343 -4.91 -16.22 26.37
CA ARG C 343 -5.78 -15.08 26.62
C ARG C 343 -6.93 -14.88 25.66
N ILE C 344 -6.90 -15.56 24.52
CA ILE C 344 -8.01 -15.47 23.59
C ILE C 344 -9.14 -16.34 24.14
N GLN C 345 -8.82 -17.60 24.42
CA GLN C 345 -9.78 -18.56 24.92
C GLN C 345 -10.33 -18.25 26.31
N VAL C 346 -9.44 -17.89 27.24
CA VAL C 346 -9.86 -17.59 28.60
C VAL C 346 -10.65 -16.29 28.72
N VAL C 347 -10.23 -15.26 28.02
CA VAL C 347 -10.97 -14.01 28.08
C VAL C 347 -12.36 -14.16 27.47
N ALA C 348 -12.44 -14.83 26.33
CA ALA C 348 -13.72 -15.04 25.66
C ALA C 348 -14.66 -15.83 26.58
N ASP C 349 -14.16 -16.94 27.14
CA ASP C 349 -14.98 -17.77 28.02
C ASP C 349 -15.40 -17.05 29.30
N ALA C 350 -14.46 -16.35 29.92
CA ALA C 350 -14.75 -15.63 31.14
C ALA C 350 -15.83 -14.58 30.92
N LEU C 351 -15.63 -13.71 29.95
CA LEU C 351 -16.59 -12.64 29.67
C LEU C 351 -17.93 -13.16 29.16
N ASN C 352 -17.90 -14.19 28.32
CA ASN C 352 -19.17 -14.73 27.81
C ASN C 352 -19.99 -15.28 28.97
N SER C 353 -19.33 -15.95 29.90
CA SER C 353 -20.01 -16.53 31.05
C SER C 353 -20.63 -15.45 31.91
N MET C 354 -20.29 -14.18 31.63
CA MET C 354 -20.82 -13.05 32.39
C MET C 354 -21.75 -12.17 31.55
N GLY C 355 -21.22 -11.60 30.47
CA GLY C 355 -22.01 -10.75 29.61
C GLY C 355 -22.25 -11.39 28.26
N ALA C 356 -21.23 -12.08 27.76
CA ALA C 356 -21.30 -12.79 26.49
C ALA C 356 -21.16 -11.95 25.23
N ASP C 357 -21.27 -12.64 24.10
CA ASP C 357 -21.16 -12.08 22.76
C ASP C 357 -19.73 -11.74 22.36
N ILE C 358 -18.85 -12.72 22.54
CA ILE C 358 -17.45 -12.61 22.16
C ILE C 358 -17.13 -13.88 21.38
N THR C 359 -16.72 -13.73 20.12
CA THR C 359 -16.37 -14.90 19.34
C THR C 359 -14.85 -14.95 19.16
N PRO C 360 -14.19 -15.90 19.83
CA PRO C 360 -12.73 -16.04 19.73
C PRO C 360 -12.29 -16.52 18.36
N THR C 361 -11.16 -16.02 17.89
CA THR C 361 -10.63 -16.40 16.58
C THR C 361 -9.19 -16.88 16.74
N ALA C 362 -8.58 -17.27 15.63
CA ALA C 362 -7.21 -17.76 15.65
C ALA C 362 -6.18 -16.69 15.99
N ASP C 363 -6.53 -15.43 15.74
CA ASP C 363 -5.60 -14.34 16.01
C ASP C 363 -6.25 -13.19 16.77
N GLY C 364 -7.30 -13.49 17.53
CA GLY C 364 -7.95 -12.44 18.29
C GLY C 364 -9.37 -12.80 18.69
N MET C 365 -10.26 -11.82 18.57
CA MET C 365 -11.65 -12.02 18.91
C MET C 365 -12.54 -10.93 18.33
N ILE C 366 -13.82 -11.25 18.22
CA ILE C 366 -14.81 -10.32 17.70
C ILE C 366 -15.78 -10.09 18.84
N ILE C 367 -15.92 -8.83 19.26
CA ILE C 367 -16.79 -8.47 20.37
C ILE C 367 -17.95 -7.62 19.84
N LYS C 368 -19.16 -7.94 20.26
CA LYS C 368 -20.35 -7.24 19.77
C LYS C 368 -21.14 -6.42 20.78
N GLY C 369 -21.74 -5.34 20.27
CA GLY C 369 -22.57 -4.42 21.02
C GLY C 369 -22.31 -4.24 22.51
N LYS C 370 -23.24 -3.58 23.18
CA LYS C 370 -23.12 -3.32 24.61
C LYS C 370 -23.93 -4.33 25.42
N SER C 371 -23.24 -5.20 26.15
CA SER C 371 -23.92 -6.21 26.95
C SER C 371 -24.07 -5.79 28.41
N ALA C 372 -25.12 -6.27 29.06
CA ALA C 372 -25.40 -5.93 30.45
C ALA C 372 -24.49 -6.59 31.49
N LEU C 373 -24.13 -7.86 31.26
CA LEU C 373 -23.26 -8.59 32.19
C LEU C 373 -23.94 -9.02 33.48
N HIS C 374 -23.80 -10.30 33.81
CA HIS C 374 -24.41 -10.88 34.99
C HIS C 374 -23.42 -11.76 35.75
N GLY C 375 -23.86 -12.29 36.88
CA GLY C 375 -23.02 -13.12 37.71
C GLY C 375 -22.44 -14.35 37.02
N ALA C 376 -21.35 -14.87 37.58
CA ALA C 376 -20.69 -16.04 37.02
C ALA C 376 -19.51 -16.44 37.90
N ARG C 377 -18.97 -17.63 37.61
CA ARG C 377 -17.83 -18.16 38.33
C ARG C 377 -16.63 -18.12 37.38
N VAL C 378 -15.51 -17.55 37.83
CA VAL C 378 -14.32 -17.45 36.99
C VAL C 378 -13.02 -17.90 37.67
N ASN C 379 -12.14 -18.50 36.89
CA ASN C 379 -10.85 -18.99 37.38
C ASN C 379 -9.73 -18.28 36.60
N THR C 380 -8.79 -17.68 37.31
CA THR C 380 -7.69 -16.96 36.67
C THR C 380 -6.70 -17.88 35.98
N PHE C 381 -6.77 -19.16 36.34
CA PHE C 381 -5.85 -20.16 35.79
C PHE C 381 -4.41 -19.70 35.97
N GLY C 382 -4.19 -18.81 36.94
CA GLY C 382 -2.85 -18.31 37.21
C GLY C 382 -2.46 -17.10 36.40
N ASP C 383 -3.44 -16.37 35.90
CA ASP C 383 -3.18 -15.17 35.09
C ASP C 383 -3.74 -13.93 35.77
N HIS C 384 -2.84 -13.15 36.38
CA HIS C 384 -3.22 -11.93 37.08
C HIS C 384 -4.23 -11.04 36.37
N ARG C 385 -4.04 -10.84 35.07
CA ARG C 385 -4.95 -9.94 34.37
C ARG C 385 -6.35 -10.51 34.16
N ILE C 386 -6.45 -11.84 34.11
CA ILE C 386 -7.77 -12.47 33.99
C ILE C 386 -8.50 -12.12 35.28
N GLY C 387 -7.76 -12.16 36.38
CA GLY C 387 -8.33 -11.85 37.68
C GLY C 387 -8.72 -10.39 37.85
N MET C 388 -7.86 -9.46 37.39
CA MET C 388 -8.21 -8.06 37.52
C MET C 388 -9.32 -7.68 36.52
N MET C 389 -9.32 -8.31 35.36
CA MET C 389 -10.35 -8.05 34.36
C MET C 389 -11.71 -8.41 34.94
N THR C 390 -11.78 -9.59 35.55
CA THR C 390 -13.03 -10.06 36.13
C THR C 390 -13.50 -9.15 37.27
N ALA C 391 -12.56 -8.63 38.05
CA ALA C 391 -12.91 -7.75 39.16
C ALA C 391 -13.56 -6.46 38.65
N ILE C 392 -13.02 -5.89 37.58
CA ILE C 392 -13.60 -4.67 37.01
C ILE C 392 -14.96 -5.01 36.41
N ALA C 393 -15.03 -6.13 35.68
CA ALA C 393 -16.27 -6.59 35.06
C ALA C 393 -17.34 -6.80 36.13
N ALA C 394 -16.94 -7.44 37.22
CA ALA C 394 -17.85 -7.70 38.33
C ALA C 394 -18.58 -6.43 38.76
N LEU C 395 -17.87 -5.31 38.66
CA LEU C 395 -18.41 -4.02 39.03
C LEU C 395 -19.69 -3.64 38.28
N LEU C 396 -19.85 -4.18 37.07
CA LEU C 396 -21.03 -3.88 36.27
C LEU C 396 -22.21 -4.83 36.46
N VAL C 397 -21.99 -5.91 37.21
CA VAL C 397 -23.07 -6.88 37.44
C VAL C 397 -24.12 -6.38 38.42
N ALA C 398 -25.31 -6.12 37.91
CA ALA C 398 -26.41 -5.66 38.76
C ALA C 398 -27.21 -6.89 39.16
N ASP C 399 -27.35 -7.13 40.46
CA ASP C 399 -28.08 -8.29 40.95
C ASP C 399 -27.46 -9.57 40.42
N GLY C 400 -26.63 -10.19 41.24
CA GLY C 400 -25.95 -11.41 40.85
C GLY C 400 -24.57 -11.42 41.47
N GLU C 401 -24.02 -12.61 41.68
CA GLU C 401 -22.69 -12.73 42.28
C GLU C 401 -21.64 -13.23 41.31
N VAL C 402 -20.42 -12.76 41.50
CA VAL C 402 -19.28 -13.16 40.68
C VAL C 402 -18.21 -13.66 41.65
N GLU C 403 -17.74 -14.88 41.42
CA GLU C 403 -16.73 -15.48 42.29
C GLU C 403 -15.44 -15.68 41.50
N LEU C 404 -14.32 -15.41 42.15
CA LEU C 404 -13.02 -15.55 41.51
C LEU C 404 -12.18 -16.60 42.23
N ASP C 405 -11.73 -17.60 41.48
CA ASP C 405 -10.89 -18.64 42.07
C ASP C 405 -9.43 -18.38 41.71
N ARG C 406 -8.54 -18.68 42.63
CA ARG C 406 -7.11 -18.48 42.42
C ARG C 406 -6.85 -17.00 42.17
N ALA C 407 -7.48 -16.16 42.99
CA ALA C 407 -7.34 -14.71 42.90
C ALA C 407 -5.92 -14.27 43.21
N GLU C 408 -5.22 -15.05 44.02
CA GLU C 408 -3.85 -14.72 44.40
C GLU C 408 -2.92 -14.51 43.20
N ALA C 409 -3.35 -14.92 42.01
CA ALA C 409 -2.55 -14.75 40.80
C ALA C 409 -2.29 -13.27 40.53
N ILE C 410 -3.22 -12.43 40.98
CA ILE C 410 -3.14 -10.99 40.82
C ILE C 410 -1.87 -10.41 41.45
N ASN C 411 -1.35 -11.12 42.45
CA ASN C 411 -0.14 -10.69 43.16
C ASN C 411 1.13 -10.73 42.34
N THR C 412 1.05 -11.23 41.12
CA THR C 412 2.24 -11.33 40.29
C THR C 412 2.67 -9.97 39.74
N SER C 413 1.74 -9.03 39.66
CA SER C 413 2.04 -7.71 39.14
C SER C 413 1.32 -6.57 39.84
N TYR C 414 0.34 -6.88 40.66
CA TYR C 414 -0.43 -5.83 41.33
C TYR C 414 -0.94 -6.27 42.71
N PRO C 415 -0.02 -6.52 43.66
CA PRO C 415 -0.31 -6.96 45.02
C PRO C 415 -1.39 -6.17 45.74
N SER C 416 -1.40 -4.85 45.56
CA SER C 416 -2.38 -3.99 46.22
C SER C 416 -3.60 -3.65 45.39
N PHE C 417 -3.91 -4.47 44.41
CA PHE C 417 -5.06 -4.22 43.53
C PHE C 417 -6.38 -3.99 44.26
N PHE C 418 -6.74 -4.87 45.18
CA PHE C 418 -8.00 -4.72 45.90
C PHE C 418 -8.00 -3.55 46.87
N ASP C 419 -6.81 -3.22 47.39
CA ASP C 419 -6.71 -2.10 48.30
C ASP C 419 -7.07 -0.83 47.54
N ASP C 420 -6.62 -0.74 46.29
CA ASP C 420 -6.93 0.42 45.48
C ASP C 420 -8.40 0.42 45.08
N LEU C 421 -8.92 -0.76 44.74
CA LEU C 421 -10.33 -0.88 44.38
C LEU C 421 -11.16 -0.36 45.55
N GLU C 422 -10.74 -0.77 46.76
CA GLU C 422 -11.41 -0.36 47.99
C GLU C 422 -11.49 1.15 48.14
N SER C 423 -10.35 1.82 47.95
CA SER C 423 -10.28 3.27 48.09
C SER C 423 -11.17 4.03 47.11
N LEU C 424 -11.57 3.37 46.04
CA LEU C 424 -12.41 4.02 45.03
C LEU C 424 -13.90 3.98 45.34
N ILE C 425 -14.29 3.15 46.30
CA ILE C 425 -15.70 3.06 46.68
C ILE C 425 -16.08 4.30 47.50
N HIS C 426 -15.24 5.32 47.42
CA HIS C 426 -15.46 6.57 48.14
C HIS C 426 -14.50 7.65 47.66
N GLY C 427 -13.19 7.34 47.70
CA GLY C 427 -12.20 8.29 47.26
C GLY C 427 -11.15 8.62 48.31
N MET D 1 31.41 36.72 -3.65
CA MET D 1 32.62 36.34 -2.86
C MET D 1 33.21 35.03 -3.36
N LYS D 2 34.50 34.85 -3.13
CA LYS D 2 35.17 33.63 -3.56
C LYS D 2 35.13 32.62 -2.42
N LEU D 3 34.58 31.44 -2.71
CA LEU D 3 34.48 30.39 -1.71
C LEU D 3 35.71 29.51 -1.67
N LYS D 4 35.99 28.98 -0.48
CA LYS D 4 37.13 28.10 -0.28
C LYS D 4 36.94 26.83 -1.10
N THR D 5 37.99 26.45 -1.82
CA THR D 5 37.95 25.28 -2.69
C THR D 5 38.98 24.20 -2.35
N ASN D 6 38.82 23.04 -2.97
CA ASN D 6 39.72 21.90 -2.78
C ASN D 6 40.17 21.69 -1.33
N ILE D 7 39.20 21.47 -0.44
CA ILE D 7 39.54 21.24 0.95
C ILE D 7 40.15 19.85 1.04
N ARG D 8 41.25 19.72 1.76
CA ARG D 8 41.92 18.43 1.89
C ARG D 8 41.56 17.72 3.19
N HIS D 9 41.07 18.48 4.16
CA HIS D 9 40.73 17.89 5.45
C HIS D 9 39.78 18.80 6.25
N LEU D 10 38.84 18.17 6.96
CA LEU D 10 37.88 18.89 7.81
C LEU D 10 37.83 18.17 9.15
N HIS D 11 38.11 18.91 10.22
CA HIS D 11 38.09 18.33 11.55
C HIS D 11 37.87 19.37 12.64
N GLY D 12 37.07 19.04 13.64
CA GLY D 12 36.81 19.95 14.73
C GLY D 12 35.45 19.80 15.37
N ILE D 13 35.20 20.60 16.40
CA ILE D 13 33.94 20.59 17.12
C ILE D 13 33.18 21.87 16.80
N ILE D 14 31.91 21.72 16.44
CA ILE D 14 31.08 22.87 16.14
C ILE D 14 29.78 22.83 16.94
N ARG D 15 29.39 23.98 17.48
CA ARG D 15 28.14 24.10 18.22
C ARG D 15 27.32 25.05 17.37
N VAL D 16 26.48 24.48 16.51
CA VAL D 16 25.65 25.28 15.63
C VAL D 16 24.74 26.22 16.42
N PRO D 17 24.39 27.37 15.82
CA PRO D 17 23.52 28.33 16.50
C PRO D 17 22.15 27.71 16.79
N GLY D 18 21.30 28.46 17.48
CA GLY D 18 19.99 27.95 17.86
C GLY D 18 19.01 27.54 16.77
N ASP D 19 18.06 26.70 17.18
CA ASP D 19 17.01 26.23 16.29
C ASP D 19 16.14 27.41 15.86
N LYS D 20 16.00 27.59 14.56
CA LYS D 20 15.21 28.70 14.03
C LYS D 20 13.74 28.64 14.39
N SER D 21 13.12 27.50 14.17
CA SER D 21 11.70 27.32 14.48
C SER D 21 11.39 27.56 15.95
N ILE D 22 12.20 27.00 16.82
CA ILE D 22 12.02 27.15 18.27
C ILE D 22 12.27 28.59 18.73
N SER D 23 13.25 29.27 18.13
CA SER D 23 13.55 30.66 18.48
C SER D 23 12.35 31.54 18.16
N HIS D 24 11.79 31.37 16.97
CA HIS D 24 10.63 32.16 16.55
C HIS D 24 9.52 32.00 17.58
N ARG D 25 9.23 30.75 17.93
CA ARG D 25 8.16 30.46 18.87
C ARG D 25 8.43 30.98 20.28
N SER D 26 9.69 30.94 20.70
CA SER D 26 10.01 31.42 22.04
C SER D 26 9.54 32.86 22.19
N ILE D 27 9.70 33.63 21.12
CA ILE D 27 9.30 35.03 21.11
C ILE D 27 7.79 35.20 21.09
N ILE D 28 7.10 34.36 20.33
CA ILE D 28 5.65 34.45 20.24
C ILE D 28 5.03 34.06 21.57
N PHE D 29 5.42 32.89 22.10
CA PHE D 29 4.88 32.45 23.37
C PHE D 29 5.25 33.43 24.48
N GLY D 30 6.49 33.92 24.45
CA GLY D 30 6.92 34.87 25.46
C GLY D 30 6.07 36.13 25.42
N SER D 31 5.64 36.51 24.23
CA SER D 31 4.81 37.70 24.08
C SER D 31 3.36 37.49 24.54
N LEU D 32 2.75 36.38 24.13
CA LEU D 32 1.36 36.11 24.49
C LEU D 32 1.14 35.69 25.95
N ALA D 33 2.18 35.19 26.59
CA ALA D 33 2.07 34.73 27.98
C ALA D 33 2.07 35.85 29.00
N GLU D 34 1.70 35.51 30.23
CA GLU D 34 1.68 36.49 31.31
C GLU D 34 2.95 36.27 32.10
N GLY D 35 3.63 37.36 32.43
CA GLY D 35 4.86 37.23 33.18
C GLY D 35 6.07 37.31 32.27
N GLU D 36 7.24 37.11 32.86
CA GLU D 36 8.51 37.20 32.16
C GLU D 36 9.02 35.90 31.54
N THR D 37 9.57 36.01 30.34
CA THR D 37 10.14 34.87 29.62
C THR D 37 11.59 35.22 29.30
N LYS D 38 12.49 34.25 29.46
CA LYS D 38 13.90 34.45 29.17
C LYS D 38 14.35 33.34 28.23
N VAL D 39 14.97 33.72 27.12
CA VAL D 39 15.44 32.73 26.16
C VAL D 39 16.96 32.74 26.09
N TYR D 40 17.53 31.56 26.24
CA TYR D 40 18.97 31.39 26.21
C TYR D 40 19.42 30.69 24.92
N ASP D 41 20.55 31.12 24.39
CA ASP D 41 21.12 30.58 23.17
C ASP D 41 20.15 30.68 21.98
N ILE D 42 19.40 31.77 21.94
CA ILE D 42 18.45 32.00 20.86
C ILE D 42 19.21 32.20 19.57
N LEU D 43 18.59 31.85 18.44
CA LEU D 43 19.24 32.03 17.14
C LEU D 43 19.13 33.52 16.84
N ARG D 44 20.24 34.15 16.50
CA ARG D 44 20.22 35.57 16.20
C ARG D 44 20.30 35.85 14.70
N GLY D 45 19.84 34.90 13.91
CA GLY D 45 19.81 35.08 12.47
C GLY D 45 18.75 36.14 12.19
N GLU D 46 18.83 36.79 11.04
CA GLU D 46 17.89 37.86 10.71
C GLU D 46 16.40 37.52 10.78
N ASP D 47 16.03 36.28 10.48
CA ASP D 47 14.62 35.89 10.54
C ASP D 47 14.09 36.03 11.97
N VAL D 48 14.85 35.55 12.95
CA VAL D 48 14.41 35.66 14.34
C VAL D 48 14.41 37.12 14.76
N LEU D 49 15.43 37.86 14.34
CA LEU D 49 15.50 39.29 14.66
C LEU D 49 14.25 39.99 14.13
N SER D 50 13.76 39.54 12.98
CA SER D 50 12.56 40.14 12.39
C SER D 50 11.32 39.91 13.25
N THR D 51 11.15 38.70 13.75
CA THR D 51 9.99 38.42 14.60
C THR D 51 10.06 39.24 15.89
N MET D 52 11.25 39.38 16.45
CA MET D 52 11.39 40.15 17.67
C MET D 52 10.95 41.59 17.48
N GLN D 53 11.42 42.23 16.42
CA GLN D 53 11.06 43.62 16.15
C GLN D 53 9.56 43.74 15.90
N VAL D 54 8.97 42.76 15.24
CA VAL D 54 7.54 42.78 14.97
C VAL D 54 6.77 42.89 16.29
N PHE D 55 7.16 42.10 17.28
CA PHE D 55 6.48 42.17 18.55
C PHE D 55 6.79 43.45 19.30
N ARG D 56 7.99 44.01 19.10
CA ARG D 56 8.30 45.28 19.75
C ARG D 56 7.32 46.31 19.18
N ASP D 57 7.12 46.26 17.86
CA ASP D 57 6.21 47.18 17.19
C ASP D 57 4.78 47.02 17.69
N LEU D 58 4.46 45.82 18.18
CA LEU D 58 3.13 45.54 18.70
C LEU D 58 3.04 45.87 20.19
N GLY D 59 4.03 46.60 20.68
CA GLY D 59 4.06 47.00 22.09
C GLY D 59 4.74 46.09 23.10
N VAL D 60 5.38 45.03 22.63
CA VAL D 60 6.04 44.11 23.55
C VAL D 60 7.48 44.49 23.83
N GLU D 61 7.84 44.48 25.12
CA GLU D 61 9.20 44.81 25.54
C GLU D 61 10.11 43.59 25.39
N ILE D 62 11.04 43.66 24.45
CA ILE D 62 11.96 42.56 24.20
C ILE D 62 13.39 43.05 24.25
N GLU D 63 14.08 42.73 25.34
CA GLU D 63 15.45 43.16 25.56
C GLU D 63 16.48 42.05 25.34
N ASP D 64 17.54 42.39 24.61
CA ASP D 64 18.64 41.47 24.37
C ASP D 64 19.82 42.05 25.15
N LYS D 65 20.12 41.44 26.29
CA LYS D 65 21.21 41.92 27.14
C LYS D 65 22.08 40.78 27.65
N ASP D 66 23.39 40.96 27.51
CA ASP D 66 24.36 39.96 27.95
C ASP D 66 24.04 38.57 27.38
N GLY D 67 23.64 38.54 26.11
CA GLY D 67 23.34 37.29 25.43
C GLY D 67 22.01 36.63 25.77
N VAL D 68 21.20 37.27 26.60
CA VAL D 68 19.92 36.73 27.00
C VAL D 68 18.75 37.60 26.55
N ILE D 69 17.72 36.96 25.99
CA ILE D 69 16.54 37.68 25.54
C ILE D 69 15.49 37.63 26.65
N THR D 70 15.00 38.79 27.07
CA THR D 70 13.97 38.84 28.12
C THR D 70 12.71 39.54 27.62
N VAL D 71 11.62 38.79 27.57
CA VAL D 71 10.35 39.30 27.09
C VAL D 71 9.37 39.53 28.23
N GLN D 72 8.69 40.67 28.21
CA GLN D 72 7.69 40.98 29.21
C GLN D 72 6.34 40.66 28.57
N GLY D 73 5.83 39.47 28.85
CA GLY D 73 4.56 39.06 28.28
C GLY D 73 3.47 40.09 28.49
N VAL D 74 2.56 40.18 27.52
CA VAL D 74 1.46 41.14 27.60
C VAL D 74 0.10 40.46 27.66
N GLY D 75 0.09 39.14 27.82
CA GLY D 75 -1.18 38.43 27.88
C GLY D 75 -1.70 38.01 26.52
N MET D 76 -2.61 37.03 26.52
CA MET D 76 -3.18 36.49 25.29
C MET D 76 -3.83 37.55 24.40
N ALA D 77 -4.24 38.67 24.99
CA ALA D 77 -4.88 39.74 24.23
C ALA D 77 -4.26 41.09 24.55
N GLY D 78 -2.94 41.12 24.76
CA GLY D 78 -2.29 42.38 25.09
C GLY D 78 -1.51 43.06 23.98
N LEU D 79 -1.58 42.53 22.75
CA LEU D 79 -0.85 43.16 21.65
C LEU D 79 -1.53 44.47 21.25
N LYS D 80 -0.73 45.46 20.89
CA LYS D 80 -1.25 46.78 20.51
C LYS D 80 -1.03 47.09 19.03
N ALA D 81 -1.91 47.93 18.48
CA ALA D 81 -1.81 48.32 17.07
C ALA D 81 -0.46 49.01 16.80
N PRO D 82 0.27 48.53 15.78
CA PRO D 82 1.57 49.11 15.44
C PRO D 82 1.46 50.48 14.78
N GLN D 83 2.53 51.26 14.87
CA GLN D 83 2.55 52.59 14.28
C GLN D 83 2.77 52.51 12.77
N ASN D 84 3.53 51.50 12.34
CA ASN D 84 3.84 51.31 10.92
C ASN D 84 3.66 49.86 10.50
N ALA D 85 3.84 49.59 9.21
CA ALA D 85 3.71 48.24 8.68
C ALA D 85 4.72 47.31 9.35
N LEU D 86 4.35 46.05 9.53
CA LEU D 86 5.24 45.07 10.15
C LEU D 86 6.17 44.47 9.10
N ASN D 87 7.47 44.60 9.34
CA ASN D 87 8.49 44.10 8.43
C ASN D 87 8.85 42.64 8.71
N MET D 88 8.32 41.73 7.90
CA MET D 88 8.56 40.31 8.07
C MET D 88 9.88 39.84 7.47
N GLY D 89 10.55 40.73 6.73
CA GLY D 89 11.82 40.38 6.12
C GLY D 89 11.79 39.23 5.14
N ASN D 90 12.65 38.24 5.37
CA ASN D 90 12.76 37.04 4.53
C ASN D 90 12.09 35.85 5.21
N SER D 91 11.45 36.12 6.34
CA SER D 91 10.83 35.07 7.14
C SER D 91 9.38 34.68 6.90
N GLY D 92 9.17 33.52 6.30
CA GLY D 92 7.82 33.04 6.06
C GLY D 92 7.22 32.60 7.39
N THR D 93 8.03 31.93 8.21
CA THR D 93 7.57 31.47 9.52
C THR D 93 7.00 32.66 10.28
N SER D 94 7.67 33.80 10.18
CA SER D 94 7.23 35.01 10.86
C SER D 94 5.86 35.48 10.38
N ILE D 95 5.73 35.75 9.09
CA ILE D 95 4.46 36.24 8.57
C ILE D 95 3.35 35.21 8.71
N ARG D 96 3.68 33.95 8.46
CA ARG D 96 2.69 32.89 8.57
C ARG D 96 2.19 32.73 10.01
N LEU D 97 3.09 32.47 10.95
CA LEU D 97 2.68 32.29 12.34
C LEU D 97 2.05 33.53 12.96
N ILE D 98 2.66 34.68 12.73
CA ILE D 98 2.12 35.92 13.30
C ILE D 98 0.72 36.25 12.80
N SER D 99 0.40 35.86 11.56
CA SER D 99 -0.94 36.11 11.04
C SER D 99 -1.96 35.42 11.94
N GLY D 100 -1.61 34.23 12.41
CA GLY D 100 -2.50 33.50 13.30
C GLY D 100 -2.51 34.16 14.67
N VAL D 101 -1.34 34.63 15.09
CA VAL D 101 -1.21 35.30 16.38
C VAL D 101 -2.12 36.51 16.48
N LEU D 102 -2.23 37.27 15.39
CA LEU D 102 -3.06 38.47 15.37
C LEU D 102 -4.53 38.23 15.08
N ALA D 103 -4.93 36.96 15.00
CA ALA D 103 -6.32 36.63 14.73
C ALA D 103 -7.28 37.34 15.68
N GLY D 104 -6.85 37.53 16.92
CA GLY D 104 -7.71 38.17 17.90
C GLY D 104 -7.47 39.66 18.13
N ALA D 105 -6.52 40.24 17.40
CA ALA D 105 -6.21 41.65 17.54
C ALA D 105 -7.31 42.49 16.92
N ASP D 106 -7.91 43.36 17.73
CA ASP D 106 -8.99 44.22 17.27
C ASP D 106 -8.46 45.48 16.60
N PHE D 107 -7.64 45.31 15.57
CA PHE D 107 -7.08 46.42 14.84
C PHE D 107 -6.47 45.92 13.54
N GLU D 108 -6.22 46.84 12.61
CA GLU D 108 -5.66 46.47 11.32
C GLU D 108 -4.16 46.64 11.24
N VAL D 109 -3.49 45.68 10.59
CA VAL D 109 -2.05 45.73 10.41
C VAL D 109 -1.70 45.36 8.99
N GLU D 110 -0.52 45.79 8.55
CA GLU D 110 -0.03 45.50 7.21
C GLU D 110 1.26 44.72 7.41
N MET D 111 1.47 43.68 6.59
CA MET D 111 2.66 42.85 6.71
C MET D 111 3.36 42.69 5.36
N PHE D 112 4.64 43.01 5.32
CA PHE D 112 5.40 42.91 4.09
C PHE D 112 6.74 42.22 4.33
N GLY D 113 7.40 41.86 3.23
CA GLY D 113 8.69 41.20 3.30
C GLY D 113 9.55 41.60 2.11
N ASP D 114 10.71 40.97 1.98
CA ASP D 114 11.62 41.28 0.88
C ASP D 114 11.17 40.67 -0.45
N ASP D 115 12.01 40.79 -1.46
CA ASP D 115 11.70 40.28 -2.80
C ASP D 115 11.38 38.77 -2.81
N SER D 116 12.06 38.02 -1.96
CA SER D 116 11.86 36.58 -1.87
C SER D 116 10.52 36.21 -1.23
N LEU D 117 10.28 36.74 -0.04
CA LEU D 117 9.05 36.46 0.68
C LEU D 117 7.80 36.93 -0.07
N SER D 118 7.93 38.06 -0.75
CA SER D 118 6.81 38.64 -1.49
C SER D 118 6.31 37.77 -2.63
N LYS D 119 7.05 36.72 -2.96
CA LYS D 119 6.67 35.82 -4.04
C LYS D 119 6.07 34.52 -3.53
N ARG D 120 5.91 34.42 -2.21
CA ARG D 120 5.38 33.19 -1.61
C ARG D 120 3.92 33.32 -1.20
N PRO D 121 3.14 32.25 -1.40
CA PRO D 121 1.71 32.17 -1.08
C PRO D 121 1.32 32.21 0.38
N MET D 122 0.29 32.99 0.68
CA MET D 122 -0.21 33.11 2.03
C MET D 122 -1.65 32.61 2.07
N ASP D 123 -2.15 32.18 0.92
CA ASP D 123 -3.51 31.67 0.84
C ASP D 123 -3.67 30.48 1.76
N ARG D 124 -2.61 29.70 1.93
CA ARG D 124 -2.64 28.54 2.81
C ARG D 124 -3.06 28.90 4.23
N VAL D 125 -2.88 30.16 4.63
CA VAL D 125 -3.28 30.56 5.98
C VAL D 125 -4.46 31.52 5.98
N THR D 126 -4.60 32.32 4.93
CA THR D 126 -5.71 33.26 4.87
C THR D 126 -7.05 32.53 4.79
N LEU D 127 -7.09 31.42 4.06
CA LEU D 127 -8.31 30.63 3.90
C LEU D 127 -8.89 30.10 5.21
N PRO D 128 -8.07 29.40 6.01
CA PRO D 128 -8.64 28.91 7.27
C PRO D 128 -8.87 30.01 8.29
N LEU D 129 -7.94 30.96 8.38
CA LEU D 129 -8.09 32.06 9.34
C LEU D 129 -9.34 32.87 8.98
N LYS D 130 -9.67 32.88 7.70
CA LYS D 130 -10.83 33.61 7.22
C LYS D 130 -12.07 32.97 7.82
N LYS D 131 -12.07 31.64 7.90
CA LYS D 131 -13.19 30.90 8.46
C LYS D 131 -13.48 31.31 9.90
N MET D 132 -12.44 31.73 10.61
CA MET D 132 -12.58 32.13 12.01
C MET D 132 -13.12 33.55 12.16
N GLY D 133 -13.22 34.26 11.03
CA GLY D 133 -13.74 35.62 11.08
C GLY D 133 -12.65 36.66 10.93
N VAL D 134 -11.45 36.23 10.57
CA VAL D 134 -10.33 37.15 10.40
C VAL D 134 -10.29 37.72 8.98
N SER D 135 -10.14 39.02 8.85
CA SER D 135 -10.05 39.65 7.54
C SER D 135 -8.59 39.66 7.11
N ILE D 136 -8.28 38.94 6.04
CA ILE D 136 -6.91 38.86 5.55
C ILE D 136 -6.89 38.74 4.04
N SER D 137 -5.97 39.46 3.41
CA SER D 137 -5.84 39.42 1.96
C SER D 137 -4.47 39.91 1.54
N GLY D 138 -3.99 39.37 0.42
CA GLY D 138 -2.70 39.75 -0.10
C GLY D 138 -2.85 40.13 -1.57
N GLN D 139 -1.84 39.81 -2.38
CA GLN D 139 -1.88 40.13 -3.79
C GLN D 139 -2.22 38.88 -4.58
N THR D 140 -3.11 39.01 -5.56
CA THR D 140 -3.51 37.89 -6.41
C THR D 140 -4.32 36.88 -5.60
N GLU D 141 -4.84 35.86 -6.28
CA GLU D 141 -5.63 34.82 -5.61
C GLU D 141 -4.80 34.03 -4.61
N ARG D 142 -3.48 34.08 -4.75
CA ARG D 142 -2.61 33.33 -3.85
C ARG D 142 -2.27 34.14 -2.60
N ASP D 143 -2.79 35.36 -2.51
CA ASP D 143 -2.53 36.21 -1.37
C ASP D 143 -1.05 36.38 -1.09
N LEU D 144 -0.31 36.88 -2.07
CA LEU D 144 1.12 37.10 -1.89
C LEU D 144 1.32 38.38 -1.09
N PRO D 145 2.41 38.48 -0.32
CA PRO D 145 2.64 39.70 0.46
C PRO D 145 2.82 40.86 -0.52
N PRO D 146 2.59 42.10 -0.08
CA PRO D 146 2.18 42.47 1.28
C PRO D 146 0.74 42.07 1.62
N LEU D 147 0.50 41.90 2.92
CA LEU D 147 -0.81 41.50 3.44
C LEU D 147 -1.47 42.58 4.29
N ARG D 148 -2.79 42.54 4.33
CA ARG D 148 -3.56 43.48 5.15
C ARG D 148 -4.33 42.56 6.09
N LEU D 149 -4.27 42.87 7.38
CA LEU D 149 -4.93 42.02 8.36
C LEU D 149 -5.70 42.80 9.44
N LYS D 150 -6.88 42.30 9.78
CA LYS D 150 -7.71 42.91 10.79
C LYS D 150 -8.37 41.76 11.54
N GLY D 151 -7.93 41.51 12.77
CA GLY D 151 -8.49 40.44 13.56
C GLY D 151 -9.85 40.77 14.12
N THR D 152 -10.44 39.83 14.84
CA THR D 152 -11.76 40.05 15.44
C THR D 152 -11.78 39.67 16.91
N LYS D 153 -12.60 40.38 17.69
CA LYS D 153 -12.73 40.11 19.11
C LYS D 153 -13.72 38.97 19.30
N ASN D 154 -14.27 38.50 18.20
CA ASN D 154 -15.21 37.38 18.21
C ASN D 154 -14.74 36.26 17.31
N LEU D 155 -13.56 35.73 17.60
CA LEU D 155 -13.00 34.64 16.82
C LEU D 155 -13.81 33.37 17.01
N ARG D 156 -14.04 32.63 15.93
CA ARG D 156 -14.80 31.39 16.01
C ARG D 156 -13.82 30.23 15.97
N PRO D 157 -14.06 29.18 16.79
CA PRO D 157 -13.17 28.03 16.82
C PRO D 157 -12.88 27.55 15.39
N ILE D 158 -11.80 26.81 15.20
CA ILE D 158 -11.46 26.34 13.86
C ILE D 158 -11.46 24.82 13.74
N HIS D 159 -12.06 24.34 12.64
CA HIS D 159 -12.12 22.92 12.32
C HIS D 159 -11.58 22.90 10.91
N TYR D 160 -10.32 22.55 10.76
CA TYR D 160 -9.69 22.54 9.46
C TYR D 160 -8.73 21.38 9.23
N GLU D 161 -8.80 20.82 8.03
CA GLU D 161 -7.94 19.70 7.64
C GLU D 161 -6.96 20.30 6.64
N LEU D 162 -5.70 20.40 7.04
CA LEU D 162 -4.69 20.99 6.16
C LEU D 162 -4.54 20.23 4.84
N PRO D 163 -4.55 20.97 3.72
CA PRO D 163 -4.40 20.35 2.39
C PRO D 163 -2.95 20.03 2.09
N ILE D 164 -2.04 20.54 2.91
CA ILE D 164 -0.62 20.29 2.71
C ILE D 164 0.11 20.08 4.04
N ALA D 165 1.23 19.37 3.98
CA ALA D 165 2.04 19.07 5.16
C ALA D 165 2.79 20.29 5.69
N SER D 166 2.06 21.31 6.07
CA SER D 166 2.67 22.53 6.59
C SER D 166 2.56 22.70 8.10
N ALA D 167 3.71 22.78 8.77
CA ALA D 167 3.73 22.98 10.21
C ALA D 167 3.32 24.41 10.50
N GLN D 168 3.70 25.32 9.60
CA GLN D 168 3.38 26.74 9.73
C GLN D 168 1.88 26.99 9.79
N VAL D 169 1.14 26.41 8.85
CA VAL D 169 -0.30 26.60 8.84
C VAL D 169 -0.87 26.04 10.14
N LYS D 170 -0.36 24.88 10.55
CA LYS D 170 -0.81 24.23 11.78
C LYS D 170 -0.62 25.16 12.97
N SER D 171 0.58 25.74 13.05
CA SER D 171 0.94 26.64 14.14
C SER D 171 0.11 27.91 14.17
N ALA D 172 -0.09 28.53 13.00
CA ALA D 172 -0.87 29.76 12.92
C ALA D 172 -2.28 29.52 13.47
N LEU D 173 -2.88 28.41 13.07
CA LEU D 173 -4.22 28.05 13.52
C LEU D 173 -4.28 27.77 15.02
N MET D 174 -3.20 27.20 15.56
CA MET D 174 -3.15 26.90 16.98
C MET D 174 -3.12 28.20 17.79
N PHE D 175 -2.27 29.14 17.38
CA PHE D 175 -2.19 30.43 18.07
C PHE D 175 -3.54 31.11 18.01
N ALA D 176 -4.21 30.98 16.86
CA ALA D 176 -5.53 31.56 16.67
C ALA D 176 -6.53 30.85 17.60
N ALA D 177 -6.39 29.53 17.69
CA ALA D 177 -7.28 28.72 18.52
C ALA D 177 -7.21 29.14 19.98
N LEU D 178 -6.01 29.51 20.42
CA LEU D 178 -5.79 29.93 21.81
C LEU D 178 -6.59 31.17 22.19
N GLN D 179 -7.06 31.90 21.19
CA GLN D 179 -7.82 33.11 21.45
C GLN D 179 -9.31 32.95 21.20
N ALA D 180 -9.68 31.90 20.47
CA ALA D 180 -11.07 31.65 20.16
C ALA D 180 -11.78 30.95 21.31
N LYS D 181 -13.05 31.31 21.52
CA LYS D 181 -13.86 30.73 22.57
C LYS D 181 -14.55 29.49 22.01
N GLY D 182 -14.07 28.32 22.43
CA GLY D 182 -14.65 27.09 21.93
C GLY D 182 -13.58 26.10 21.54
N GLU D 183 -14.00 24.92 21.10
CA GLU D 183 -13.07 23.87 20.71
C GLU D 183 -12.68 23.88 19.23
N SER D 184 -11.38 23.95 18.98
CA SER D 184 -10.84 23.93 17.63
C SER D 184 -10.22 22.56 17.40
N VAL D 185 -10.28 22.09 16.16
CA VAL D 185 -9.73 20.79 15.81
C VAL D 185 -8.94 20.95 14.52
N ILE D 186 -7.63 20.76 14.62
CA ILE D 186 -6.73 20.89 13.48
C ILE D 186 -6.14 19.53 13.14
N ILE D 187 -6.37 19.08 11.91
CA ILE D 187 -5.86 17.79 11.48
C ILE D 187 -4.76 17.91 10.43
N GLU D 188 -3.61 17.32 10.72
CA GLU D 188 -2.48 17.35 9.82
C GLU D 188 -2.65 16.39 8.65
N LYS D 189 -2.11 16.76 7.49
CA LYS D 189 -2.17 15.91 6.31
C LYS D 189 -1.12 14.85 6.55
N GLU D 190 0.02 15.29 7.08
CA GLU D 190 1.14 14.41 7.42
C GLU D 190 1.73 15.01 8.70
N TYR D 191 2.51 14.23 9.44
CA TYR D 191 3.10 14.75 10.67
C TYR D 191 4.22 15.74 10.31
N THR D 192 4.16 16.94 10.90
CA THR D 192 5.15 17.98 10.67
C THR D 192 5.78 18.37 12.02
N ARG D 193 6.85 19.17 11.99
CA ARG D 193 7.50 19.58 13.23
C ARG D 193 6.43 20.00 14.24
N ASN D 194 6.54 19.44 15.46
CA ASN D 194 5.57 19.69 16.52
C ASN D 194 6.03 20.63 17.61
N HIS D 195 6.91 21.57 17.28
CA HIS D 195 7.43 22.52 18.25
C HIS D 195 6.34 23.35 18.93
N THR D 196 5.32 23.75 18.17
CA THR D 196 4.24 24.55 18.74
C THR D 196 3.48 23.76 19.81
N GLU D 197 3.33 22.45 19.56
CA GLU D 197 2.64 21.56 20.48
C GLU D 197 3.46 21.37 21.76
N ASP D 198 4.76 21.18 21.60
CA ASP D 198 5.65 20.99 22.75
C ASP D 198 5.69 22.24 23.61
N MET D 199 5.94 23.37 22.97
CA MET D 199 6.05 24.64 23.68
C MET D 199 4.76 25.15 24.27
N LEU D 200 3.63 24.82 23.65
CA LEU D 200 2.34 25.25 24.20
C LEU D 200 2.23 24.66 25.59
N GLN D 201 2.68 23.41 25.72
CA GLN D 201 2.63 22.72 27.00
C GLN D 201 3.67 23.30 27.96
N GLN D 202 4.85 23.63 27.45
CA GLN D 202 5.90 24.19 28.30
C GLN D 202 5.43 25.51 28.91
N PHE D 203 4.58 26.23 28.18
CA PHE D 203 4.08 27.52 28.66
C PHE D 203 2.77 27.39 29.43
N GLY D 204 2.51 26.19 29.94
CA GLY D 204 1.30 25.98 30.72
C GLY D 204 -0.01 25.84 29.96
N GLY D 205 0.05 25.71 28.64
CA GLY D 205 -1.17 25.56 27.86
C GLY D 205 -1.60 24.11 27.74
N HIS D 206 -2.73 23.86 27.09
CA HIS D 206 -3.19 22.48 26.95
C HIS D 206 -3.73 22.14 25.57
N LEU D 207 -3.58 20.87 25.20
CA LEU D 207 -4.06 20.38 23.92
C LEU D 207 -4.07 18.86 23.96
N SER D 208 -4.89 18.27 23.11
CA SER D 208 -4.97 16.82 23.04
C SER D 208 -4.55 16.39 21.64
N VAL D 209 -3.55 15.53 21.57
CA VAL D 209 -3.04 15.04 20.30
C VAL D 209 -3.40 13.56 20.10
N ASP D 210 -4.24 13.30 19.10
CA ASP D 210 -4.68 11.95 18.77
C ASP D 210 -4.33 11.71 17.31
N GLY D 211 -3.17 11.08 17.08
CA GLY D 211 -2.74 10.84 15.72
C GLY D 211 -2.43 12.19 15.08
N LYS D 212 -2.97 12.41 13.89
CA LYS D 212 -2.75 13.67 13.17
C LYS D 212 -3.78 14.70 13.60
N LYS D 213 -4.71 14.28 14.45
CA LYS D 213 -5.76 15.15 14.95
C LYS D 213 -5.34 15.92 16.21
N ILE D 214 -5.43 17.24 16.14
CA ILE D 214 -5.06 18.10 17.26
C ILE D 214 -6.26 18.91 17.72
N THR D 215 -6.57 18.82 19.01
CA THR D 215 -7.69 19.56 19.56
C THR D 215 -7.19 20.58 20.56
N VAL D 216 -7.60 21.83 20.35
CA VAL D 216 -7.19 22.94 21.21
C VAL D 216 -8.39 23.75 21.69
N GLN D 217 -8.58 23.80 23.01
CA GLN D 217 -9.67 24.56 23.61
C GLN D 217 -9.21 25.99 23.82
N GLY D 218 -10.15 26.93 23.80
CA GLY D 218 -9.82 28.33 24.01
C GLY D 218 -10.98 29.03 24.67
N PRO D 219 -10.77 30.22 25.25
CA PRO D 219 -9.51 30.96 25.31
C PRO D 219 -8.56 30.33 26.33
N GLN D 220 -7.26 30.57 26.18
CA GLN D 220 -6.26 30.04 27.09
C GLN D 220 -5.31 31.11 27.62
N LYS D 221 -4.76 30.86 28.81
CA LYS D 221 -3.82 31.76 29.46
C LYS D 221 -2.47 31.05 29.56
N LEU D 222 -1.40 31.74 29.21
CA LEU D 222 -0.06 31.16 29.26
C LEU D 222 0.79 31.87 30.31
N THR D 223 1.88 31.22 30.73
CA THR D 223 2.77 31.78 31.74
C THR D 223 4.21 31.81 31.24
N GLY D 224 4.91 32.91 31.49
CA GLY D 224 6.30 33.05 31.06
C GLY D 224 7.19 31.91 31.52
N GLN D 225 8.21 31.61 30.73
CA GLN D 225 9.12 30.50 31.05
C GLN D 225 10.56 30.82 30.68
N LYS D 226 11.46 29.92 31.08
CA LYS D 226 12.87 30.02 30.72
C LYS D 226 12.98 29.01 29.59
N VAL D 227 13.45 29.47 28.44
CA VAL D 227 13.59 28.63 27.26
C VAL D 227 15.03 28.49 26.82
N VAL D 228 15.53 27.25 26.80
CA VAL D 228 16.88 27.01 26.36
C VAL D 228 16.75 26.43 24.95
N VAL D 229 17.22 27.18 23.96
CA VAL D 229 17.11 26.75 22.58
C VAL D 229 18.25 25.84 22.16
N PRO D 230 17.92 24.61 21.73
CA PRO D 230 18.92 23.63 21.28
C PRO D 230 19.49 24.05 19.93
N GLY D 231 20.62 23.47 19.56
CA GLY D 231 21.21 23.78 18.28
C GLY D 231 20.29 23.30 17.17
N ASP D 232 20.28 24.01 16.05
CA ASP D 232 19.42 23.65 14.93
C ASP D 232 20.02 22.57 14.05
N ILE D 233 19.24 21.49 13.87
CA ILE D 233 19.65 20.36 13.05
C ILE D 233 19.79 20.79 11.60
N SER D 234 18.96 21.75 11.19
CA SER D 234 19.00 22.25 9.83
C SER D 234 20.32 22.96 9.57
N SER D 235 20.94 23.47 10.63
CA SER D 235 22.23 24.16 10.50
C SER D 235 23.32 23.11 10.57
N ALA D 236 23.18 22.19 11.53
CA ALA D 236 24.16 21.12 11.70
C ALA D 236 24.22 20.26 10.43
N ALA D 237 23.10 20.21 9.71
CA ALA D 237 23.00 19.41 8.49
C ALA D 237 24.07 19.73 7.44
N PHE D 238 24.51 20.99 7.36
CA PHE D 238 25.53 21.36 6.38
C PHE D 238 26.86 20.69 6.71
N TRP D 239 27.13 20.48 8.00
CA TRP D 239 28.37 19.86 8.45
C TRP D 239 28.26 18.33 8.42
N LEU D 240 27.06 17.82 8.63
CA LEU D 240 26.85 16.37 8.59
C LEU D 240 27.27 15.94 7.18
N VAL D 241 26.69 16.62 6.18
CA VAL D 241 26.97 16.35 4.77
C VAL D 241 28.44 16.62 4.44
N ALA D 242 28.96 17.76 4.89
CA ALA D 242 30.35 18.13 4.62
C ALA D 242 31.31 17.06 5.14
N GLY D 243 31.05 16.58 6.36
CA GLY D 243 31.91 15.57 6.95
C GLY D 243 31.83 14.21 6.27
N LEU D 244 30.69 13.93 5.64
CA LEU D 244 30.49 12.65 4.96
C LEU D 244 31.09 12.65 3.55
N ILE D 245 31.06 13.80 2.90
CA ILE D 245 31.53 13.93 1.53
C ILE D 245 32.96 14.41 1.29
N ALA D 246 33.52 15.18 2.22
CA ALA D 246 34.88 15.68 2.06
C ALA D 246 35.88 14.63 2.49
N PRO D 247 37.09 14.64 1.90
CA PRO D 247 38.14 13.68 2.25
C PRO D 247 38.74 13.87 3.64
N ASN D 248 39.26 12.80 4.21
CA ASN D 248 39.88 12.80 5.54
C ASN D 248 39.15 13.71 6.52
N SER D 249 37.88 13.45 6.77
CA SER D 249 37.14 14.31 7.68
C SER D 249 36.39 13.62 8.80
N ARG D 250 36.29 14.34 9.91
CA ARG D 250 35.58 13.89 11.10
C ARG D 250 35.15 15.13 11.85
N LEU D 251 33.84 15.39 11.82
CA LEU D 251 33.29 16.55 12.48
C LEU D 251 32.41 16.09 13.63
N VAL D 252 32.40 16.86 14.71
CA VAL D 252 31.59 16.56 15.88
C VAL D 252 30.69 17.76 16.16
N LEU D 253 29.39 17.55 16.03
CA LEU D 253 28.40 18.59 16.23
C LEU D 253 27.69 18.39 17.57
N GLN D 254 27.97 19.25 18.53
CA GLN D 254 27.37 19.13 19.85
C GLN D 254 26.08 19.94 20.00
N ASN D 255 25.29 19.58 21.00
CA ASN D 255 24.06 20.28 21.32
C ASN D 255 23.10 20.45 20.14
N VAL D 256 22.86 19.37 19.41
CA VAL D 256 21.96 19.38 18.24
C VAL D 256 20.59 18.80 18.58
N GLY D 257 19.54 19.57 18.32
CA GLY D 257 18.19 19.08 18.61
C GLY D 257 17.89 17.81 17.83
N ILE D 258 17.25 16.84 18.49
CA ILE D 258 16.94 15.57 17.84
C ILE D 258 15.45 15.21 17.83
N ASN D 259 14.58 16.23 17.84
CA ASN D 259 13.15 15.96 17.79
C ASN D 259 12.91 15.06 16.57
N GLU D 260 12.19 13.96 16.77
CA GLU D 260 11.93 13.00 15.69
C GLU D 260 11.26 13.60 14.45
N THR D 261 10.46 14.65 14.64
CA THR D 261 9.81 15.27 13.50
C THR D 261 10.78 16.17 12.73
N ARG D 262 12.05 16.14 13.11
CA ARG D 262 13.08 16.96 12.46
C ARG D 262 14.33 16.17 12.06
N THR D 263 14.37 14.89 12.41
CA THR D 263 15.54 14.07 12.12
C THR D 263 15.58 13.34 10.78
N GLY D 264 14.80 13.81 9.83
CA GLY D 264 14.78 13.19 8.51
C GLY D 264 16.14 12.90 7.91
N ILE D 265 17.03 13.89 7.92
CA ILE D 265 18.35 13.70 7.33
C ILE D 265 19.15 12.56 7.95
N ILE D 266 18.87 12.24 9.20
CA ILE D 266 19.58 11.14 9.87
C ILE D 266 19.19 9.81 9.22
N ASP D 267 17.91 9.66 8.91
CA ASP D 267 17.45 8.43 8.28
C ASP D 267 18.07 8.30 6.89
N VAL D 268 18.19 9.44 6.18
CA VAL D 268 18.78 9.43 4.85
C VAL D 268 20.25 9.05 4.89
N ILE D 269 20.99 9.64 5.83
CA ILE D 269 22.41 9.33 5.95
C ILE D 269 22.60 7.85 6.24
N ARG D 270 21.75 7.27 7.09
CA ARG D 270 21.85 5.85 7.39
C ARG D 270 21.55 5.07 6.12
N ALA D 271 20.46 5.43 5.46
CA ALA D 271 20.04 4.77 4.22
C ALA D 271 21.13 4.77 3.16
N MET D 272 21.88 5.86 3.05
CA MET D 272 22.94 5.96 2.06
C MET D 272 24.23 5.29 2.50
N GLY D 273 24.29 4.88 3.77
CA GLY D 273 25.47 4.21 4.27
C GLY D 273 26.53 5.15 4.83
N GLY D 274 26.13 6.35 5.24
CA GLY D 274 27.09 7.29 5.79
C GLY D 274 27.48 6.94 7.21
N LYS D 275 28.73 7.21 7.57
CA LYS D 275 29.20 6.93 8.92
C LYS D 275 28.74 8.02 9.87
N LEU D 276 27.78 7.68 10.71
CA LEU D 276 27.22 8.64 11.65
C LEU D 276 27.09 8.05 13.05
N GLU D 277 27.61 8.77 14.04
CA GLU D 277 27.53 8.32 15.41
C GLU D 277 26.75 9.33 16.25
N ILE D 278 25.82 8.85 17.05
CA ILE D 278 25.02 9.71 17.90
C ILE D 278 25.39 9.41 19.35
N THR D 279 25.76 10.46 20.08
CA THR D 279 26.16 10.32 21.47
C THR D 279 25.65 11.47 22.32
N GLU D 280 25.98 11.42 23.61
CA GLU D 280 25.58 12.45 24.55
C GLU D 280 24.09 12.76 24.41
N ILE D 281 23.28 11.73 24.37
CA ILE D 281 21.84 11.90 24.23
C ILE D 281 21.23 12.51 25.48
N ASP D 282 20.45 13.58 25.31
CA ASP D 282 19.79 14.23 26.42
C ASP D 282 18.29 14.02 26.27
N PRO D 283 17.73 13.06 27.02
CA PRO D 283 16.30 12.73 26.98
C PRO D 283 15.41 13.93 27.34
N VAL D 284 16.01 14.92 27.98
CA VAL D 284 15.31 16.13 28.40
C VAL D 284 15.10 17.09 27.24
N ALA D 285 16.14 17.88 26.96
CA ALA D 285 16.12 18.87 25.89
C ALA D 285 15.93 18.29 24.50
N LYS D 286 16.07 16.97 24.38
CA LYS D 286 15.94 16.33 23.07
C LYS D 286 17.12 16.77 22.22
N SER D 287 18.32 16.50 22.70
CA SER D 287 19.54 16.88 21.99
C SER D 287 20.61 15.83 22.11
N ALA D 288 21.66 15.98 21.31
CA ALA D 288 22.77 15.05 21.32
C ALA D 288 23.91 15.56 20.48
N THR D 289 25.01 14.83 20.50
CA THR D 289 26.19 15.15 19.71
C THR D 289 26.15 14.24 18.49
N LEU D 290 26.33 14.83 17.31
CA LEU D 290 26.32 14.07 16.06
C LEU D 290 27.72 14.11 15.47
N ILE D 291 28.30 12.93 15.28
CA ILE D 291 29.65 12.81 14.74
C ILE D 291 29.64 12.10 13.38
N VAL D 292 30.36 12.68 12.42
CA VAL D 292 30.40 12.11 11.08
C VAL D 292 31.82 12.08 10.50
N GLU D 293 32.05 11.19 9.54
CA GLU D 293 33.35 11.08 8.89
C GLU D 293 33.25 10.57 7.45
N SER D 294 34.24 10.92 6.64
CA SER D 294 34.30 10.54 5.23
C SER D 294 33.71 9.16 4.96
N SER D 295 32.78 9.08 4.01
CA SER D 295 32.13 7.83 3.70
C SER D 295 31.79 7.66 2.21
N ASP D 296 31.67 6.42 1.77
CA ASP D 296 31.29 6.13 0.39
C ASP D 296 29.78 5.91 0.47
N LEU D 297 29.01 6.70 -0.28
CA LEU D 297 27.55 6.59 -0.23
C LEU D 297 26.86 5.93 -1.42
N LYS D 298 25.62 5.52 -1.21
CA LYS D 298 24.81 4.89 -2.24
C LYS D 298 23.46 5.60 -2.31
N GLY D 299 22.94 5.78 -3.52
CA GLY D 299 21.66 6.45 -3.69
C GLY D 299 20.55 5.84 -2.85
N THR D 300 19.46 6.59 -2.67
CA THR D 300 18.34 6.13 -1.89
C THR D 300 17.09 6.89 -2.33
N GLU D 301 15.92 6.45 -1.88
CA GLU D 301 14.67 7.11 -2.23
C GLU D 301 14.15 7.91 -1.05
N ILE D 302 13.73 9.15 -1.33
CA ILE D 302 13.22 10.05 -0.31
C ILE D 302 11.85 10.54 -0.74
N CYS D 303 10.82 10.10 -0.03
CA CYS D 303 9.46 10.47 -0.39
C CYS D 303 8.50 10.28 0.76
N GLY D 304 7.22 10.51 0.48
CA GLY D 304 6.17 10.33 1.47
C GLY D 304 6.26 11.10 2.77
N ALA D 305 5.92 10.41 3.86
CA ALA D 305 5.92 10.97 5.20
C ALA D 305 7.27 11.51 5.64
N LEU D 306 8.33 11.14 4.93
CA LEU D 306 9.67 11.59 5.26
C LEU D 306 9.92 13.06 4.92
N ILE D 307 9.26 13.55 3.87
CA ILE D 307 9.43 14.93 3.41
C ILE D 307 9.33 16.02 4.49
N PRO D 308 8.22 16.07 5.22
CA PRO D 308 8.13 17.12 6.25
C PRO D 308 9.18 17.00 7.37
N ARG D 309 9.77 15.82 7.52
CA ARG D 309 10.79 15.57 8.54
C ARG D 309 12.19 16.06 8.15
N LEU D 310 12.42 16.24 6.84
CA LEU D 310 13.70 16.73 6.36
C LEU D 310 13.52 17.85 5.34
N ILE D 311 12.35 18.49 5.37
CA ILE D 311 12.10 19.60 4.48
C ILE D 311 13.10 20.63 5.04
N ASP D 312 13.73 21.37 4.14
CA ASP D 312 14.74 22.36 4.48
C ASP D 312 16.11 21.73 4.30
N GLU D 313 16.20 20.42 4.48
CA GLU D 313 17.46 19.72 4.28
C GLU D 313 17.62 19.19 2.85
N LEU D 314 16.56 19.26 2.05
CA LEU D 314 16.65 18.77 0.68
C LEU D 314 17.77 19.39 -0.13
N PRO D 315 17.99 20.72 0.01
CA PRO D 315 19.07 21.35 -0.75
C PRO D 315 20.42 20.70 -0.46
N ILE D 316 20.75 20.52 0.81
CA ILE D 316 22.02 19.92 1.17
C ILE D 316 22.06 18.43 0.86
N ILE D 317 20.91 17.77 0.98
CA ILE D 317 20.84 16.35 0.68
C ILE D 317 21.02 16.15 -0.82
N ALA D 318 20.65 17.17 -1.60
CA ALA D 318 20.82 17.09 -3.05
C ALA D 318 22.31 17.01 -3.34
N LEU D 319 23.10 17.79 -2.60
CA LEU D 319 24.55 17.79 -2.77
C LEU D 319 25.09 16.44 -2.33
N LEU D 320 24.58 15.95 -1.20
CA LEU D 320 25.00 14.66 -0.66
C LEU D 320 24.78 13.55 -1.70
N ALA D 321 23.62 13.60 -2.34
CA ALA D 321 23.25 12.62 -3.35
C ALA D 321 24.19 12.68 -4.56
N THR D 322 24.70 13.86 -4.84
CA THR D 322 25.62 14.04 -5.96
C THR D 322 26.89 13.21 -5.75
N GLN D 323 27.19 12.91 -4.49
CA GLN D 323 28.39 12.16 -4.16
C GLN D 323 28.14 10.67 -3.94
N ALA D 324 26.87 10.28 -4.00
CA ALA D 324 26.48 8.88 -3.81
C ALA D 324 26.55 8.10 -5.12
N GLN D 325 26.85 6.82 -5.03
CA GLN D 325 26.92 5.99 -6.22
C GLN D 325 25.50 5.60 -6.60
N GLY D 326 25.10 5.89 -7.85
CA GLY D 326 23.76 5.53 -8.27
C GLY D 326 22.77 6.66 -8.25
N VAL D 327 21.49 6.31 -8.39
CA VAL D 327 20.43 7.31 -8.40
C VAL D 327 19.69 7.49 -7.10
N THR D 328 19.39 8.75 -6.78
CA THR D 328 18.65 9.07 -5.58
C THR D 328 17.43 9.83 -6.07
N VAL D 329 16.26 9.44 -5.61
CA VAL D 329 15.04 10.11 -6.02
C VAL D 329 14.35 10.86 -4.91
N ILE D 330 13.93 12.08 -5.23
CA ILE D 330 13.22 12.92 -4.28
C ILE D 330 11.87 13.25 -4.91
N LYS D 331 10.79 12.87 -4.23
CA LYS D 331 9.43 13.13 -4.73
C LYS D 331 8.49 13.46 -3.56
N ASP D 332 7.29 13.90 -3.89
CA ASP D 332 6.30 14.26 -2.86
C ASP D 332 6.82 15.52 -2.17
N ALA D 333 7.79 16.17 -2.80
CA ALA D 333 8.40 17.38 -2.24
C ALA D 333 8.09 18.62 -3.07
N GLU D 334 6.86 18.72 -3.56
CA GLU D 334 6.46 19.88 -4.36
C GLU D 334 6.48 21.16 -3.52
N GLU D 335 6.51 21.01 -2.20
CA GLU D 335 6.56 22.17 -1.32
C GLU D 335 7.84 22.99 -1.50
N LEU D 336 8.88 22.35 -2.03
CA LEU D 336 10.16 23.02 -2.26
C LEU D 336 10.01 24.23 -3.21
N LYS D 337 9.03 24.16 -4.10
CA LYS D 337 8.80 25.23 -5.07
C LYS D 337 8.42 26.57 -4.46
N VAL D 338 7.75 26.56 -3.31
CA VAL D 338 7.31 27.79 -2.67
C VAL D 338 8.16 28.30 -1.51
N LYS D 339 9.43 27.87 -1.45
CA LYS D 339 10.32 28.30 -0.38
C LYS D 339 10.99 29.64 -0.71
N GLU D 340 12.03 30.01 0.06
CA GLU D 340 12.72 31.28 -0.17
C GLU D 340 12.98 31.46 -1.67
N THR D 341 13.14 30.34 -2.36
CA THR D 341 13.33 30.29 -3.81
C THR D 341 12.70 28.96 -4.23
N ASP D 342 12.55 28.75 -5.53
CA ASP D 342 12.03 27.48 -6.01
C ASP D 342 13.21 26.54 -5.81
N ARG D 343 13.27 25.85 -4.68
CA ARG D 343 14.41 24.98 -4.38
C ARG D 343 14.62 23.78 -5.28
N ILE D 344 13.65 23.48 -6.12
CA ILE D 344 13.81 22.38 -7.06
C ILE D 344 14.63 22.92 -8.22
N GLN D 345 14.18 24.04 -8.80
CA GLN D 345 14.87 24.64 -9.93
C GLN D 345 16.23 25.25 -9.57
N VAL D 346 16.28 25.99 -8.46
CA VAL D 346 17.52 26.65 -8.06
C VAL D 346 18.62 25.66 -7.64
N VAL D 347 18.26 24.61 -6.92
CA VAL D 347 19.26 23.63 -6.49
C VAL D 347 19.74 22.82 -7.70
N ALA D 348 18.80 22.46 -8.56
CA ALA D 348 19.14 21.70 -9.76
C ALA D 348 20.11 22.51 -10.62
N ASP D 349 19.76 23.77 -10.89
CA ASP D 349 20.62 24.63 -11.70
C ASP D 349 21.96 24.88 -11.03
N ALA D 350 21.93 25.25 -9.75
CA ALA D 350 23.15 25.52 -9.00
C ALA D 350 24.15 24.36 -9.07
N LEU D 351 23.71 23.18 -8.66
CA LEU D 351 24.59 22.01 -8.66
C LEU D 351 24.93 21.52 -10.07
N ASN D 352 23.99 21.61 -11.01
CA ASN D 352 24.30 21.18 -12.37
C ASN D 352 25.43 22.02 -12.97
N SER D 353 25.47 23.30 -12.61
CA SER D 353 26.53 24.17 -13.13
C SER D 353 27.86 23.83 -12.46
N MET D 354 27.82 22.92 -11.47
CA MET D 354 29.03 22.51 -10.74
C MET D 354 29.48 21.08 -10.96
N GLY D 355 28.53 20.15 -10.99
CA GLY D 355 28.88 18.75 -11.19
C GLY D 355 27.86 18.07 -12.08
N ALA D 356 26.61 18.46 -11.91
CA ALA D 356 25.49 17.95 -12.70
C ALA D 356 24.91 16.59 -12.35
N ASP D 357 24.02 16.15 -13.23
CA ASP D 357 23.29 14.89 -13.14
C ASP D 357 22.09 14.95 -12.20
N ILE D 358 21.40 16.08 -12.27
CA ILE D 358 20.21 16.30 -11.47
C ILE D 358 19.08 16.70 -12.42
N THR D 359 17.97 15.96 -12.36
CA THR D 359 16.84 16.28 -13.22
C THR D 359 15.67 16.81 -12.44
N PRO D 360 15.29 18.07 -12.68
CA PRO D 360 14.16 18.68 -11.96
C PRO D 360 12.90 17.91 -12.33
N THR D 361 12.01 17.74 -11.36
CA THR D 361 10.76 17.04 -11.60
C THR D 361 9.64 17.89 -10.98
N ALA D 362 8.40 17.53 -11.27
CA ALA D 362 7.25 18.26 -10.77
C ALA D 362 7.14 18.24 -9.24
N ASP D 363 7.65 17.18 -8.61
CA ASP D 363 7.58 17.08 -7.16
C ASP D 363 8.90 16.70 -6.52
N GLY D 364 10.00 17.12 -7.13
CA GLY D 364 11.31 16.80 -6.59
C GLY D 364 12.39 16.88 -7.63
N MET D 365 13.29 15.90 -7.59
CA MET D 365 14.41 15.82 -8.52
C MET D 365 15.00 14.42 -8.48
N ILE D 366 15.69 14.05 -9.55
CA ILE D 366 16.33 12.75 -9.63
C ILE D 366 17.80 13.04 -9.81
N ILE D 367 18.62 12.44 -8.94
CA ILE D 367 20.05 12.67 -8.97
C ILE D 367 20.85 11.42 -9.23
N LYS D 368 21.67 11.47 -10.28
CA LYS D 368 22.53 10.33 -10.62
C LYS D 368 23.85 10.69 -9.99
N GLY D 369 24.23 9.90 -9.00
CA GLY D 369 25.41 10.16 -8.23
C GLY D 369 26.83 9.84 -8.64
N LYS D 370 27.71 10.57 -7.96
CA LYS D 370 29.16 10.51 -8.10
C LYS D 370 29.69 11.43 -9.20
N SER D 371 29.53 12.72 -8.96
CA SER D 371 29.99 13.75 -9.87
C SER D 371 31.23 14.38 -9.22
N ALA D 372 32.27 14.61 -10.01
CA ALA D 372 33.49 15.19 -9.48
C ALA D 372 33.24 16.61 -8.96
N LEU D 373 32.62 17.43 -9.79
CA LEU D 373 32.29 18.84 -9.46
C LEU D 373 33.41 19.80 -9.88
N HIS D 374 33.02 20.93 -10.45
CA HIS D 374 33.97 21.93 -10.88
C HIS D 374 33.49 23.32 -10.50
N GLY D 375 34.29 24.34 -10.83
CA GLY D 375 33.96 25.71 -10.49
C GLY D 375 32.77 26.28 -11.23
N ALA D 376 32.20 27.34 -10.65
CA ALA D 376 31.05 28.01 -11.24
C ALA D 376 30.70 29.24 -10.42
N ARG D 377 29.69 29.97 -10.88
CA ARG D 377 29.24 31.16 -10.18
C ARG D 377 27.78 30.95 -9.83
N VAL D 378 27.50 30.89 -8.53
CA VAL D 378 26.15 30.66 -8.04
C VAL D 378 25.53 31.86 -7.34
N ASN D 379 24.26 32.08 -7.61
CA ASN D 379 23.54 33.18 -6.99
C ASN D 379 22.54 32.60 -5.99
N THR D 380 22.58 33.16 -4.78
CA THR D 380 21.72 32.75 -3.68
C THR D 380 20.26 33.07 -3.94
N PHE D 381 20.01 34.13 -4.71
CA PHE D 381 18.65 34.56 -4.99
C PHE D 381 17.92 34.82 -3.68
N GLY D 382 18.68 35.17 -2.64
CA GLY D 382 18.10 35.45 -1.34
C GLY D 382 17.73 34.23 -0.50
N ASP D 383 18.27 33.07 -0.84
CA ASP D 383 17.98 31.85 -0.09
C ASP D 383 19.24 31.39 0.64
N HIS D 384 19.24 31.54 1.97
CA HIS D 384 20.39 31.16 2.78
C HIS D 384 20.93 29.76 2.53
N ARG D 385 20.05 28.77 2.45
CA ARG D 385 20.49 27.39 2.24
C ARG D 385 21.16 27.17 0.89
N ILE D 386 20.73 27.89 -0.14
CA ILE D 386 21.34 27.75 -1.45
C ILE D 386 22.80 28.16 -1.29
N GLY D 387 23.02 29.23 -0.52
CA GLY D 387 24.36 29.72 -0.29
C GLY D 387 25.24 28.75 0.48
N MET D 388 24.74 28.26 1.62
CA MET D 388 25.53 27.31 2.41
C MET D 388 25.75 26.01 1.65
N MET D 389 24.77 25.62 0.83
CA MET D 389 24.90 24.39 0.05
C MET D 389 26.09 24.56 -0.90
N THR D 390 26.12 25.67 -1.60
CA THR D 390 27.19 25.96 -2.55
C THR D 390 28.52 25.98 -1.81
N ALA D 391 28.50 26.60 -0.62
CA ALA D 391 29.69 26.70 0.21
C ALA D 391 30.29 25.32 0.48
N ILE D 392 29.45 24.36 0.85
CA ILE D 392 29.95 23.02 1.13
C ILE D 392 30.35 22.31 -0.17
N ALA D 393 29.60 22.55 -1.24
CA ALA D 393 29.91 21.93 -2.53
C ALA D 393 31.28 22.40 -3.03
N ALA D 394 31.55 23.69 -2.88
CA ALA D 394 32.82 24.27 -3.31
C ALA D 394 34.03 23.56 -2.69
N LEU D 395 33.82 22.97 -1.52
CA LEU D 395 34.90 22.27 -0.83
C LEU D 395 35.39 21.07 -1.63
N LEU D 396 34.54 20.54 -2.51
CA LEU D 396 34.89 19.39 -3.32
C LEU D 396 35.48 19.74 -4.69
N VAL D 397 35.40 20.99 -5.09
CA VAL D 397 35.96 21.38 -6.38
C VAL D 397 37.48 21.22 -6.34
N ALA D 398 38.00 20.37 -7.21
CA ALA D 398 39.42 20.05 -7.26
C ALA D 398 40.35 21.17 -7.70
N ASP D 399 39.97 21.89 -8.74
CA ASP D 399 40.82 22.97 -9.26
C ASP D 399 40.10 24.26 -9.59
N GLY D 400 38.89 24.15 -10.13
CA GLY D 400 38.12 25.33 -10.49
C GLY D 400 37.99 26.41 -9.42
N GLU D 401 37.16 27.40 -9.72
CA GLU D 401 36.94 28.50 -8.79
C GLU D 401 35.43 28.70 -8.63
N VAL D 402 34.98 28.81 -7.38
CA VAL D 402 33.55 29.00 -7.13
C VAL D 402 33.26 30.36 -6.53
N GLU D 403 32.31 31.07 -7.12
CA GLU D 403 31.91 32.39 -6.64
C GLU D 403 30.44 32.39 -6.26
N LEU D 404 30.14 32.96 -5.10
CA LEU D 404 28.78 33.04 -4.59
C LEU D 404 28.34 34.50 -4.53
N ASP D 405 27.22 34.82 -5.15
CA ASP D 405 26.67 36.16 -5.13
C ASP D 405 25.51 36.19 -4.12
N ARG D 406 25.21 37.37 -3.59
CA ARG D 406 24.16 37.52 -2.58
C ARG D 406 24.40 36.53 -1.44
N ALA D 407 25.66 36.41 -1.01
CA ALA D 407 26.01 35.49 0.06
C ALA D 407 25.46 35.91 1.42
N GLU D 408 25.14 37.20 1.57
CA GLU D 408 24.61 37.71 2.82
C GLU D 408 23.29 37.05 3.24
N ALA D 409 22.62 36.42 2.28
CA ALA D 409 21.35 35.75 2.57
C ALA D 409 21.53 34.71 3.66
N ILE D 410 22.73 34.13 3.74
CA ILE D 410 23.04 33.13 4.75
C ILE D 410 22.77 33.65 6.17
N ASN D 411 22.91 34.96 6.36
CA ASN D 411 22.69 35.56 7.68
C ASN D 411 21.26 35.39 8.18
N THR D 412 20.37 34.97 7.29
CA THR D 412 18.98 34.76 7.65
C THR D 412 18.83 33.71 8.76
N SER D 413 19.68 32.69 8.76
CA SER D 413 19.57 31.64 9.77
C SER D 413 20.90 31.16 10.36
N TYR D 414 22.02 31.63 9.81
CA TYR D 414 23.32 31.15 10.28
C TYR D 414 24.43 32.18 10.07
N PRO D 415 24.35 33.33 10.76
CA PRO D 415 25.33 34.42 10.66
C PRO D 415 26.80 34.00 10.76
N SER D 416 27.09 33.06 11.65
CA SER D 416 28.45 32.60 11.89
C SER D 416 28.92 31.45 11.00
N PHE D 417 28.18 31.16 9.95
CA PHE D 417 28.52 30.06 9.05
C PHE D 417 29.98 30.00 8.62
N PHE D 418 30.47 31.06 8.00
CA PHE D 418 31.86 31.08 7.54
C PHE D 418 32.88 31.01 8.66
N ASP D 419 32.53 31.51 9.85
CA ASP D 419 33.44 31.44 10.99
C ASP D 419 33.57 29.97 11.40
N ASP D 420 32.44 29.26 11.44
CA ASP D 420 32.48 27.85 11.79
C ASP D 420 33.24 27.09 10.71
N LEU D 421 32.99 27.45 9.46
CA LEU D 421 33.67 26.82 8.33
C LEU D 421 35.19 26.96 8.55
N GLU D 422 35.63 28.18 8.81
CA GLU D 422 37.05 28.47 9.03
C GLU D 422 37.73 27.63 10.12
N SER D 423 37.02 27.35 11.20
CA SER D 423 37.61 26.56 12.29
C SER D 423 37.86 25.10 11.95
N LEU D 424 37.29 24.66 10.83
CA LEU D 424 37.43 23.28 10.38
C LEU D 424 38.59 23.07 9.41
N ILE D 425 38.87 24.07 8.59
CA ILE D 425 39.96 23.96 7.62
C ILE D 425 41.29 23.77 8.35
N HIS D 426 41.41 24.40 9.52
CA HIS D 426 42.63 24.30 10.31
C HIS D 426 42.36 23.65 11.66
N GLY D 427 42.32 24.47 12.70
CA GLY D 427 42.06 23.97 14.04
C GLY D 427 40.94 24.72 14.75
P1 GPJ E . -30.78 -4.99 -9.33
O1 GPJ E . -30.63 -5.60 -10.66
O2 GPJ E . -30.28 -3.62 -9.20
O3 GPJ E . -32.24 -5.07 -8.89
O4 GPJ E . -29.12 -9.86 -9.05
O5 GPJ E . -27.98 -10.18 -7.17
C1 GPJ E . -29.80 -5.82 -8.14
C2 GPJ E . -28.77 -8.03 -7.49
C3 GPJ E . -28.61 -9.48 -7.94
N1 GPJ E . -29.58 -7.22 -8.48
C1 S3P F . -25.64 -4.92 -12.56
C2 S3P F . -24.88 -4.14 -11.64
C3 S3P F . -24.76 -4.51 -10.16
C4 S3P F . -25.45 -5.88 -9.78
C5 S3P F . -26.74 -6.09 -10.62
C6 S3P F . -26.34 -6.12 -12.10
C7 S3P F . -25.71 -4.51 -14.01
O1 S3P F . -25.32 -3.38 -9.32
O2 S3P F . -25.72 -5.86 -8.38
O3 S3P F . -27.39 -7.33 -10.31
O4 S3P F . -25.27 -3.37 -14.34
O5 S3P F . -26.21 -5.31 -14.79
P1 S3P F . -24.46 -1.98 -8.93
O6 S3P F . -24.14 -1.28 -10.20
O7 S3P F . -23.24 -2.50 -8.17
O8 S3P F . -25.43 -1.21 -8.09
P1 GPJ G . 14.96 -12.68 -27.68
O1 GPJ G . 13.75 -13.18 -28.34
O2 GPJ G . 15.28 -13.32 -26.38
O3 GPJ G . 16.16 -12.76 -28.60
O4 GPJ G . 12.41 -8.89 -29.86
O5 GPJ G . 12.65 -6.95 -28.78
C1 GPJ G . 14.78 -11.01 -27.18
C2 GPJ G . 13.74 -8.79 -27.85
C3 GPJ G . 12.86 -8.16 -28.92
N1 GPJ G . 13.95 -10.26 -28.12
C1 S3P H . 9.37 -13.26 -25.36
C2 S3P H . 9.66 -12.85 -24.02
C3 S3P H . 10.39 -11.54 -23.70
C4 S3P H . 10.64 -10.62 -24.98
C5 S3P H . 10.96 -11.50 -26.22
C6 S3P H . 9.76 -12.41 -26.48
C7 S3P H . 8.64 -14.56 -25.60
O1 S3P H . 11.70 -11.85 -23.01
O2 S3P H . 11.72 -9.73 -24.68
O3 S3P H . 11.20 -10.69 -27.38
O4 S3P H . 8.51 -15.35 -24.63
O5 S3P H . 8.21 -14.77 -26.75
P1 S3P H . 11.86 -12.15 -21.35
O6 S3P H . 11.09 -13.37 -21.04
O7 S3P H . 11.31 -10.88 -20.69
O8 S3P H . 13.33 -12.36 -21.19
P1 GPJ I . 5.40 -12.69 31.00
O1 GPJ I . 6.04 -11.51 31.61
O2 GPJ I . 6.14 -13.30 29.90
O3 GPJ I . 5.07 -13.73 32.06
O4 GPJ I . 2.07 -9.22 32.33
O5 GPJ I . 0.30 -9.13 30.99
C1 GPJ I . 3.91 -12.23 30.21
C2 GPJ I . 1.92 -10.70 30.43
C3 GPJ I . 1.39 -9.59 31.33
N1 GPJ I . 3.25 -11.18 30.94
C1 S3P J . 7.57 -7.71 28.16
C2 S3P J . 7.28 -8.12 26.83
C3 S3P J . 5.89 -8.64 26.41
C4 S3P J . 4.80 -8.52 27.54
C5 S3P J . 5.43 -8.82 28.93
C6 S3P J . 6.52 -7.76 29.19
C7 S3P J . 8.94 -7.21 28.51
O1 S3P J . 6.03 -10.07 25.92
O2 S3P J . 3.75 -9.44 27.21
O3 S3P J . 4.46 -8.73 30.00
O4 S3P J . 9.85 -7.32 27.64
O5 S3P J . 9.09 -6.73 29.63
P1 S3P J . 6.49 -10.48 24.34
O6 S3P J . 7.87 -9.96 24.11
O7 S3P J . 5.43 -9.81 23.50
O8 S3P J . 6.45 -11.97 24.36
P1 GPJ K . 10.47 30.29 5.94
O1 GPJ K . 10.78 30.13 7.38
O2 GPJ K . 9.04 30.24 5.61
O3 GPJ K . 11.08 31.58 5.40
O4 GPJ K . 14.72 27.74 6.64
O5 GPJ K . 15.06 26.17 5.12
C1 GPJ K . 11.10 28.94 5.03
C2 GPJ K . 13.09 27.37 4.90
C3 GPJ K . 14.39 27.06 5.62
N1 GPJ K . 12.36 28.50 5.58
C1 S3P L . 8.72 25.89 9.88
C2 S3P L . 7.91 25.17 8.95
C3 S3P L . 8.44 24.74 7.57
C4 S3P L . 9.98 25.05 7.34
C5 S3P L . 10.37 26.39 8.04
C6 S3P L . 10.10 26.23 9.55
C7 S3P L . 8.15 26.27 11.23
O1 S3P L . 7.58 25.37 6.50
O2 S3P L . 10.21 25.11 5.93
O3 S3P L . 11.75 26.69 7.85
O4 S3P L . 6.90 26.16 11.42
O5 S3P L . 8.97 26.68 12.08
P1 S3P L . 6.08 24.74 6.01
O6 S3P L . 5.16 24.79 7.18
O7 S3P L . 6.41 23.35 5.53
O8 S3P L . 5.65 25.70 4.93
#